data_8VEE
#
_entry.id   8VEE
#
_cell.length_a   1.00
_cell.length_b   1.00
_cell.length_c   1.00
_cell.angle_alpha   90.00
_cell.angle_beta   90.00
_cell.angle_gamma   90.00
#
_symmetry.space_group_name_H-M   'P 1'
#
loop_
_entity.id
_entity.type
_entity.pdbx_description
1 polymer Hemagglutinin
2 polymer 'T5-1E08 Fab heavy chain'
3 polymer 'T5-1E08 Fab light chain'
4 branched 2-acetamido-2-deoxy-beta-D-glucopyranose-(1-4)-2-acetamido-2-deoxy-beta-D-glucopyranose
5 non-polymer 2-acetamido-2-deoxy-beta-D-glucopyranose
#
loop_
_entity_poly.entity_id
_entity_poly.type
_entity_poly.pdbx_seq_one_letter_code
_entity_poly.pdbx_strand_id
1 'polypeptide(L)'
;MNTQILVFALIAIIPTNADKICLGHHAVSNGTKVNTLTERGVEVVNATETVERTNIPRICSKGKRTVDLGQCGLLGTITG
PPQCDQFLEFSADLIIERREGSDVCYPGKFVNEEALRQILRESGGIDKEAMGFTYSGIRTNGATSSCRRSGSSFYAEMKW
LLSNTDNAAFPQMTKSYKNTRKNPALIVWGIHHSGSTAEQTKLYGSGNKLVTVGSSNYQQSFVPSPGARTQVNGQSGRID
FHWLMLNPNDTVTFSFNGAFIAPDRASFLRGKSMGIQSGVQVDADCEGDCYYSGGTIISNLPFQNIDSRAVGKCPRYVKQ
RSLLLATGMKNVPEIPKGRGLFGAIAGFIENGWEGLIDGWYGFRHQNAQGEGTAADYKSTQSAIDQITGKLNRLIEKTNQ
QFELIDNEFTEVEKQIGNVINWTRDSITEVWSYNAELLVAMENQHTIDLADSEMDKLYERVKRQLRENAEEDGTGCFEIF
HKCDDDCMASIRNNTYDHSKYREEAMQNRIQIDPVKLSSGYKDVILWFSFGASCFILLAIAMGLVFICVKNGNMRCTICI
;
A,C,E
2 'polypeptide(L)'
;QVQLLESGPGLVKPSQTLSLTCTVSGGSVSRGGYYWTWIRQHPGKGLEWIAYVTYSGDTSYNPSLRGRVTISLETSMNQF
SLKVTSVTVADTALYFCARVPFYYDTRGVFYGNAEGGFEIWGQGTMATVSSASTKGPSVFPLAPSSKSTSGGTAALGCLV
KDYFPEPVTVSWNSGALTSGVHTFPAVLQSSGLYSLSSVVTVPSSSLGTQTYICNVNHKPSNTKVDKKVEPKSCDKTH
;
H,G,J
3 'polypeptide(L)'
;DIQMTQSPSSLSASVGDRVTITCRASQGITNDLRWYQQKPGKAPQCLISSASRLQSGVSSRFSGSGSGTEFTLTISSLQP
EDFATYYCLQHNSYQWTFGQGTKVEIKRTVAAPSVFIFPPSDEQLKSGTASVVCLLNNFYPREAKVQWKVDNALQSGNSQ
ESVTEQDSKDSTYSLSSTLTLSKADYEKHKVYACEVTHQGLSSPVTKSFNRGEC
;
L,I,K
#
loop_
_chem_comp.id
_chem_comp.type
_chem_comp.name
_chem_comp.formula
NAG D-saccharide, beta linking 2-acetamido-2-deoxy-beta-D-glucopyranose 'C8 H15 N O6'
#
# COMPACT_ATOMS: atom_id res chain seq x y z
N ASP A 19 -17.68 32.66 38.08
CA ASP A 19 -18.21 32.19 36.81
C ASP A 19 -17.37 31.02 36.29
N LYS A 20 -17.83 30.41 35.19
CA LYS A 20 -17.19 29.21 34.67
C LYS A 20 -17.53 29.04 33.20
N ILE A 21 -16.51 28.80 32.38
CA ILE A 21 -16.67 28.48 30.96
C ILE A 21 -16.11 27.08 30.73
N CYS A 22 -16.88 26.24 30.04
CA CYS A 22 -16.53 24.85 29.80
C CYS A 22 -16.50 24.56 28.31
N LEU A 23 -15.57 23.71 27.90
CA LEU A 23 -15.41 23.34 26.51
C LEU A 23 -15.73 21.86 26.32
N GLY A 24 -16.35 21.53 25.20
CA GLY A 24 -16.81 20.16 24.99
C GLY A 24 -17.24 19.91 23.57
N HIS A 25 -17.28 18.62 23.23
CA HIS A 25 -17.64 18.17 21.89
C HIS A 25 -18.99 17.49 21.88
N HIS A 26 -19.50 17.23 20.68
CA HIS A 26 -20.82 16.65 20.54
C HIS A 26 -20.77 15.13 20.62
N ALA A 27 -21.85 14.55 21.12
CA ALA A 27 -21.96 13.10 21.25
C ALA A 27 -23.33 12.66 20.77
N VAL A 28 -23.36 11.52 20.08
CA VAL A 28 -24.57 10.97 19.49
C VAL A 28 -24.80 9.60 20.13
N SER A 29 -26.05 9.30 20.47
CA SER A 29 -26.36 8.18 21.37
C SER A 29 -26.11 6.82 20.71
N ASN A 30 -26.59 6.62 19.49
CA ASN A 30 -26.56 5.29 18.89
C ASN A 30 -25.16 4.92 18.41
N GLY A 31 -24.48 5.84 17.72
CA GLY A 31 -23.10 5.63 17.32
C GLY A 31 -22.94 4.62 16.19
N THR A 32 -21.69 4.45 15.79
CA THR A 32 -21.32 3.48 14.75
C THR A 32 -19.98 2.86 15.11
N LYS A 33 -19.86 1.55 14.92
CA LYS A 33 -18.60 0.86 15.19
C LYS A 33 -17.70 0.88 13.96
N VAL A 34 -16.44 1.30 14.16
CA VAL A 34 -15.44 1.31 13.09
C VAL A 34 -14.18 0.64 13.62
N ASN A 35 -13.32 0.24 12.68
CA ASN A 35 -12.04 -0.37 13.00
C ASN A 35 -10.91 0.60 12.72
N THR A 36 -10.05 0.82 13.71
CA THR A 36 -8.91 1.71 13.58
C THR A 36 -7.62 0.90 13.50
N LEU A 37 -6.51 1.63 13.51
CA LEU A 37 -5.21 0.98 13.35
C LEU A 37 -4.80 0.21 14.61
N THR A 38 -5.17 0.72 15.78
CA THR A 38 -4.73 0.15 17.04
C THR A 38 -5.85 -0.50 17.84
N GLU A 39 -7.11 -0.35 17.40
CA GLU A 39 -8.24 -0.83 18.19
C GLU A 39 -9.36 -1.21 17.25
N ARG A 40 -10.15 -2.17 17.68
CA ARG A 40 -11.27 -2.69 16.86
C ARG A 40 -12.55 -2.38 17.62
N GLY A 41 -13.60 -1.95 16.94
CA GLY A 41 -14.87 -1.64 17.56
C GLY A 41 -14.96 -0.26 18.17
N VAL A 42 -14.20 0.71 17.66
CA VAL A 42 -14.22 2.05 18.21
C VAL A 42 -15.51 2.75 17.80
N GLU A 43 -16.10 3.49 18.73
CA GLU A 43 -17.38 4.14 18.53
C GLU A 43 -17.17 5.54 17.97
N VAL A 44 -17.84 5.84 16.85
CA VAL A 44 -17.83 7.16 16.25
C VAL A 44 -19.27 7.61 16.03
N VAL A 45 -19.44 8.91 15.78
CA VAL A 45 -20.79 9.46 15.69
C VAL A 45 -21.44 9.12 14.36
N ASN A 46 -20.63 8.91 13.31
CA ASN A 46 -21.16 8.58 12.00
C ASN A 46 -20.06 7.90 11.19
N ALA A 47 -20.48 7.13 10.18
CA ALA A 47 -19.54 6.45 9.32
C ALA A 47 -20.18 6.24 7.95
N THR A 48 -19.33 6.08 6.94
CA THR A 48 -19.77 5.81 5.58
C THR A 48 -19.13 4.51 5.10
N GLU A 49 -19.70 3.92 4.06
CA GLU A 49 -19.26 2.63 3.55
C GLU A 49 -18.38 2.85 2.32
N THR A 50 -17.24 2.18 2.28
CA THR A 50 -16.33 2.31 1.15
C THR A 50 -16.55 1.23 0.11
N VAL A 51 -17.05 0.07 0.53
CA VAL A 51 -17.30 -1.02 -0.39
C VAL A 51 -18.73 -0.95 -0.91
N GLU A 52 -19.09 -1.60 -1.99
CA GLU A 52 -20.39 -1.43 -2.68
C GLU A 52 -20.98 -2.82 -2.81
N ARG A 53 -22.07 -3.08 -2.12
CA ARG A 53 -22.68 -4.42 -2.12
C ARG A 53 -24.05 -4.32 -2.80
N THR A 54 -24.39 -3.14 -3.34
CA THR A 54 -25.70 -2.93 -4.01
C THR A 54 -25.54 -2.73 -5.52
N ASN A 55 -26.37 -3.38 -6.33
CA ASN A 55 -26.22 -3.32 -7.80
C ASN A 55 -27.54 -2.93 -8.47
N ILE A 56 -27.49 -2.27 -9.62
CA ILE A 56 -28.74 -2.05 -10.41
C ILE A 56 -28.91 -3.33 -11.24
N PRO A 57 -30.00 -4.12 -11.15
CA PRO A 57 -30.08 -5.39 -11.82
C PRO A 57 -30.35 -5.38 -13.32
N ARG A 58 -30.11 -4.27 -14.00
CA ARG A 58 -30.26 -4.27 -15.48
C ARG A 58 -29.16 -3.42 -16.08
N ILE A 59 -28.70 -3.75 -17.28
CA ILE A 59 -27.56 -3.04 -17.90
C ILE A 59 -27.92 -1.59 -18.25
N CYS A 60 -27.31 -0.60 -17.59
CA CYS A 60 -27.47 0.82 -17.80
C CYS A 60 -26.65 1.25 -19.01
N SER A 61 -27.32 1.83 -20.01
CA SER A 61 -26.67 2.31 -21.23
C SER A 61 -27.45 3.49 -21.78
N LYS A 62 -26.96 4.70 -21.51
CA LYS A 62 -27.60 5.93 -21.97
C LYS A 62 -26.60 6.72 -22.82
N GLY A 63 -26.91 6.91 -24.09
CA GLY A 63 -26.02 7.62 -24.98
C GLY A 63 -24.90 6.81 -25.57
N LYS A 64 -24.80 5.53 -25.22
CA LYS A 64 -23.86 4.62 -25.86
C LYS A 64 -24.67 3.59 -26.67
N ARG A 65 -24.20 3.27 -27.86
CA ARG A 65 -24.96 2.39 -28.74
C ARG A 65 -24.86 1.02 -28.09
N THR A 66 -25.88 0.20 -28.20
CA THR A 66 -25.98 -1.10 -27.54
C THR A 66 -26.54 -2.12 -28.53
N VAL A 67 -25.85 -3.26 -28.65
CA VAL A 67 -26.32 -4.39 -29.43
C VAL A 67 -26.54 -5.56 -28.48
N ASP A 68 -27.76 -6.08 -28.46
CA ASP A 68 -28.12 -7.23 -27.64
C ASP A 68 -28.17 -8.45 -28.53
N LEU A 69 -27.22 -9.36 -28.34
CA LEU A 69 -27.12 -10.55 -29.19
C LEU A 69 -27.92 -11.70 -28.60
N GLY A 70 -29.24 -11.58 -28.61
CA GLY A 70 -30.10 -12.70 -28.27
C GLY A 70 -29.99 -13.80 -29.31
N GLN A 71 -29.62 -15.00 -28.87
CA GLN A 71 -29.52 -16.24 -29.70
C GLN A 71 -28.36 -16.13 -30.68
N CYS A 72 -27.55 -15.09 -30.57
CA CYS A 72 -26.42 -14.90 -31.47
C CYS A 72 -25.14 -14.71 -30.67
N GLY A 73 -24.03 -15.16 -31.25
CA GLY A 73 -22.74 -14.97 -30.62
C GLY A 73 -21.91 -13.94 -31.36
N LEU A 74 -20.81 -13.52 -30.71
CA LEU A 74 -19.89 -12.58 -31.35
C LEU A 74 -19.22 -13.21 -32.56
N LEU A 75 -18.83 -14.48 -32.46
CA LEU A 75 -18.18 -15.15 -33.58
C LEU A 75 -19.17 -15.47 -34.69
N GLY A 76 -20.47 -15.48 -34.37
CA GLY A 76 -21.47 -15.68 -35.41
C GLY A 76 -21.69 -14.47 -36.27
N THR A 77 -21.27 -13.28 -35.80
CA THR A 77 -21.43 -12.07 -36.59
C THR A 77 -20.49 -12.07 -37.80
N ILE A 78 -19.42 -12.85 -37.73
CA ILE A 78 -18.50 -12.95 -38.86
C ILE A 78 -18.98 -13.99 -39.86
N THR A 79 -19.47 -15.13 -39.37
CA THR A 79 -19.83 -16.24 -40.25
C THR A 79 -21.27 -16.18 -40.71
N GLY A 80 -22.16 -15.59 -39.91
CA GLY A 80 -23.53 -15.40 -40.31
C GLY A 80 -24.44 -16.61 -40.33
N PRO A 81 -24.79 -17.19 -39.17
CA PRO A 81 -25.90 -18.13 -39.13
C PRO A 81 -27.22 -17.41 -39.28
N PRO A 82 -28.35 -18.15 -39.43
CA PRO A 82 -29.67 -17.49 -39.42
C PRO A 82 -29.99 -16.73 -38.15
N GLN A 83 -29.42 -17.17 -37.02
CA GLN A 83 -29.62 -16.50 -35.74
C GLN A 83 -28.83 -15.19 -35.64
N CYS A 84 -27.89 -14.94 -36.55
CA CYS A 84 -27.10 -13.73 -36.55
C CYS A 84 -27.26 -12.91 -37.83
N ASP A 85 -28.45 -12.92 -38.43
CA ASP A 85 -28.64 -12.20 -39.69
C ASP A 85 -28.73 -10.70 -39.47
N GLN A 86 -29.25 -10.27 -38.30
CA GLN A 86 -29.46 -8.85 -38.06
C GLN A 86 -28.15 -8.13 -37.77
N PHE A 87 -27.19 -8.83 -37.15
CA PHE A 87 -25.95 -8.21 -36.70
C PHE A 87 -24.77 -8.54 -37.62
N LEU A 88 -25.01 -8.59 -38.93
CA LEU A 88 -23.94 -8.85 -39.88
C LEU A 88 -23.03 -7.64 -40.03
N GLU A 89 -23.62 -6.45 -40.04
CA GLU A 89 -22.88 -5.18 -40.11
C GLU A 89 -23.22 -4.29 -38.93
N PHE A 90 -23.23 -4.86 -37.73
CA PHE A 90 -23.64 -4.12 -36.54
C PHE A 90 -22.59 -3.09 -36.14
N SER A 91 -23.02 -2.11 -35.35
CA SER A 91 -22.14 -1.06 -34.85
C SER A 91 -22.62 -0.66 -33.47
N ALA A 92 -21.71 -0.66 -32.50
CA ALA A 92 -22.08 -0.37 -31.12
C ALA A 92 -20.86 0.12 -30.35
N ASP A 93 -21.13 0.78 -29.22
CA ASP A 93 -20.11 1.07 -28.22
C ASP A 93 -20.20 0.14 -27.03
N LEU A 94 -21.19 -0.73 -26.98
CA LEU A 94 -21.35 -1.72 -25.92
C LEU A 94 -22.02 -2.95 -26.50
N ILE A 95 -21.33 -4.09 -26.44
CA ILE A 95 -21.82 -5.34 -27.03
C ILE A 95 -22.08 -6.32 -25.89
N ILE A 96 -23.27 -6.94 -25.91
CA ILE A 96 -23.71 -7.83 -24.85
C ILE A 96 -23.85 -9.23 -25.42
N GLU A 97 -23.17 -10.19 -24.80
CA GLU A 97 -23.32 -11.60 -25.15
C GLU A 97 -24.24 -12.28 -24.14
N ARG A 98 -25.02 -13.24 -24.63
CA ARG A 98 -25.95 -13.99 -23.80
C ARG A 98 -25.50 -15.44 -23.70
N ARG A 99 -26.02 -16.12 -22.67
CA ARG A 99 -25.71 -17.54 -22.49
C ARG A 99 -26.40 -18.39 -23.55
N GLU A 100 -27.52 -17.90 -24.08
CA GLU A 100 -28.28 -18.67 -25.08
C GLU A 100 -27.66 -18.55 -26.47
N GLY A 101 -26.67 -17.69 -26.65
CA GLY A 101 -26.13 -17.46 -27.98
C GLY A 101 -25.26 -18.62 -28.45
N SER A 102 -25.52 -19.07 -29.67
CA SER A 102 -24.76 -20.15 -30.30
C SER A 102 -24.01 -19.59 -31.49
N ASP A 103 -22.72 -19.93 -31.59
CA ASP A 103 -21.88 -19.35 -32.62
C ASP A 103 -22.13 -19.97 -33.99
N VAL A 104 -22.42 -21.27 -34.03
CA VAL A 104 -22.49 -22.02 -35.29
C VAL A 104 -23.88 -22.61 -35.45
N CYS A 105 -24.29 -22.82 -36.70
CA CYS A 105 -25.53 -23.55 -36.97
C CYS A 105 -25.21 -24.99 -37.37
N TYR A 106 -24.28 -25.26 -38.32
CA TYR A 106 -23.81 -26.66 -38.62
C TYR A 106 -22.82 -27.01 -37.54
N PRO A 107 -22.73 -28.26 -37.05
CA PRO A 107 -21.87 -28.55 -35.92
C PRO A 107 -20.45 -28.07 -36.20
N GLY A 108 -19.82 -27.37 -35.26
CA GLY A 108 -18.42 -26.96 -35.43
C GLY A 108 -17.92 -26.04 -34.35
N LYS A 109 -16.73 -25.45 -34.52
CA LYS A 109 -16.15 -24.57 -33.48
C LYS A 109 -15.18 -23.59 -34.09
N PHE A 110 -14.68 -22.65 -33.29
CA PHE A 110 -13.67 -21.75 -33.81
C PHE A 110 -12.33 -22.08 -33.16
N VAL A 111 -11.31 -22.28 -34.01
CA VAL A 111 -9.96 -22.46 -33.51
C VAL A 111 -9.41 -21.10 -33.08
N ASN A 112 -8.83 -21.06 -31.86
CA ASN A 112 -8.42 -19.83 -31.17
C ASN A 112 -9.58 -18.86 -31.03
N GLU A 113 -10.65 -19.32 -30.36
CA GLU A 113 -11.90 -18.56 -30.33
C GLU A 113 -11.83 -17.39 -29.35
N GLU A 114 -11.02 -17.50 -28.31
CA GLU A 114 -11.04 -16.50 -27.25
C GLU A 114 -10.36 -15.20 -27.69
N ALA A 115 -9.28 -15.31 -28.47
CA ALA A 115 -8.62 -14.13 -29.02
C ALA A 115 -9.53 -13.40 -30.00
N LEU A 116 -10.25 -14.15 -30.84
CA LEU A 116 -11.19 -13.53 -31.76
C LEU A 116 -12.37 -12.90 -31.02
N ARG A 117 -12.79 -13.51 -29.91
CA ARG A 117 -13.82 -12.91 -29.08
C ARG A 117 -13.36 -11.61 -28.44
N GLN A 118 -12.09 -11.55 -28.02
CA GLN A 118 -11.56 -10.31 -27.45
C GLN A 118 -11.44 -9.22 -28.52
N ILE A 119 -11.02 -9.60 -29.74
CA ILE A 119 -10.98 -8.65 -30.85
C ILE A 119 -12.37 -8.12 -31.16
N LEU A 120 -13.38 -9.00 -31.19
CA LEU A 120 -14.73 -8.57 -31.50
C LEU A 120 -15.37 -7.81 -30.34
N ARG A 121 -14.84 -7.98 -29.12
CA ARG A 121 -15.34 -7.18 -28.00
C ARG A 121 -14.90 -5.74 -28.11
N GLU A 122 -13.63 -5.49 -28.43
CA GLU A 122 -13.20 -4.14 -28.74
C GLU A 122 -13.19 -3.86 -30.24
N SER A 123 -14.09 -4.48 -31.00
CA SER A 123 -14.21 -4.17 -32.41
C SER A 123 -14.89 -2.83 -32.63
N GLY A 124 -15.95 -2.56 -31.88
CA GLY A 124 -16.78 -1.41 -32.16
C GLY A 124 -17.68 -1.59 -33.36
N GLY A 125 -17.83 -2.82 -33.84
CA GLY A 125 -18.54 -3.09 -35.07
C GLY A 125 -17.62 -3.68 -36.13
N ILE A 126 -18.26 -4.28 -37.13
CA ILE A 126 -17.54 -4.91 -38.24
C ILE A 126 -18.03 -4.33 -39.54
N ASP A 127 -17.11 -4.05 -40.46
CA ASP A 127 -17.42 -3.53 -41.78
C ASP A 127 -17.07 -4.59 -42.82
N LYS A 128 -17.97 -4.83 -43.75
CA LYS A 128 -17.87 -5.92 -44.70
C LYS A 128 -17.50 -5.38 -46.08
N GLU A 129 -16.42 -5.89 -46.66
CA GLU A 129 -16.02 -5.55 -48.01
C GLU A 129 -15.99 -6.80 -48.87
N ALA A 130 -16.57 -6.71 -50.07
CA ALA A 130 -16.82 -7.88 -50.90
C ALA A 130 -15.52 -8.49 -51.43
N MET A 131 -15.21 -9.68 -50.93
CA MET A 131 -14.16 -10.51 -51.51
C MET A 131 -14.71 -11.24 -52.73
N GLY A 132 -14.25 -10.85 -53.93
CA GLY A 132 -14.84 -11.28 -55.19
C GLY A 132 -14.93 -12.77 -55.43
N PHE A 133 -13.79 -13.44 -55.68
CA PHE A 133 -13.65 -14.89 -55.58
C PHE A 133 -14.62 -15.66 -56.48
N THR A 134 -14.48 -15.48 -57.80
CA THR A 134 -15.33 -16.16 -58.76
C THR A 134 -14.88 -17.60 -58.92
N TYR A 135 -15.84 -18.52 -58.93
CA TYR A 135 -15.58 -19.95 -59.09
C TYR A 135 -16.21 -20.45 -60.37
N SER A 136 -15.55 -21.39 -61.02
CA SER A 136 -15.99 -21.92 -62.31
C SER A 136 -16.19 -23.42 -62.21
N GLY A 137 -17.30 -23.90 -62.76
CA GLY A 137 -17.57 -25.33 -62.84
C GLY A 137 -18.22 -25.93 -61.61
N ILE A 138 -17.61 -25.71 -60.44
CA ILE A 138 -18.10 -26.33 -59.21
C ILE A 138 -19.31 -25.58 -58.69
N ARG A 139 -20.12 -26.27 -57.89
CA ARG A 139 -21.21 -25.62 -57.18
C ARG A 139 -20.65 -24.79 -56.03
N THR A 140 -21.40 -23.77 -55.63
CA THR A 140 -20.97 -22.89 -54.54
C THR A 140 -22.10 -22.51 -53.60
N ASN A 141 -23.25 -23.16 -53.70
CA ASN A 141 -24.38 -22.77 -52.87
C ASN A 141 -24.32 -23.45 -51.49
N GLY A 142 -24.24 -24.77 -51.45
CA GLY A 142 -24.23 -25.50 -50.20
C GLY A 142 -25.61 -25.66 -49.58
N ALA A 143 -25.86 -26.80 -48.95
CA ALA A 143 -27.17 -27.06 -48.37
C ALA A 143 -27.03 -28.02 -47.20
N THR A 144 -27.58 -27.63 -46.05
CA THR A 144 -27.65 -28.51 -44.89
C THR A 144 -28.96 -28.24 -44.16
N SER A 145 -29.46 -29.25 -43.45
CA SER A 145 -30.77 -29.15 -42.82
C SER A 145 -30.68 -28.49 -41.44
N SER A 146 -29.51 -28.57 -40.80
CA SER A 146 -29.36 -28.05 -39.45
C SER A 146 -29.33 -26.54 -39.43
N CYS A 147 -28.82 -25.92 -40.49
CA CYS A 147 -28.61 -24.48 -40.52
C CYS A 147 -29.67 -23.86 -41.42
N ARG A 148 -30.89 -23.55 -40.90
CA ARG A 148 -32.11 -23.22 -41.72
C ARG A 148 -32.56 -21.75 -41.79
N ARG A 149 -33.00 -21.27 -42.95
CA ARG A 149 -33.40 -19.86 -43.18
C ARG A 149 -34.57 -19.91 -44.16
N SER A 150 -35.69 -20.52 -43.75
CA SER A 150 -36.90 -20.75 -44.59
C SER A 150 -36.69 -21.99 -45.46
N GLY A 151 -35.69 -22.82 -45.17
CA GLY A 151 -35.39 -24.05 -45.92
C GLY A 151 -33.91 -24.38 -45.81
N SER A 152 -33.44 -25.45 -46.45
CA SER A 152 -32.01 -25.83 -46.46
C SER A 152 -31.19 -24.60 -46.75
N SER A 153 -30.28 -24.21 -45.87
CA SER A 153 -29.44 -23.01 -46.02
C SER A 153 -28.06 -23.27 -45.45
N PHE A 154 -27.09 -22.41 -45.76
CA PHE A 154 -25.74 -22.46 -45.16
C PHE A 154 -25.51 -21.07 -44.58
N TYR A 155 -24.34 -20.84 -44.04
CA TYR A 155 -23.95 -19.56 -43.49
C TYR A 155 -24.12 -18.47 -44.54
N ALA A 156 -24.57 -17.29 -44.11
CA ALA A 156 -24.80 -16.20 -45.05
C ALA A 156 -23.49 -15.65 -45.58
N GLU A 157 -22.45 -15.67 -44.75
CA GLU A 157 -21.20 -14.99 -45.03
C GLU A 157 -20.10 -15.94 -45.50
N MET A 158 -20.38 -17.24 -45.53
CA MET A 158 -19.45 -18.27 -45.98
C MET A 158 -20.12 -19.07 -47.10
N LYS A 159 -19.30 -19.58 -48.01
CA LYS A 159 -19.81 -20.32 -49.17
C LYS A 159 -19.25 -21.74 -49.13
N TRP A 160 -20.15 -22.71 -49.22
CA TRP A 160 -19.76 -24.11 -49.23
C TRP A 160 -19.41 -24.52 -50.66
N LEU A 161 -18.22 -25.06 -50.86
CA LEU A 161 -17.74 -25.41 -52.19
C LEU A 161 -17.80 -26.92 -52.35
N LEU A 162 -18.74 -27.40 -53.16
CA LEU A 162 -18.89 -28.81 -53.46
C LEU A 162 -18.50 -29.07 -54.91
N SER A 163 -18.41 -30.35 -55.25
CA SER A 163 -18.23 -30.74 -56.64
C SER A 163 -19.52 -30.51 -57.42
N ASN A 164 -19.41 -30.53 -58.76
CA ASN A 164 -20.56 -30.27 -59.62
C ASN A 164 -21.64 -31.34 -59.49
N THR A 165 -21.24 -32.60 -59.34
CA THR A 165 -22.15 -33.67 -59.03
C THR A 165 -21.51 -34.56 -57.95
N ASP A 166 -22.31 -35.49 -57.43
CA ASP A 166 -21.80 -36.40 -56.41
C ASP A 166 -20.81 -37.39 -56.99
N ASN A 167 -19.79 -37.72 -56.19
CA ASN A 167 -18.68 -38.62 -56.56
C ASN A 167 -17.94 -38.12 -57.81
N ALA A 168 -17.57 -36.85 -57.81
CA ALA A 168 -16.88 -36.23 -58.92
C ALA A 168 -15.60 -35.57 -58.43
N ALA A 169 -14.67 -35.34 -59.37
CA ALA A 169 -13.40 -34.75 -59.03
C ALA A 169 -13.53 -33.27 -58.72
N PHE A 170 -12.79 -32.81 -57.71
CA PHE A 170 -12.76 -31.41 -57.32
C PHE A 170 -11.48 -30.78 -57.86
N PRO A 171 -11.57 -29.81 -58.76
CA PRO A 171 -10.35 -29.20 -59.30
C PRO A 171 -9.62 -28.36 -58.26
N GLN A 172 -8.29 -28.36 -58.36
CA GLN A 172 -7.48 -27.54 -57.47
C GLN A 172 -7.53 -26.09 -57.94
N MET A 173 -7.85 -25.18 -57.01
CA MET A 173 -7.97 -23.77 -57.33
C MET A 173 -7.15 -22.95 -56.35
N THR A 174 -6.62 -21.84 -56.83
CA THR A 174 -5.93 -20.87 -56.00
C THR A 174 -6.65 -19.52 -56.13
N LYS A 175 -7.09 -18.94 -55.00
CA LYS A 175 -7.88 -17.68 -54.98
C LYS A 175 -7.19 -16.73 -54.03
N SER A 176 -6.87 -15.51 -54.44
CA SER A 176 -6.07 -14.52 -53.73
C SER A 176 -6.90 -13.26 -53.49
N TYR A 177 -6.69 -12.65 -52.34
CA TYR A 177 -7.37 -11.42 -51.96
C TYR A 177 -6.35 -10.36 -51.61
N LYS A 178 -6.62 -9.13 -51.99
CA LYS A 178 -5.67 -8.04 -51.79
C LYS A 178 -6.32 -7.03 -50.88
N ASN A 179 -5.59 -6.55 -49.89
CA ASN A 179 -6.09 -5.57 -48.93
C ASN A 179 -5.77 -4.17 -49.42
N THR A 180 -6.78 -3.30 -49.50
CA THR A 180 -6.63 -1.94 -50.07
C THR A 180 -6.76 -0.87 -48.99
N ARG A 181 -7.49 -1.08 -47.91
CA ARG A 181 -7.74 -0.02 -46.94
C ARG A 181 -6.57 0.14 -45.99
N LYS A 182 -6.65 1.18 -45.16
CA LYS A 182 -5.57 1.51 -44.23
C LYS A 182 -5.74 0.81 -42.88
N ASN A 183 -6.78 0.00 -42.74
CA ASN A 183 -7.02 -0.71 -41.50
C ASN A 183 -6.77 -2.20 -41.69
N PRO A 184 -6.41 -2.91 -40.61
CA PRO A 184 -6.26 -4.36 -40.69
C PRO A 184 -7.54 -5.08 -41.06
N ALA A 185 -7.41 -6.20 -41.75
CA ALA A 185 -8.53 -7.00 -42.21
C ALA A 185 -8.63 -8.29 -41.41
N LEU A 186 -9.87 -8.73 -41.19
CA LEU A 186 -10.14 -9.99 -40.53
C LEU A 186 -10.66 -10.99 -41.56
N ILE A 187 -9.89 -12.04 -41.81
CA ILE A 187 -10.24 -13.05 -42.81
C ILE A 187 -10.52 -14.35 -42.07
N VAL A 188 -11.72 -14.89 -42.25
CA VAL A 188 -12.14 -16.12 -41.58
C VAL A 188 -12.57 -17.11 -42.66
N TRP A 189 -11.89 -18.26 -42.70
CA TRP A 189 -12.23 -19.34 -43.61
C TRP A 189 -12.59 -20.57 -42.78
N GLY A 190 -13.01 -21.63 -43.47
CA GLY A 190 -13.47 -22.82 -42.80
C GLY A 190 -12.95 -24.08 -43.46
N ILE A 191 -12.75 -25.10 -42.65
CA ILE A 191 -12.32 -26.42 -43.10
C ILE A 191 -13.37 -27.43 -42.66
N HIS A 192 -13.87 -28.22 -43.60
CA HIS A 192 -14.96 -29.16 -43.33
C HIS A 192 -14.40 -30.56 -43.10
N HIS A 193 -14.72 -31.13 -41.94
CA HIS A 193 -14.39 -32.51 -41.64
C HIS A 193 -15.65 -33.36 -41.82
N SER A 194 -15.59 -34.31 -42.75
CA SER A 194 -16.77 -35.09 -43.08
C SER A 194 -17.08 -36.11 -41.98
N GLY A 195 -18.36 -36.50 -41.91
CA GLY A 195 -18.77 -37.47 -40.91
C GLY A 195 -18.33 -38.88 -41.23
N SER A 196 -18.01 -39.15 -42.48
CA SER A 196 -17.49 -40.44 -42.90
C SER A 196 -16.63 -40.24 -44.14
N THR A 197 -15.79 -41.23 -44.44
CA THR A 197 -14.99 -41.16 -45.67
C THR A 197 -15.85 -41.40 -46.90
N ALA A 198 -16.95 -42.16 -46.76
CA ALA A 198 -17.89 -42.33 -47.86
C ALA A 198 -18.62 -41.02 -48.17
N GLU A 199 -18.94 -40.25 -47.12
CA GLU A 199 -19.56 -38.94 -47.33
C GLU A 199 -18.58 -37.96 -47.96
N GLN A 200 -17.29 -38.08 -47.65
CA GLN A 200 -16.30 -37.21 -48.28
C GLN A 200 -16.10 -37.59 -49.74
N THR A 201 -16.15 -38.88 -50.08
CA THR A 201 -16.09 -39.26 -51.49
C THR A 201 -17.38 -38.88 -52.22
N LYS A 202 -18.49 -38.81 -51.50
CA LYS A 202 -19.74 -38.36 -52.11
C LYS A 202 -19.70 -36.87 -52.41
N LEU A 203 -19.20 -36.06 -51.47
CA LEU A 203 -19.22 -34.61 -51.65
C LEU A 203 -18.07 -34.12 -52.51
N TYR A 204 -16.84 -34.50 -52.17
CA TYR A 204 -15.66 -33.93 -52.81
C TYR A 204 -14.95 -34.89 -53.76
N GLY A 205 -15.32 -36.17 -53.75
CA GLY A 205 -14.64 -37.15 -54.56
C GLY A 205 -13.49 -37.82 -53.82
N SER A 206 -12.91 -38.82 -54.49
CA SER A 206 -11.81 -39.57 -53.90
C SER A 206 -10.51 -38.77 -53.96
N GLY A 207 -9.55 -39.18 -53.14
CA GLY A 207 -8.26 -38.54 -53.08
C GLY A 207 -8.08 -37.72 -51.81
N ASN A 208 -6.82 -37.50 -51.46
CA ASN A 208 -6.49 -36.69 -50.29
C ASN A 208 -6.71 -35.21 -50.59
N LYS A 209 -7.15 -34.47 -49.59
CA LYS A 209 -7.45 -33.05 -49.72
C LYS A 209 -6.52 -32.24 -48.84
N LEU A 210 -6.10 -31.08 -49.35
CA LEU A 210 -5.14 -30.24 -48.64
C LEU A 210 -5.48 -28.77 -48.89
N VAL A 211 -5.48 -27.97 -47.82
CA VAL A 211 -5.75 -26.54 -47.89
C VAL A 211 -4.51 -25.83 -47.36
N THR A 212 -3.96 -24.92 -48.17
CA THR A 212 -2.78 -24.14 -47.79
C THR A 212 -3.16 -22.67 -47.79
N VAL A 213 -2.89 -21.98 -46.68
CA VAL A 213 -3.18 -20.57 -46.51
C VAL A 213 -1.86 -19.82 -46.39
N GLY A 214 -1.68 -18.81 -47.24
CA GLY A 214 -0.44 -18.08 -47.29
C GLY A 214 -0.59 -16.60 -46.98
N SER A 215 0.41 -16.03 -46.32
CA SER A 215 0.45 -14.61 -46.00
C SER A 215 1.90 -14.22 -45.78
N SER A 216 2.11 -12.93 -45.49
CA SER A 216 3.46 -12.45 -45.18
C SER A 216 3.92 -12.97 -43.83
N ASN A 217 3.04 -12.98 -42.84
CA ASN A 217 3.38 -13.41 -41.49
C ASN A 217 2.52 -14.57 -41.01
N TYR A 218 1.79 -15.23 -41.90
CA TYR A 218 0.94 -16.36 -41.53
C TYR A 218 1.11 -17.47 -42.55
N GLN A 219 1.19 -18.72 -42.11
CA GLN A 219 1.23 -19.91 -43.00
C GLN A 219 0.83 -21.10 -42.12
N GLN A 220 -0.07 -21.94 -42.57
CA GLN A 220 -0.64 -23.07 -41.85
C GLN A 220 -1.22 -24.04 -42.87
N SER A 221 -1.14 -25.33 -42.55
CA SER A 221 -1.65 -26.39 -43.42
C SER A 221 -2.81 -27.09 -42.73
N PHE A 222 -3.85 -27.40 -43.51
CA PHE A 222 -5.02 -28.08 -42.99
C PHE A 222 -5.31 -29.31 -43.84
N VAL A 223 -5.52 -30.44 -43.18
CA VAL A 223 -5.94 -31.68 -43.82
C VAL A 223 -7.24 -32.12 -43.16
N PRO A 224 -8.32 -32.31 -43.93
CA PRO A 224 -9.57 -32.77 -43.32
C PRO A 224 -9.46 -34.22 -42.84
N SER A 225 -10.20 -34.53 -41.77
CA SER A 225 -10.17 -35.84 -41.16
C SER A 225 -11.56 -36.45 -41.17
N PRO A 226 -11.89 -37.30 -42.14
CA PRO A 226 -13.20 -37.97 -42.11
C PRO A 226 -13.25 -39.06 -41.05
N GLY A 227 -14.27 -38.96 -40.20
CA GLY A 227 -14.45 -39.93 -39.14
C GLY A 227 -15.78 -39.75 -38.43
N ALA A 228 -16.28 -40.83 -37.83
CA ALA A 228 -17.56 -40.78 -37.14
C ALA A 228 -17.43 -40.05 -35.81
N ARG A 229 -18.37 -39.16 -35.54
CA ARG A 229 -18.43 -38.40 -34.29
C ARG A 229 -19.83 -38.54 -33.70
N THR A 230 -20.04 -37.89 -32.56
CA THR A 230 -21.36 -37.88 -31.95
C THR A 230 -22.30 -36.97 -32.73
N GLN A 231 -23.60 -37.18 -32.52
CA GLN A 231 -24.63 -36.47 -33.27
C GLN A 231 -25.02 -35.21 -32.51
N VAL A 232 -24.63 -34.05 -33.05
CA VAL A 232 -25.05 -32.75 -32.57
C VAL A 232 -25.81 -32.08 -33.71
N ASN A 233 -27.04 -31.62 -33.43
CA ASN A 233 -27.93 -30.94 -34.37
C ASN A 233 -28.27 -31.80 -35.59
N GLY A 234 -28.25 -33.12 -35.43
CA GLY A 234 -28.61 -34.02 -36.52
C GLY A 234 -27.55 -34.20 -37.59
N GLN A 235 -26.34 -33.69 -37.38
CA GLN A 235 -25.26 -33.79 -38.37
C GLN A 235 -24.03 -34.39 -37.72
N SER A 236 -23.44 -35.39 -38.37
CA SER A 236 -22.23 -36.02 -37.86
C SER A 236 -20.96 -35.31 -38.34
N GLY A 237 -21.02 -34.64 -39.49
CA GLY A 237 -19.89 -33.88 -39.97
C GLY A 237 -19.72 -32.58 -39.20
N ARG A 238 -18.47 -32.12 -39.12
CA ARG A 238 -18.13 -30.96 -38.32
C ARG A 238 -17.22 -30.03 -39.10
N ILE A 239 -17.12 -28.78 -38.64
CA ILE A 239 -16.46 -27.72 -39.38
C ILE A 239 -15.60 -26.91 -38.42
N ASP A 240 -14.41 -26.52 -38.89
CA ASP A 240 -13.49 -25.68 -38.12
C ASP A 240 -13.26 -24.36 -38.82
N PHE A 241 -13.43 -23.28 -38.08
CA PHE A 241 -13.18 -21.94 -38.59
C PHE A 241 -11.84 -21.43 -38.05
N HIS A 242 -10.95 -21.03 -38.95
CA HIS A 242 -9.67 -20.45 -38.60
C HIS A 242 -9.62 -19.01 -39.10
N TRP A 243 -8.88 -18.17 -38.39
CA TRP A 243 -8.86 -16.74 -38.67
C TRP A 243 -7.44 -16.20 -38.67
N LEU A 244 -7.23 -15.14 -39.44
CA LEU A 244 -6.01 -14.36 -39.39
C LEU A 244 -6.36 -12.88 -39.42
N MET A 245 -5.47 -12.05 -38.90
CA MET A 245 -5.62 -10.60 -38.93
C MET A 245 -4.65 -10.08 -40.00
N LEU A 246 -5.13 -9.87 -41.23
CA LEU A 246 -4.28 -9.39 -42.36
C LEU A 246 -3.80 -7.97 -42.06
N ASN A 247 -2.69 -7.55 -42.62
CA ASN A 247 -2.00 -6.26 -42.34
C ASN A 247 -2.48 -5.27 -43.40
N PRO A 248 -2.53 -3.94 -43.12
CA PRO A 248 -3.12 -2.92 -44.01
C PRO A 248 -2.78 -3.08 -45.49
N ASN A 249 -1.68 -3.76 -45.72
CA ASN A 249 -1.40 -4.16 -47.11
C ASN A 249 -0.69 -5.51 -47.01
N ASP A 250 -1.42 -6.59 -47.13
CA ASP A 250 -0.82 -7.92 -47.16
C ASP A 250 -1.74 -8.72 -48.06
N THR A 251 -1.20 -9.65 -48.81
CA THR A 251 -1.95 -10.45 -49.75
C THR A 251 -2.10 -11.86 -49.20
N VAL A 252 -3.35 -12.30 -49.03
CA VAL A 252 -3.67 -13.63 -48.53
C VAL A 252 -3.99 -14.51 -49.72
N THR A 253 -3.52 -15.76 -49.67
CA THR A 253 -3.67 -16.70 -50.77
C THR A 253 -4.29 -17.99 -50.24
N PHE A 254 -5.32 -18.47 -50.92
CA PHE A 254 -6.05 -19.67 -50.52
C PHE A 254 -5.92 -20.70 -51.62
N SER A 255 -4.87 -21.52 -51.55
CA SER A 255 -4.68 -22.63 -52.48
C SER A 255 -5.21 -23.91 -51.85
N PHE A 256 -6.35 -24.36 -52.33
CA PHE A 256 -7.05 -25.48 -51.71
C PHE A 256 -7.36 -26.55 -52.75
N ASN A 257 -7.44 -27.80 -52.28
CA ASN A 257 -7.79 -28.94 -53.13
C ASN A 257 -9.21 -29.40 -52.84
N GLY A 258 -9.83 -28.84 -51.81
CA GLY A 258 -11.15 -29.25 -51.39
C GLY A 258 -11.29 -29.13 -49.88
N ALA A 259 -12.51 -29.40 -49.41
CA ALA A 259 -12.93 -29.24 -48.01
C ALA A 259 -12.66 -27.83 -47.50
N PHE A 260 -13.00 -26.84 -48.32
CA PHE A 260 -12.73 -25.44 -48.02
C PHE A 260 -14.05 -24.69 -47.95
N ILE A 261 -14.20 -23.85 -46.95
CA ILE A 261 -15.37 -22.99 -46.79
C ILE A 261 -14.88 -21.56 -46.99
N ALA A 262 -15.07 -21.03 -48.18
CA ALA A 262 -14.48 -19.74 -48.52
C ALA A 262 -15.31 -18.59 -47.94
N PRO A 263 -14.67 -17.52 -47.48
CA PRO A 263 -15.44 -16.35 -47.02
C PRO A 263 -16.03 -15.59 -48.19
N ASP A 264 -17.27 -15.15 -48.04
CA ASP A 264 -17.90 -14.34 -49.08
C ASP A 264 -17.36 -12.92 -49.08
N ARG A 265 -17.25 -12.37 -47.85
CA ARG A 265 -16.85 -10.97 -47.60
C ARG A 265 -15.78 -10.86 -46.50
N ALA A 266 -14.85 -9.88 -46.54
CA ALA A 266 -13.92 -9.68 -45.45
C ALA A 266 -14.62 -8.97 -44.27
N SER A 267 -13.87 -8.81 -43.19
CA SER A 267 -14.35 -8.11 -42.01
C SER A 267 -13.33 -7.05 -41.59
N PHE A 268 -13.81 -5.84 -41.33
CA PHE A 268 -12.94 -4.73 -40.96
C PHE A 268 -13.46 -4.09 -39.68
N LEU A 269 -12.54 -3.79 -38.76
CA LEU A 269 -12.91 -3.21 -37.49
C LEU A 269 -13.32 -1.74 -37.67
N ARG A 270 -14.22 -1.28 -36.82
CA ARG A 270 -14.78 0.07 -36.96
C ARG A 270 -14.18 1.07 -35.98
N GLY A 271 -14.09 0.73 -34.70
CA GLY A 271 -13.62 1.67 -33.70
C GLY A 271 -13.22 0.98 -32.41
N LYS A 272 -13.60 1.62 -31.33
CA LYS A 272 -13.30 1.00 -30.05
C LYS A 272 -14.65 0.71 -29.42
N SER A 273 -14.65 -0.11 -28.39
CA SER A 273 -15.85 -0.36 -27.60
C SER A 273 -15.50 -1.31 -26.46
N MET A 274 -16.53 -1.82 -25.79
CA MET A 274 -16.38 -2.81 -24.73
C MET A 274 -17.37 -3.93 -24.96
N GLY A 275 -17.04 -5.11 -24.42
CA GLY A 275 -17.92 -6.25 -24.52
C GLY A 275 -18.20 -6.87 -23.15
N ILE A 276 -19.48 -7.06 -22.84
CA ILE A 276 -19.88 -7.59 -21.55
C ILE A 276 -20.72 -8.85 -21.78
N GLN A 277 -20.80 -9.67 -20.74
CA GLN A 277 -21.63 -10.88 -20.75
C GLN A 277 -22.54 -10.83 -19.53
N SER A 278 -23.85 -10.92 -19.78
CA SER A 278 -24.84 -10.83 -18.72
C SER A 278 -26.12 -11.51 -19.18
N GLY A 279 -27.02 -11.74 -18.22
CA GLY A 279 -28.28 -12.38 -18.51
C GLY A 279 -29.47 -11.57 -18.01
N VAL A 280 -29.38 -10.25 -18.11
CA VAL A 280 -30.40 -9.35 -17.61
C VAL A 280 -30.80 -8.36 -18.70
N GLN A 281 -31.92 -7.69 -18.47
CA GLN A 281 -32.49 -6.79 -19.47
C GLN A 281 -31.71 -5.47 -19.52
N VAL A 282 -31.99 -4.68 -20.56
CA VAL A 282 -31.32 -3.41 -20.82
C VAL A 282 -32.37 -2.31 -20.84
N ASP A 283 -32.09 -1.20 -20.16
CA ASP A 283 -32.88 0.01 -20.26
C ASP A 283 -31.96 1.20 -20.50
N ALA A 284 -32.48 2.24 -21.15
CA ALA A 284 -31.66 3.38 -21.52
C ALA A 284 -31.81 4.55 -20.57
N ASP A 285 -32.58 4.39 -19.49
CA ASP A 285 -32.82 5.50 -18.56
C ASP A 285 -31.60 5.77 -17.68
N CYS A 286 -30.95 4.72 -17.19
CA CYS A 286 -29.87 4.85 -16.23
C CYS A 286 -28.52 4.78 -16.93
N GLU A 287 -27.48 5.25 -16.22
CA GLU A 287 -26.12 5.32 -16.74
C GLU A 287 -25.12 4.80 -15.72
N GLY A 288 -24.39 3.76 -16.11
CA GLY A 288 -23.24 3.31 -15.35
C GLY A 288 -22.18 2.81 -16.31
N ASP A 289 -20.93 2.81 -15.85
CA ASP A 289 -19.81 2.39 -16.68
C ASP A 289 -19.23 1.04 -16.27
N CYS A 290 -19.64 0.51 -15.13
CA CYS A 290 -19.16 -0.78 -14.64
C CYS A 290 -20.25 -1.83 -14.81
N TYR A 291 -19.90 -2.96 -15.42
CA TYR A 291 -20.86 -4.01 -15.69
C TYR A 291 -20.32 -5.35 -15.22
N TYR A 292 -21.23 -6.22 -14.82
CA TYR A 292 -20.91 -7.61 -14.50
C TYR A 292 -22.07 -8.48 -14.98
N SER A 293 -22.03 -9.76 -14.64
CA SER A 293 -22.97 -10.73 -15.19
C SER A 293 -24.39 -10.52 -14.66
N GLY A 294 -24.53 -9.86 -13.51
CA GLY A 294 -25.83 -9.64 -12.92
C GLY A 294 -26.39 -8.25 -13.01
N GLY A 295 -25.66 -7.29 -13.57
CA GLY A 295 -26.18 -5.95 -13.68
C GLY A 295 -25.07 -4.91 -13.76
N THR A 296 -25.39 -3.72 -13.26
CA THR A 296 -24.55 -2.54 -13.40
C THR A 296 -24.28 -1.92 -12.04
N ILE A 297 -23.01 -1.64 -11.75
CA ILE A 297 -22.62 -0.85 -10.58
C ILE A 297 -22.63 0.61 -11.03
N ILE A 298 -23.43 1.43 -10.35
CA ILE A 298 -23.80 2.75 -10.87
C ILE A 298 -23.18 3.84 -10.01
N SER A 299 -22.79 3.51 -8.78
CA SER A 299 -22.43 4.55 -7.82
C SER A 299 -20.95 4.49 -7.54
N ASN A 300 -20.36 5.66 -7.28
CA ASN A 300 -18.92 5.78 -7.07
C ASN A 300 -18.53 5.60 -5.60
N LEU A 301 -17.78 4.53 -5.35
CA LEU A 301 -17.16 4.23 -4.07
C LEU A 301 -15.78 3.64 -4.35
N PRO A 302 -14.85 3.70 -3.38
CA PRO A 302 -13.50 3.17 -3.62
C PRO A 302 -13.43 1.69 -3.96
N PHE A 303 -14.25 0.85 -3.34
CA PHE A 303 -14.15 -0.59 -3.49
C PHE A 303 -15.54 -1.19 -3.69
N GLN A 304 -15.57 -2.49 -4.01
CA GLN A 304 -16.81 -3.21 -4.20
C GLN A 304 -16.62 -4.68 -3.87
N ASN A 305 -17.70 -5.38 -3.53
CA ASN A 305 -17.70 -6.84 -3.23
C ASN A 305 -18.88 -7.44 -3.98
N ILE A 306 -19.25 -6.93 -5.16
CA ILE A 306 -20.31 -7.56 -5.94
C ILE A 306 -19.75 -8.66 -6.83
N ASP A 307 -18.68 -8.37 -7.56
CA ASP A 307 -18.08 -9.36 -8.45
C ASP A 307 -16.61 -9.05 -8.62
N SER A 308 -15.80 -10.10 -8.74
CA SER A 308 -14.37 -9.92 -9.01
C SER A 308 -14.12 -9.57 -10.46
N ARG A 309 -14.92 -10.13 -11.37
CA ARG A 309 -14.76 -9.93 -12.81
C ARG A 309 -15.78 -8.88 -13.25
N ALA A 310 -15.33 -7.65 -13.39
CA ALA A 310 -16.17 -6.52 -13.76
C ALA A 310 -15.50 -5.73 -14.88
N VAL A 311 -16.30 -5.16 -15.75
CA VAL A 311 -15.80 -4.55 -16.98
C VAL A 311 -16.03 -3.04 -16.94
N GLY A 312 -14.96 -2.28 -17.16
CA GLY A 312 -15.06 -0.84 -17.29
C GLY A 312 -14.41 -0.10 -16.14
N LYS A 313 -14.83 1.14 -15.98
CA LYS A 313 -14.39 1.96 -14.86
C LYS A 313 -15.08 1.47 -13.61
N CYS A 314 -14.38 0.62 -12.84
CA CYS A 314 -15.00 -0.13 -11.77
C CYS A 314 -14.24 0.09 -10.46
N PRO A 315 -14.93 0.00 -9.33
CA PRO A 315 -14.22 -0.05 -8.05
C PRO A 315 -13.47 -1.36 -7.90
N ARG A 316 -12.43 -1.34 -7.07
CA ARG A 316 -11.58 -2.50 -6.87
C ARG A 316 -12.32 -3.57 -6.07
N TYR A 317 -12.19 -4.81 -6.49
CA TYR A 317 -12.82 -5.91 -5.77
C TYR A 317 -12.01 -6.24 -4.52
N VAL A 318 -12.71 -6.38 -3.39
CA VAL A 318 -12.08 -6.69 -2.12
C VAL A 318 -12.82 -7.86 -1.49
N LYS A 319 -12.13 -8.56 -0.60
CA LYS A 319 -12.74 -9.71 0.08
C LYS A 319 -13.70 -9.27 1.18
N GLN A 320 -13.49 -8.08 1.75
CA GLN A 320 -14.20 -7.67 2.95
C GLN A 320 -15.64 -7.30 2.65
N ARG A 321 -16.63 -7.70 3.43
CA ARG A 321 -18.01 -7.28 3.06
C ARG A 321 -18.22 -5.89 3.62
N SER A 322 -17.75 -5.65 4.82
CA SER A 322 -18.02 -4.30 5.35
C SER A 322 -16.71 -3.59 5.64
N LEU A 323 -16.63 -2.32 5.26
CA LEU A 323 -15.49 -1.45 5.54
C LEU A 323 -16.01 -0.04 5.81
N LEU A 324 -16.11 0.33 7.09
CA LEU A 324 -16.70 1.59 7.49
C LEU A 324 -15.61 2.64 7.70
N LEU A 325 -15.77 3.80 7.06
CA LEU A 325 -14.84 4.90 7.17
C LEU A 325 -15.38 5.93 8.14
N ALA A 326 -14.54 6.36 9.07
CA ALA A 326 -14.97 7.30 10.11
C ALA A 326 -15.16 8.68 9.51
N THR A 327 -16.40 9.10 9.33
CA THR A 327 -16.62 10.47 8.83
C THR A 327 -16.90 11.41 9.99
N GLY A 328 -17.06 10.86 11.17
CA GLY A 328 -17.25 11.70 12.34
C GLY A 328 -16.15 11.49 13.36
N MET A 329 -16.29 12.18 14.49
CA MET A 329 -15.31 12.14 15.55
C MET A 329 -15.59 10.98 16.49
N LYS A 330 -14.68 10.76 17.44
CA LYS A 330 -14.85 9.69 18.42
C LYS A 330 -15.99 10.01 19.37
N ASN A 331 -16.83 9.01 19.63
CA ASN A 331 -18.06 9.19 20.38
C ASN A 331 -17.92 8.58 21.77
N VAL A 332 -17.90 9.44 22.79
CA VAL A 332 -18.06 9.02 24.18
C VAL A 332 -19.43 9.46 24.66
N PRO A 333 -20.31 8.52 25.00
CA PRO A 333 -21.66 8.89 25.46
C PRO A 333 -21.66 9.66 26.77
N GLU A 334 -22.64 10.55 26.91
CA GLU A 334 -22.87 11.23 28.17
C GLU A 334 -23.50 10.27 29.17
N ILE A 335 -23.02 10.35 30.41
CA ILE A 335 -23.55 9.50 31.48
C ILE A 335 -23.63 10.28 32.78
N ALA A 344 -21.62 20.62 38.23
CA ALA A 344 -22.70 21.47 37.67
C ALA A 344 -22.54 21.57 36.16
N ILE A 345 -21.35 21.92 35.67
CA ILE A 345 -21.04 22.07 34.21
C ILE A 345 -19.79 21.23 33.95
N ALA A 346 -19.83 20.30 33.00
CA ALA A 346 -18.73 19.34 32.72
C ALA A 346 -18.00 19.78 31.47
N GLY A 347 -16.99 19.03 31.03
CA GLY A 347 -16.16 19.44 29.89
C GLY A 347 -15.70 18.29 29.04
N PHE A 348 -14.81 18.53 28.10
CA PHE A 348 -14.32 17.53 27.12
C PHE A 348 -13.65 16.35 27.78
N ILE A 349 -12.85 16.56 28.82
CA ILE A 349 -12.06 15.45 29.42
C ILE A 349 -13.04 14.46 30.02
N GLU A 350 -14.08 14.95 30.67
CA GLU A 350 -15.11 14.11 31.32
C GLU A 350 -16.02 13.37 30.33
N ASN A 351 -16.51 13.99 29.26
CA ASN A 351 -17.55 13.39 28.40
C ASN A 351 -17.85 14.24 27.19
N GLY A 352 -18.87 13.90 26.40
CA GLY A 352 -19.32 14.74 25.32
C GLY A 352 -20.80 15.07 25.46
N TRP A 353 -21.14 16.29 25.05
CA TRP A 353 -22.49 16.82 25.23
C TRP A 353 -23.40 16.37 24.11
N GLU A 354 -24.52 15.74 24.46
CA GLU A 354 -25.50 15.33 23.46
C GLU A 354 -26.42 16.46 23.06
N GLY A 355 -26.48 17.54 23.83
CA GLY A 355 -27.36 18.65 23.51
C GLY A 355 -26.80 19.63 22.51
N LEU A 356 -25.54 19.45 22.11
CA LEU A 356 -24.89 20.33 21.15
C LEU A 356 -25.35 19.97 19.75
N ILE A 357 -26.03 20.91 19.09
CA ILE A 357 -26.55 20.68 17.75
C ILE A 357 -26.09 21.73 16.75
N ASP A 358 -25.61 22.88 17.22
CA ASP A 358 -25.15 23.93 16.32
C ASP A 358 -23.76 23.66 15.76
N GLY A 359 -23.06 22.65 16.24
CA GLY A 359 -21.75 22.37 15.74
C GLY A 359 -21.14 21.17 16.43
N TRP A 360 -19.86 20.93 16.13
CA TRP A 360 -19.14 19.80 16.71
C TRP A 360 -18.44 20.16 18.01
N TYR A 361 -18.01 21.41 18.16
CA TYR A 361 -17.35 21.87 19.39
C TYR A 361 -18.09 23.10 19.90
N GLY A 362 -18.39 23.10 21.20
CA GLY A 362 -19.26 24.11 21.77
C GLY A 362 -18.71 24.69 23.06
N PHE A 363 -19.28 25.83 23.45
CA PHE A 363 -18.86 26.58 24.62
C PHE A 363 -20.05 26.64 25.59
N ARG A 364 -19.97 25.89 26.68
CA ARG A 364 -20.99 25.95 27.73
C ARG A 364 -20.47 26.81 28.88
N HIS A 365 -21.24 27.83 29.25
CA HIS A 365 -20.84 28.77 30.29
C HIS A 365 -21.91 28.84 31.37
N GLN A 366 -21.47 28.77 32.62
CA GLN A 366 -22.34 28.96 33.77
C GLN A 366 -22.06 30.35 34.34
N ASN A 367 -23.11 31.16 34.49
CA ASN A 367 -22.97 32.54 34.89
C ASN A 367 -24.07 32.88 35.88
N ALA A 368 -23.96 34.08 36.47
CA ALA A 368 -24.97 34.54 37.43
C ALA A 368 -26.29 34.83 36.73
N GLN A 369 -26.24 35.29 35.48
CA GLN A 369 -27.47 35.53 34.73
C GLN A 369 -28.16 34.21 34.35
N GLY A 370 -27.37 33.20 34.00
CA GLY A 370 -27.95 31.92 33.66
C GLY A 370 -26.94 31.02 33.00
N GLU A 371 -27.46 29.96 32.39
CA GLU A 371 -26.67 28.93 31.73
C GLU A 371 -27.05 28.94 30.24
N GLY A 372 -26.04 29.08 29.38
CA GLY A 372 -26.25 29.08 27.95
C GLY A 372 -25.10 28.43 27.21
N THR A 373 -25.39 28.03 25.98
CA THR A 373 -24.42 27.30 25.17
C THR A 373 -24.40 27.87 23.75
N ALA A 374 -23.29 27.60 23.05
CA ALA A 374 -23.12 27.99 21.66
C ALA A 374 -22.21 26.98 20.99
N ALA A 375 -21.67 27.36 19.83
CA ALA A 375 -20.76 26.50 19.10
C ALA A 375 -19.66 27.34 18.46
N ASP A 376 -18.52 26.72 18.22
CA ASP A 376 -17.39 27.38 17.57
C ASP A 376 -17.41 27.05 16.08
N TYR A 377 -17.43 28.08 15.25
CA TYR A 377 -17.54 27.86 13.81
C TYR A 377 -16.20 27.52 13.18
N LYS A 378 -15.11 28.03 13.75
CA LYS A 378 -13.79 27.87 13.12
C LYS A 378 -13.30 26.42 13.24
N SER A 379 -13.36 25.84 14.44
CA SER A 379 -12.86 24.49 14.64
C SER A 379 -13.75 23.46 13.95
N THR A 380 -15.06 23.64 14.04
CA THR A 380 -16.00 22.77 13.34
C THR A 380 -15.83 22.86 11.83
N GLN A 381 -15.66 24.07 11.31
CA GLN A 381 -15.48 24.26 9.87
C GLN A 381 -14.17 23.63 9.39
N SER A 382 -13.10 23.77 10.17
CA SER A 382 -11.82 23.16 9.81
C SER A 382 -11.90 21.63 9.83
N ALA A 383 -12.59 21.06 10.84
CA ALA A 383 -12.75 19.62 10.89
C ALA A 383 -13.58 19.10 9.72
N ILE A 384 -14.65 19.82 9.36
CA ILE A 384 -15.50 19.40 8.25
C ILE A 384 -14.74 19.52 6.92
N ASP A 385 -13.92 20.57 6.77
CA ASP A 385 -13.10 20.73 5.57
C ASP A 385 -12.09 19.60 5.42
N GLN A 386 -11.44 19.21 6.52
CA GLN A 386 -10.45 18.13 6.41
C GLN A 386 -11.10 16.77 6.17
N ILE A 387 -12.27 16.53 6.76
CA ILE A 387 -12.98 15.28 6.50
C ILE A 387 -13.52 15.22 5.08
N THR A 388 -13.99 16.35 4.55
CA THR A 388 -14.45 16.38 3.14
C THR A 388 -13.26 16.27 2.22
N GLY A 389 -12.09 16.76 2.60
CA GLY A 389 -10.90 16.53 1.79
C GLY A 389 -10.51 15.07 1.72
N LYS A 390 -10.60 14.37 2.86
CA LYS A 390 -10.40 12.92 2.88
C LYS A 390 -11.41 12.21 1.97
N LEU A 391 -12.68 12.60 2.07
CA LEU A 391 -13.73 11.98 1.26
C LEU A 391 -13.54 12.25 -0.22
N ASN A 392 -13.17 13.48 -0.58
CA ASN A 392 -12.95 13.83 -1.98
C ASN A 392 -11.72 13.12 -2.53
N ARG A 393 -10.77 12.78 -1.67
CA ARG A 393 -9.62 12.01 -2.14
C ARG A 393 -9.99 10.55 -2.38
N LEU A 394 -10.76 9.93 -1.46
CA LEU A 394 -10.97 8.49 -1.59
C LEU A 394 -12.10 8.12 -2.55
N ILE A 395 -13.19 8.91 -2.58
CA ILE A 395 -14.45 8.48 -3.22
C ILE A 395 -14.27 8.31 -4.73
N GLU A 396 -13.39 9.10 -5.34
CA GLU A 396 -13.12 9.00 -6.78
C GLU A 396 -12.56 7.65 -7.18
N LYS A 397 -13.17 7.04 -8.19
CA LYS A 397 -12.73 5.75 -8.69
C LYS A 397 -11.80 5.92 -9.89
N THR A 398 -11.37 4.81 -10.45
CA THR A 398 -10.37 4.83 -11.51
C THR A 398 -10.97 5.20 -12.86
N ASN A 399 -10.09 5.55 -13.80
CA ASN A 399 -10.47 5.76 -15.18
C ASN A 399 -9.91 4.70 -16.12
N GLN A 400 -9.24 3.68 -15.57
CA GLN A 400 -8.70 2.60 -16.39
C GLN A 400 -9.81 1.65 -16.81
N GLN A 401 -9.81 1.26 -18.08
CA GLN A 401 -10.85 0.42 -18.65
C GLN A 401 -10.33 -1.02 -18.72
N PHE A 402 -11.09 -1.94 -18.14
CA PHE A 402 -10.71 -3.34 -18.08
C PHE A 402 -11.65 -4.16 -18.96
N GLU A 403 -11.08 -5.14 -19.65
CA GLU A 403 -11.83 -5.98 -20.58
C GLU A 403 -12.14 -7.32 -19.95
N LEU A 404 -12.96 -8.10 -20.65
CA LEU A 404 -13.11 -9.52 -20.32
C LEU A 404 -11.89 -10.29 -20.78
N ILE A 405 -11.38 -11.13 -19.90
CA ILE A 405 -10.26 -12.01 -20.23
C ILE A 405 -10.64 -13.48 -20.05
N ASP A 406 -11.85 -13.73 -19.53
CA ASP A 406 -12.34 -15.09 -19.27
C ASP A 406 -13.76 -15.15 -19.79
N ASN A 407 -14.16 -16.21 -20.50
CA ASN A 407 -15.55 -16.38 -20.94
C ASN A 407 -16.20 -17.21 -19.84
N GLU A 408 -17.12 -16.64 -19.08
CA GLU A 408 -17.83 -17.32 -17.97
C GLU A 408 -18.70 -18.43 -18.53
N PHE A 409 -19.35 -18.19 -19.66
CA PHE A 409 -20.26 -19.14 -20.30
C PHE A 409 -19.49 -20.34 -20.86
N THR A 410 -18.37 -20.14 -21.56
CA THR A 410 -17.54 -21.22 -22.16
C THR A 410 -16.14 -21.13 -21.57
N GLU A 411 -15.57 -22.19 -21.01
CA GLU A 411 -14.28 -22.12 -20.29
C GLU A 411 -13.11 -21.86 -21.23
N VAL A 412 -12.10 -21.16 -20.77
CA VAL A 412 -10.84 -20.89 -21.51
C VAL A 412 -9.91 -22.09 -21.30
N GLU A 413 -8.85 -22.23 -22.07
CA GLU A 413 -7.84 -23.29 -21.84
C GLU A 413 -7.57 -23.28 -20.35
N LYS A 414 -7.15 -24.41 -19.82
CA LYS A 414 -7.05 -24.60 -18.37
C LYS A 414 -5.72 -24.15 -17.81
N GLN A 415 -4.69 -24.03 -18.60
CA GLN A 415 -3.39 -23.52 -18.16
C GLN A 415 -3.44 -22.00 -18.02
N ILE A 416 -3.83 -21.29 -19.08
CA ILE A 416 -3.96 -19.84 -19.02
C ILE A 416 -5.12 -19.44 -18.12
N GLY A 417 -6.13 -20.31 -17.98
CA GLY A 417 -7.19 -20.05 -17.02
C GLY A 417 -6.72 -20.10 -15.59
N ASN A 418 -5.86 -21.07 -15.25
CA ASN A 418 -5.28 -21.13 -13.92
C ASN A 418 -4.32 -19.99 -13.66
N VAL A 419 -3.57 -19.56 -14.68
CA VAL A 419 -2.70 -18.40 -14.56
C VAL A 419 -3.51 -17.13 -14.28
N ILE A 420 -4.62 -16.96 -15.02
CA ILE A 420 -5.51 -15.81 -14.84
C ILE A 420 -6.13 -15.82 -13.45
N ASN A 421 -6.58 -17.00 -12.99
CA ASN A 421 -7.19 -17.12 -11.67
C ASN A 421 -6.20 -16.81 -10.55
N TRP A 422 -4.96 -17.31 -10.68
CA TRP A 422 -3.92 -17.01 -9.70
C TRP A 422 -3.58 -15.53 -9.67
N THR A 423 -3.49 -14.91 -10.84
CA THR A 423 -3.19 -13.47 -10.91
C THR A 423 -4.32 -12.64 -10.32
N ARG A 424 -5.57 -13.02 -10.59
CA ARG A 424 -6.70 -12.28 -10.04
C ARG A 424 -6.80 -12.42 -8.52
N ASP A 425 -6.52 -13.62 -7.99
CA ASP A 425 -6.51 -13.81 -6.54
C ASP A 425 -5.38 -13.01 -5.87
N SER A 426 -4.20 -12.97 -6.50
CA SER A 426 -3.11 -12.16 -5.96
C SER A 426 -3.44 -10.67 -5.98
N ILE A 427 -4.06 -10.20 -7.08
CA ILE A 427 -4.43 -8.80 -7.21
C ILE A 427 -5.51 -8.41 -6.20
N THR A 428 -6.51 -9.28 -6.01
CA THR A 428 -7.55 -8.94 -5.04
C THR A 428 -7.06 -9.09 -3.60
N GLU A 429 -6.04 -9.92 -3.36
CA GLU A 429 -5.43 -9.95 -2.03
C GLU A 429 -4.69 -8.65 -1.75
N VAL A 430 -3.96 -8.14 -2.75
CA VAL A 430 -3.26 -6.85 -2.63
C VAL A 430 -4.27 -5.73 -2.38
N TRP A 431 -5.37 -5.72 -3.13
CA TRP A 431 -6.35 -4.65 -2.98
C TRP A 431 -7.15 -4.76 -1.68
N SER A 432 -7.40 -5.97 -1.19
CA SER A 432 -8.06 -6.14 0.09
C SER A 432 -7.17 -5.67 1.25
N TYR A 433 -5.87 -5.99 1.18
CA TYR A 433 -4.94 -5.49 2.19
C TYR A 433 -4.83 -3.97 2.15
N ASN A 434 -4.80 -3.39 0.94
CA ASN A 434 -4.73 -1.94 0.81
C ASN A 434 -6.00 -1.28 1.32
N ALA A 435 -7.16 -1.91 1.10
CA ALA A 435 -8.44 -1.36 1.57
C ALA A 435 -8.51 -1.37 3.08
N GLU A 436 -8.13 -2.49 3.71
CA GLU A 436 -8.14 -2.58 5.17
C GLU A 436 -7.16 -1.59 5.79
N LEU A 437 -5.96 -1.47 5.21
CA LEU A 437 -4.96 -0.53 5.71
C LEU A 437 -5.42 0.91 5.56
N LEU A 438 -6.02 1.26 4.41
CA LEU A 438 -6.48 2.62 4.18
C LEU A 438 -7.62 3.00 5.13
N VAL A 439 -8.56 2.08 5.36
CA VAL A 439 -9.68 2.34 6.27
C VAL A 439 -9.16 2.55 7.70
N ALA A 440 -8.20 1.71 8.13
CA ALA A 440 -7.62 1.86 9.46
C ALA A 440 -6.86 3.18 9.62
N MET A 441 -6.07 3.55 8.60
CA MET A 441 -5.35 4.82 8.62
C MET A 441 -6.27 6.03 8.71
N GLU A 442 -7.30 6.07 7.85
CA GLU A 442 -8.15 7.26 7.85
C GLU A 442 -9.03 7.34 9.08
N ASN A 443 -9.43 6.19 9.65
CA ASN A 443 -10.18 6.22 10.91
C ASN A 443 -9.31 6.74 12.06
N GLN A 444 -8.08 6.23 12.17
CA GLN A 444 -7.17 6.67 13.21
C GLN A 444 -6.80 8.15 13.04
N HIS A 445 -6.58 8.58 11.80
CA HIS A 445 -6.23 9.97 11.54
C HIS A 445 -7.41 10.90 11.79
N THR A 446 -8.64 10.45 11.54
CA THR A 446 -9.81 11.26 11.86
C THR A 446 -9.98 11.44 13.37
N ILE A 447 -9.78 10.36 14.13
CA ILE A 447 -9.90 10.45 15.59
C ILE A 447 -8.81 11.35 16.17
N ASP A 448 -7.57 11.18 15.72
CA ASP A 448 -6.47 12.03 16.16
C ASP A 448 -6.64 13.47 15.69
N LEU A 449 -7.26 13.66 14.52
CA LEU A 449 -7.52 14.99 13.99
C LEU A 449 -8.54 15.74 14.85
N ALA A 450 -9.61 15.06 15.25
CA ALA A 450 -10.59 15.67 16.14
C ALA A 450 -10.00 15.98 17.51
N ASP A 451 -9.17 15.09 18.04
CA ASP A 451 -8.50 15.35 19.32
C ASP A 451 -7.54 16.53 19.22
N SER A 452 -6.83 16.66 18.10
CA SER A 452 -5.92 17.79 17.91
C SER A 452 -6.69 19.10 17.77
N GLU A 453 -7.84 19.08 17.10
CA GLU A 453 -8.64 20.30 16.99
C GLU A 453 -9.20 20.73 18.34
N MET A 454 -9.62 19.76 19.17
CA MET A 454 -10.03 20.09 20.53
C MET A 454 -8.89 20.65 21.37
N ASP A 455 -7.69 20.07 21.23
CA ASP A 455 -6.53 20.59 21.94
C ASP A 455 -6.18 22.01 21.49
N LYS A 456 -6.28 22.29 20.19
CA LYS A 456 -6.01 23.63 19.68
C LYS A 456 -7.02 24.64 20.19
N LEU A 457 -8.30 24.27 20.22
CA LEU A 457 -9.33 25.14 20.79
C LEU A 457 -9.10 25.42 22.27
N TYR A 458 -8.75 24.37 23.02
CA TYR A 458 -8.54 24.52 24.46
C TYR A 458 -7.32 25.38 24.76
N GLU A 459 -6.24 25.20 23.98
CA GLU A 459 -5.09 26.09 24.11
C GLU A 459 -5.44 27.52 23.71
N ARG A 460 -6.34 27.72 22.73
CA ARG A 460 -6.71 29.08 22.35
C ARG A 460 -7.45 29.80 23.48
N VAL A 461 -8.40 29.11 24.12
CA VAL A 461 -9.11 29.72 25.25
C VAL A 461 -8.18 29.89 26.44
N LYS A 462 -7.17 29.03 26.58
CA LYS A 462 -6.14 29.26 27.59
C LYS A 462 -5.28 30.48 27.27
N ARG A 463 -4.97 30.72 26.00
CA ARG A 463 -4.15 31.87 25.61
C ARG A 463 -4.93 33.16 25.76
N GLN A 464 -6.25 33.11 25.66
CA GLN A 464 -7.04 34.32 25.91
C GLN A 464 -7.07 34.67 27.39
N LEU A 465 -7.22 33.67 28.26
CA LEU A 465 -7.26 33.89 29.70
C LEU A 465 -5.83 33.86 30.23
N ARG A 466 -5.22 35.04 30.30
CA ARG A 466 -3.78 35.14 30.51
C ARG A 466 -3.42 34.84 31.97
N GLU A 467 -3.92 35.66 32.91
CA GLU A 467 -3.86 35.37 34.34
C GLU A 467 -5.19 35.67 35.01
N ASN A 468 -6.31 35.65 34.27
CA ASN A 468 -7.61 35.93 34.85
C ASN A 468 -8.35 34.66 35.28
N ALA A 469 -8.08 33.53 34.64
CA ALA A 469 -8.79 32.30 34.94
C ALA A 469 -7.78 31.17 35.08
N GLU A 470 -8.27 30.07 35.66
CA GLU A 470 -7.43 28.92 36.02
C GLU A 470 -8.06 27.68 35.44
N GLU A 471 -7.38 26.54 35.51
CA GLU A 471 -7.81 25.30 34.87
C GLU A 471 -8.48 24.35 35.86
N ASP A 472 -9.78 24.08 35.68
CA ASP A 472 -10.50 23.26 36.65
C ASP A 472 -10.65 21.81 36.20
N GLY A 473 -9.53 21.10 36.08
CA GLY A 473 -9.53 19.64 36.12
C GLY A 473 -10.16 18.92 34.93
N THR A 474 -11.46 19.16 34.69
CA THR A 474 -12.23 18.34 33.76
C THR A 474 -12.31 18.92 32.36
N GLY A 475 -11.53 19.95 32.06
CA GLY A 475 -11.60 20.60 30.77
C GLY A 475 -12.27 21.96 30.79
N CYS A 476 -12.54 22.50 31.97
CA CYS A 476 -13.21 23.78 32.12
C CYS A 476 -12.24 24.84 32.63
N PHE A 477 -12.69 26.08 32.59
CA PHE A 477 -11.97 27.21 33.17
C PHE A 477 -12.84 27.86 34.23
N GLU A 478 -12.28 28.08 35.41
CA GLU A 478 -13.02 28.72 36.50
C GLU A 478 -12.73 30.21 36.42
N ILE A 479 -13.72 30.98 35.97
CA ILE A 479 -13.57 32.42 35.82
C ILE A 479 -13.64 33.06 37.20
N PHE A 480 -12.62 33.82 37.56
CA PHE A 480 -12.61 34.52 38.86
C PHE A 480 -13.26 35.89 38.79
N HIS A 481 -13.14 36.60 37.67
CA HIS A 481 -13.70 37.95 37.63
C HIS A 481 -15.18 37.90 37.24
N LYS A 482 -15.94 38.81 37.84
CA LYS A 482 -17.35 38.96 37.50
C LYS A 482 -17.46 39.54 36.10
N CYS A 483 -17.99 38.74 35.17
CA CYS A 483 -18.19 39.21 33.80
C CYS A 483 -19.39 38.49 33.20
N ASP A 484 -20.21 39.24 32.47
CA ASP A 484 -21.56 38.87 32.09
C ASP A 484 -21.58 38.03 30.81
N ASP A 485 -22.75 37.94 30.18
CA ASP A 485 -22.87 37.23 28.91
C ASP A 485 -22.12 37.95 27.79
N ASP A 486 -21.93 39.27 27.92
CA ASP A 486 -21.09 40.00 26.98
C ASP A 486 -19.64 39.54 27.07
N CYS A 487 -19.17 39.25 28.28
CA CYS A 487 -17.87 38.62 28.48
C CYS A 487 -17.77 37.24 27.86
N MET A 488 -18.84 36.43 27.98
CA MET A 488 -18.82 35.10 27.40
C MET A 488 -18.81 35.14 25.87
N ALA A 489 -19.56 36.09 25.30
CA ALA A 489 -19.51 36.27 23.85
C ALA A 489 -18.20 36.90 23.40
N SER A 490 -17.54 37.66 24.29
CA SER A 490 -16.24 38.22 23.95
C SER A 490 -15.15 37.17 24.04
N ILE A 491 -15.35 36.14 24.87
CA ILE A 491 -14.37 35.06 24.92
C ILE A 491 -14.69 34.01 23.85
N ARG A 492 -15.90 34.06 23.28
CA ARG A 492 -16.23 33.19 22.17
C ARG A 492 -15.44 33.58 20.91
N ASN A 493 -15.41 34.86 20.59
CA ASN A 493 -14.53 35.32 19.53
C ASN A 493 -13.18 35.72 20.14
N ASN A 494 -12.25 36.15 19.29
CA ASN A 494 -10.90 36.48 19.76
C ASN A 494 -10.78 37.98 20.01
N THR A 495 -11.67 38.50 20.87
CA THR A 495 -11.66 39.92 21.23
C THR A 495 -11.56 40.17 22.73
N TYR A 496 -11.27 39.14 23.52
CA TYR A 496 -11.24 39.28 24.97
C TYR A 496 -9.99 40.06 25.40
N ASP A 497 -10.20 41.07 26.24
CA ASP A 497 -9.12 41.92 26.73
C ASP A 497 -8.79 41.48 28.14
N HIS A 498 -7.52 41.16 28.38
CA HIS A 498 -7.11 40.70 29.70
C HIS A 498 -6.85 41.84 30.67
N SER A 499 -6.51 43.02 30.15
CA SER A 499 -6.06 44.11 31.03
C SER A 499 -7.22 44.76 31.77
N LYS A 500 -8.43 44.62 31.25
CA LYS A 500 -9.59 45.27 31.86
C LYS A 500 -10.01 44.60 33.16
N TYR A 501 -9.72 43.31 33.31
CA TYR A 501 -10.16 42.56 34.49
C TYR A 501 -8.99 41.99 35.28
N ARG A 502 -7.74 42.37 34.93
CA ARG A 502 -6.55 41.69 35.46
C ARG A 502 -6.36 41.94 36.94
N GLU A 503 -6.62 43.16 37.40
CA GLU A 503 -6.37 43.52 38.79
C GLU A 503 -7.29 42.77 39.74
N GLU A 504 -8.58 42.75 39.44
CA GLU A 504 -9.55 42.13 40.35
C GLU A 504 -9.44 40.60 40.27
N ALA A 505 -9.16 40.06 39.08
CA ALA A 505 -8.98 38.61 38.95
C ALA A 505 -7.71 38.13 39.65
N MET A 506 -6.63 38.91 39.55
CA MET A 506 -5.39 38.55 40.23
C MET A 506 -5.54 38.66 41.74
N GLN A 507 -6.28 39.67 42.20
CA GLN A 507 -6.60 39.80 43.62
C GLN A 507 -7.46 38.63 44.11
N ASN A 508 -8.32 38.12 43.23
CA ASN A 508 -9.10 36.93 43.58
C ASN A 508 -8.24 35.68 43.63
N ARG A 509 -7.23 35.58 42.75
CA ARG A 509 -6.38 34.39 42.77
C ARG A 509 -5.43 34.38 43.96
N ILE A 510 -4.86 35.53 44.32
CA ILE A 510 -3.88 35.56 45.40
C ILE A 510 -4.56 35.33 46.75
N GLN A 511 -5.73 35.94 46.96
CA GLN A 511 -6.51 35.73 48.18
C GLN A 511 -7.05 34.31 48.28
N GLN B 1 -35.43 18.13 -1.64
CA GLN B 1 -36.34 19.03 -2.33
C GLN B 1 -37.06 19.94 -1.35
N VAL B 2 -36.29 20.65 -0.52
CA VAL B 2 -36.87 21.56 0.47
C VAL B 2 -37.26 22.85 -0.21
N GLN B 3 -38.52 23.25 -0.05
CA GLN B 3 -39.05 24.47 -0.63
C GLN B 3 -39.53 25.38 0.48
N LEU B 4 -39.05 26.63 0.48
CA LEU B 4 -39.39 27.59 1.54
C LEU B 4 -40.51 28.52 1.05
N LEU B 5 -41.69 27.94 0.89
CA LEU B 5 -42.85 28.70 0.42
C LEU B 5 -43.33 29.67 1.48
N GLU B 6 -43.81 30.82 1.04
CA GLU B 6 -44.20 31.91 1.92
C GLU B 6 -45.69 32.18 1.82
N SER B 7 -46.28 32.60 2.94
CA SER B 7 -47.70 32.93 3.02
C SER B 7 -47.87 34.25 3.75
N GLY B 8 -48.82 35.06 3.28
CA GLY B 8 -49.10 36.34 3.87
C GLY B 8 -50.38 36.95 3.35
N PRO B 9 -50.85 38.02 4.01
CA PRO B 9 -52.09 38.67 3.54
C PRO B 9 -51.92 39.44 2.25
N GLY B 10 -50.85 40.24 2.14
CA GLY B 10 -50.60 41.04 0.96
C GLY B 10 -51.17 42.43 0.99
N LEU B 11 -52.11 42.71 1.90
CA LEU B 11 -52.70 44.04 2.05
C LEU B 11 -52.66 44.41 3.53
N VAL B 12 -51.89 45.44 3.86
CA VAL B 12 -51.65 45.83 5.24
C VAL B 12 -52.23 47.21 5.47
N LYS B 13 -53.08 47.34 6.49
CA LYS B 13 -53.53 48.65 6.92
C LYS B 13 -52.38 49.39 7.61
N PRO B 14 -52.32 50.72 7.47
CA PRO B 14 -51.24 51.47 8.14
C PRO B 14 -51.38 51.46 9.66
N SER B 15 -50.22 51.52 10.33
CA SER B 15 -50.10 51.50 11.79
C SER B 15 -50.76 50.27 12.42
N GLN B 16 -50.59 49.13 11.77
CA GLN B 16 -51.13 47.86 12.24
C GLN B 16 -50.04 46.79 12.17
N THR B 17 -50.36 45.61 12.71
CA THR B 17 -49.42 44.50 12.69
C THR B 17 -49.52 43.73 11.38
N LEU B 18 -48.42 43.09 11.01
CA LEU B 18 -48.34 42.26 9.81
C LEU B 18 -47.70 40.93 10.16
N SER B 19 -48.32 39.84 9.74
CA SER B 19 -47.84 38.50 10.00
C SER B 19 -47.33 37.91 8.69
N LEU B 20 -46.05 37.53 8.66
CA LEU B 20 -45.43 36.92 7.50
C LEU B 20 -44.86 35.56 7.92
N THR B 21 -45.44 34.48 7.39
CA THR B 21 -45.05 33.13 7.73
C THR B 21 -44.41 32.47 6.51
N CYS B 22 -43.20 31.93 6.70
CA CYS B 22 -42.52 31.17 5.67
C CYS B 22 -42.57 29.69 6.05
N THR B 23 -43.43 28.93 5.37
CA THR B 23 -43.62 27.52 5.67
C THR B 23 -42.51 26.70 5.02
N VAL B 24 -41.97 25.76 5.78
CA VAL B 24 -40.88 24.90 5.30
C VAL B 24 -41.49 23.59 4.82
N SER B 25 -41.38 23.34 3.52
CA SER B 25 -41.87 22.10 2.91
C SER B 25 -40.66 21.23 2.56
N GLY B 26 -40.31 20.33 3.47
CA GLY B 26 -39.14 19.50 3.27
C GLY B 26 -39.00 18.50 4.39
N GLY B 27 -37.75 18.31 4.82
CA GLY B 27 -37.48 17.38 5.90
C GLY B 27 -37.98 17.88 7.25
N SER B 28 -37.33 18.92 7.77
CA SER B 28 -37.70 19.48 9.06
C SER B 28 -37.17 20.90 9.15
N VAL B 29 -37.75 21.66 10.09
CA VAL B 29 -37.23 22.95 10.49
C VAL B 29 -36.41 22.85 11.77
N SER B 30 -36.58 21.76 12.52
CA SER B 30 -35.88 21.52 13.78
C SER B 30 -34.57 20.76 13.59
N ARG B 31 -33.94 20.87 12.41
CA ARG B 31 -32.70 20.14 12.16
C ARG B 31 -31.53 20.74 12.93
N GLY B 32 -31.46 22.06 13.01
CA GLY B 32 -30.36 22.73 13.66
C GLY B 32 -29.20 22.96 12.71
N GLY B 33 -28.32 23.87 13.10
CA GLY B 33 -27.21 24.24 12.25
C GLY B 33 -27.57 25.13 11.08
N TYR B 34 -28.67 25.87 11.17
CA TYR B 34 -29.12 26.76 10.12
C TYR B 34 -29.52 28.10 10.70
N TYR B 35 -29.30 29.22 10.00
CA TYR B 35 -29.81 30.56 10.41
C TYR B 35 -31.08 30.79 9.59
N TRP B 36 -32.28 30.71 10.16
CA TRP B 36 -33.56 30.95 9.52
C TRP B 36 -33.79 32.46 9.46
N THR B 37 -33.62 33.03 8.26
CA THR B 37 -33.49 34.47 8.09
C THR B 37 -34.66 35.02 7.29
N TRP B 38 -34.98 36.29 7.56
CA TRP B 38 -35.92 37.06 6.77
C TRP B 38 -35.18 38.20 6.10
N ILE B 39 -35.33 38.30 4.78
CA ILE B 39 -34.65 39.31 3.98
C ILE B 39 -35.69 40.05 3.16
N ARG B 40 -35.62 41.38 3.14
CA ARG B 40 -36.57 42.18 2.37
C ARG B 40 -35.85 43.17 1.48
N GLN B 41 -36.54 43.58 0.41
CA GLN B 41 -36.01 44.57 -0.53
C GLN B 41 -37.17 45.39 -1.06
N HIS B 42 -37.08 46.71 -0.95
CA HIS B 42 -37.93 47.57 -1.74
C HIS B 42 -37.37 47.67 -3.16
N PRO B 43 -38.24 47.69 -4.19
CA PRO B 43 -37.75 47.82 -5.57
C PRO B 43 -37.06 49.16 -5.80
N GLY B 44 -35.97 49.11 -6.56
CA GLY B 44 -35.10 50.27 -6.70
C GLY B 44 -34.13 50.48 -5.57
N LYS B 45 -34.11 49.62 -4.56
CA LYS B 45 -33.22 49.82 -3.40
C LYS B 45 -32.36 48.57 -3.28
N GLY B 46 -31.73 48.32 -2.15
CA GLY B 46 -31.01 47.11 -1.83
C GLY B 46 -31.73 46.23 -0.83
N LEU B 47 -31.28 44.98 -0.75
CA LEU B 47 -31.71 44.06 0.29
C LEU B 47 -31.32 44.57 1.67
N GLU B 48 -32.19 44.31 2.64
CA GLU B 48 -32.00 44.70 4.03
C GLU B 48 -32.29 43.50 4.92
N TRP B 49 -31.30 43.10 5.70
CA TRP B 49 -31.45 41.97 6.60
C TRP B 49 -32.36 42.37 7.76
N ILE B 50 -33.26 41.46 8.15
CA ILE B 50 -34.23 41.74 9.20
C ILE B 50 -33.88 41.05 10.50
N ALA B 51 -33.89 39.71 10.50
CA ALA B 51 -33.64 38.94 11.71
C ALA B 51 -33.21 37.54 11.32
N TYR B 52 -32.57 36.86 12.26
CA TYR B 52 -32.22 35.45 12.11
C TYR B 52 -32.55 34.74 13.41
N VAL B 53 -33.05 33.51 13.30
CA VAL B 53 -33.35 32.68 14.46
C VAL B 53 -32.83 31.28 14.17
N THR B 54 -32.49 30.56 15.24
CA THR B 54 -32.04 29.18 15.16
C THR B 54 -32.96 28.31 16.01
N TYR B 55 -32.79 26.99 15.88
CA TYR B 55 -33.57 26.08 16.72
C TYR B 55 -33.07 26.11 18.16
N SER B 56 -31.78 26.40 18.35
CA SER B 56 -31.22 26.49 19.69
C SER B 56 -31.74 27.70 20.46
N GLY B 57 -32.19 28.74 19.77
CA GLY B 57 -32.79 29.89 20.41
C GLY B 57 -32.04 31.20 20.25
N ASP B 58 -30.94 31.23 19.51
CA ASP B 58 -30.20 32.47 19.31
C ASP B 58 -30.94 33.37 18.33
N THR B 59 -31.07 34.64 18.69
CA THR B 59 -31.92 35.59 17.96
C THR B 59 -31.27 36.97 17.97
N SER B 60 -31.13 37.54 16.78
CA SER B 60 -30.52 38.90 16.68
C SER B 60 -31.26 39.64 15.60
N TYR B 61 -32.22 40.48 15.98
CA TYR B 61 -33.03 41.26 15.02
C TYR B 61 -32.13 42.39 14.48
N ASN B 62 -32.47 42.95 13.32
CA ASN B 62 -31.58 43.97 12.71
C ASN B 62 -31.49 45.11 13.67
N PRO B 63 -30.31 45.71 13.89
CA PRO B 63 -30.23 46.89 14.73
C PRO B 63 -31.11 47.99 14.14
N SER B 64 -31.46 47.91 12.84
CA SER B 64 -32.23 49.01 12.24
C SER B 64 -33.58 49.19 12.94
N LEU B 65 -34.24 48.11 13.34
CA LEU B 65 -35.62 48.22 13.95
C LEU B 65 -35.89 47.04 14.88
N ARG B 66 -35.19 46.97 16.01
CA ARG B 66 -35.33 45.79 16.94
C ARG B 66 -36.75 45.69 17.50
N GLY B 67 -37.36 46.82 17.89
CA GLY B 67 -38.70 46.78 18.49
C GLY B 67 -39.76 46.32 17.51
N ARG B 68 -39.74 46.82 16.27
CA ARG B 68 -40.84 46.52 15.32
C ARG B 68 -40.92 45.03 14.93
N VAL B 69 -39.81 44.33 14.80
CA VAL B 69 -39.86 42.95 14.25
C VAL B 69 -39.67 41.88 15.32
N THR B 70 -40.49 40.85 15.29
CA THR B 70 -40.30 39.71 16.23
C THR B 70 -40.19 38.43 15.41
N ILE B 71 -39.14 37.62 15.61
CA ILE B 71 -39.08 36.32 14.87
C ILE B 71 -39.26 35.15 15.84
N SER B 72 -40.04 34.14 15.47
CA SER B 72 -40.29 32.99 16.33
C SER B 72 -40.25 31.73 15.49
N LEU B 73 -39.73 30.66 16.08
CA LEU B 73 -39.62 29.37 15.41
C LEU B 73 -40.70 28.44 15.94
N GLU B 74 -41.51 27.90 15.03
CA GLU B 74 -42.67 27.10 15.38
C GLU B 74 -42.51 25.70 14.77
N THR B 75 -42.19 24.74 15.63
CA THR B 75 -41.82 23.40 15.16
C THR B 75 -43.05 22.60 14.72
N SER B 76 -44.19 22.83 15.38
CA SER B 76 -45.36 21.96 15.21
C SER B 76 -45.97 22.07 13.81
N MET B 77 -46.06 23.28 13.27
CA MET B 77 -46.52 23.49 11.91
C MET B 77 -45.40 23.77 10.92
N ASN B 78 -44.15 23.53 11.31
CA ASN B 78 -42.98 23.49 10.42
C ASN B 78 -42.73 24.83 9.73
N GLN B 79 -42.81 25.93 10.49
CA GLN B 79 -42.66 27.25 9.92
C GLN B 79 -42.03 28.20 10.92
N PHE B 80 -41.48 29.29 10.41
CA PHE B 80 -40.97 30.39 11.23
C PHE B 80 -41.58 31.68 10.71
N SER B 81 -42.08 32.50 11.64
CA SER B 81 -42.87 33.67 11.29
C SER B 81 -42.16 34.95 11.71
N LEU B 82 -42.36 36.00 10.91
CA LEU B 82 -41.87 37.33 11.22
C LEU B 82 -43.06 38.27 11.37
N LYS B 83 -43.11 38.97 12.50
CA LYS B 83 -44.21 39.86 12.81
C LYS B 83 -43.69 41.29 12.91
N VAL B 84 -44.17 42.22 12.08
CA VAL B 84 -43.73 43.65 12.15
C VAL B 84 -44.92 44.52 12.53
N THR B 85 -44.88 45.18 13.70
CA THR B 85 -45.94 46.05 14.19
C THR B 85 -45.71 47.48 13.73
N SER B 86 -46.79 48.25 13.69
CA SER B 86 -46.84 49.64 13.22
C SER B 86 -46.27 49.78 11.82
N VAL B 87 -46.94 49.12 10.86
CA VAL B 87 -46.42 49.08 9.49
C VAL B 87 -46.73 50.38 8.78
N THR B 88 -45.70 50.99 8.20
CA THR B 88 -45.81 52.28 7.50
C THR B 88 -45.61 51.98 6.02
N VAL B 89 -45.53 52.99 5.17
CA VAL B 89 -45.33 52.86 3.73
C VAL B 89 -43.93 52.34 3.43
N ALA B 90 -42.93 52.78 4.21
CA ALA B 90 -41.56 52.34 3.99
C ALA B 90 -41.36 50.88 4.40
N ASP B 91 -42.25 50.34 5.23
CA ASP B 91 -42.17 48.94 5.60
C ASP B 91 -42.64 48.02 4.49
N THR B 92 -43.37 48.58 3.51
CA THR B 92 -43.88 47.77 2.41
C THR B 92 -42.77 47.46 1.42
N ALA B 93 -42.49 46.16 1.25
CA ALA B 93 -41.42 45.70 0.37
C ALA B 93 -41.69 44.25 0.02
N LEU B 94 -40.86 43.72 -0.88
CA LEU B 94 -40.90 42.30 -1.22
C LEU B 94 -40.06 41.52 -0.22
N TYR B 95 -40.64 40.47 0.35
CA TYR B 95 -40.05 39.75 1.46
C TYR B 95 -39.54 38.38 1.01
N PHE B 96 -38.42 37.95 1.58
CA PHE B 96 -37.84 36.65 1.29
C PHE B 96 -37.51 35.94 2.61
N CYS B 97 -37.58 34.62 2.58
CA CYS B 97 -37.10 33.78 3.68
C CYS B 97 -36.02 32.85 3.14
N ALA B 98 -35.01 32.59 3.96
CA ALA B 98 -33.87 31.81 3.52
C ALA B 98 -33.41 30.88 4.63
N ARG B 99 -32.84 29.75 4.23
CA ARG B 99 -32.20 28.82 5.14
C ARG B 99 -30.69 28.92 4.90
N VAL B 100 -30.01 29.71 5.70
CA VAL B 100 -28.58 29.94 5.57
C VAL B 100 -27.87 28.92 6.44
N PRO B 101 -27.05 28.03 5.87
CA PRO B 101 -26.37 27.03 6.68
C PRO B 101 -25.27 27.63 7.54
N PHE B 102 -25.04 27.11 8.74
CA PHE B 102 -24.02 27.70 9.63
C PHE B 102 -22.64 27.37 9.07
N TYR B 103 -22.48 26.21 8.42
CA TYR B 103 -21.17 25.74 7.90
C TYR B 103 -21.28 25.47 6.41
N TYR B 104 -20.15 25.21 5.74
CA TYR B 104 -20.20 24.80 4.31
C TYR B 104 -19.85 23.33 4.17
N ASP B 105 -20.79 22.51 3.75
CA ASP B 105 -20.50 21.10 3.51
C ASP B 105 -20.94 20.75 2.10
N THR B 106 -19.99 20.44 1.19
CA THR B 106 -20.37 19.98 -0.16
C THR B 106 -20.90 18.57 -0.05
N ARG B 107 -20.30 17.73 0.78
CA ARG B 107 -20.66 16.29 0.79
C ARG B 107 -21.49 15.84 1.98
N GLY B 108 -22.13 16.71 2.73
CA GLY B 108 -23.03 16.22 3.78
C GLY B 108 -22.43 15.59 5.02
N VAL B 109 -21.22 16.01 5.44
CA VAL B 109 -20.62 15.50 6.71
C VAL B 109 -21.30 16.05 7.97
N PHE B 110 -21.68 17.33 8.05
CA PHE B 110 -22.41 17.79 9.26
C PHE B 110 -23.92 17.68 9.08
N TYR B 111 -24.45 18.13 7.96
CA TYR B 111 -25.91 18.17 7.72
C TYR B 111 -26.49 16.76 7.57
N GLY B 112 -25.76 15.85 6.94
CA GLY B 112 -26.21 14.46 6.84
C GLY B 112 -26.80 14.09 5.50
N ASN B 113 -27.14 15.04 4.62
CA ASN B 113 -27.83 14.65 3.37
C ASN B 113 -27.08 15.07 2.10
N ALA B 114 -26.38 16.20 2.10
CA ALA B 114 -25.59 16.71 0.93
C ALA B 114 -26.48 17.56 0.05
N GLU B 115 -27.75 17.66 0.40
CA GLU B 115 -28.65 18.59 -0.31
C GLU B 115 -29.08 19.52 0.82
N GLY B 116 -28.64 19.19 2.03
CA GLY B 116 -28.92 20.05 3.19
C GLY B 116 -27.79 21.00 3.41
N GLY B 117 -26.83 21.02 2.51
CA GLY B 117 -25.71 21.97 2.64
C GLY B 117 -25.97 23.18 1.81
N PHE B 118 -27.21 23.34 1.32
CA PHE B 118 -27.53 24.44 0.38
C PHE B 118 -28.27 25.60 1.05
N GLU B 119 -28.17 26.78 0.48
CA GLU B 119 -28.88 27.97 0.98
C GLU B 119 -30.09 28.22 0.10
N ILE B 120 -31.22 27.67 0.42
CA ILE B 120 -32.51 27.66 -0.28
C ILE B 120 -33.28 28.92 0.10
N TRP B 121 -33.74 29.65 -0.92
CA TRP B 121 -34.44 30.91 -0.74
C TRP B 121 -35.90 30.74 -1.15
N GLY B 122 -36.77 31.53 -0.55
CA GLY B 122 -38.17 31.50 -0.90
C GLY B 122 -38.46 32.22 -2.19
N GLN B 123 -39.66 31.97 -2.73
CA GLN B 123 -40.06 32.59 -3.99
C GLN B 123 -40.31 34.09 -3.81
N GLY B 124 -40.89 34.48 -2.67
CA GLY B 124 -41.14 35.87 -2.40
C GLY B 124 -42.62 36.22 -2.30
N THR B 125 -42.97 37.07 -1.34
CA THR B 125 -44.34 37.51 -1.15
C THR B 125 -44.33 39.01 -0.87
N MET B 126 -44.84 39.79 -1.83
CA MET B 126 -44.89 41.23 -1.68
C MET B 126 -46.02 41.63 -0.72
N ALA B 127 -45.71 42.56 0.17
CA ALA B 127 -46.66 43.04 1.16
C ALA B 127 -46.81 44.54 1.04
N THR B 128 -48.05 45.01 1.13
CA THR B 128 -48.35 46.43 1.08
C THR B 128 -48.87 46.93 2.42
N ASP C 1 -22.74 47.39 12.73
CA ASP C 1 -23.09 48.38 11.68
C ASP C 1 -21.90 48.48 10.73
N ILE C 2 -21.17 47.37 10.58
CA ILE C 2 -19.95 47.43 9.76
C ILE C 2 -20.41 48.04 8.44
N GLN C 3 -19.69 49.05 7.95
CA GLN C 3 -20.20 49.72 6.74
C GLN C 3 -19.85 48.87 5.52
N MET C 4 -20.86 48.24 4.93
CA MET C 4 -20.64 47.45 3.71
C MET C 4 -20.96 48.31 2.49
N THR C 5 -20.00 49.11 2.04
CA THR C 5 -20.15 49.90 0.82
C THR C 5 -19.57 49.14 -0.37
N GLN C 6 -20.09 49.46 -1.55
CA GLN C 6 -19.67 48.87 -2.81
C GLN C 6 -19.44 49.97 -3.82
N SER C 7 -18.48 49.76 -4.73
CA SER C 7 -18.13 50.77 -5.71
C SER C 7 -17.50 50.13 -6.93
N PRO C 8 -17.83 50.58 -8.15
CA PRO C 8 -18.87 51.58 -8.46
C PRO C 8 -20.26 50.95 -8.59
N SER C 9 -21.30 51.78 -8.58
CA SER C 9 -22.67 51.26 -8.53
C SER C 9 -23.09 50.65 -9.86
N SER C 10 -22.76 51.31 -10.98
CA SER C 10 -23.21 50.87 -12.30
C SER C 10 -22.02 50.48 -13.15
N LEU C 11 -22.10 49.30 -13.77
CA LEU C 11 -21.06 48.80 -14.65
C LEU C 11 -21.67 48.43 -16.00
N SER C 12 -20.93 48.72 -17.06
CA SER C 12 -21.30 48.31 -18.42
C SER C 12 -20.09 47.69 -19.07
N ALA C 13 -20.25 46.48 -19.61
CA ALA C 13 -19.14 45.77 -20.24
C ALA C 13 -19.68 44.87 -21.34
N SER C 14 -18.78 44.51 -22.26
CA SER C 14 -19.14 43.65 -23.37
C SER C 14 -19.05 42.18 -22.97
N VAL C 15 -19.53 41.32 -23.86
CA VAL C 15 -19.52 39.89 -23.60
C VAL C 15 -18.11 39.34 -23.73
N GLY C 16 -17.66 38.62 -22.70
CA GLY C 16 -16.33 38.05 -22.70
C GLY C 16 -15.27 38.89 -22.01
N ASP C 17 -15.65 40.01 -21.42
CA ASP C 17 -14.72 40.88 -20.71
C ASP C 17 -14.73 40.56 -19.22
N ARG C 18 -13.55 40.57 -18.61
CA ARG C 18 -13.45 40.30 -17.19
C ARG C 18 -14.01 41.46 -16.37
N VAL C 19 -14.85 41.12 -15.39
CA VAL C 19 -15.47 42.12 -14.52
C VAL C 19 -14.79 42.01 -13.16
N THR C 20 -14.05 43.05 -12.79
CA THR C 20 -13.43 43.13 -11.47
C THR C 20 -14.31 44.02 -10.60
N ILE C 21 -14.81 43.45 -9.50
CA ILE C 21 -15.80 44.11 -8.66
C ILE C 21 -15.30 44.07 -7.22
N THR C 22 -15.58 45.15 -6.47
CA THR C 22 -14.98 45.36 -5.16
C THR C 22 -16.10 45.49 -4.12
N CYS C 23 -15.91 44.83 -2.98
CA CYS C 23 -16.77 44.98 -1.82
C CYS C 23 -15.91 45.45 -0.65
N ARG C 24 -16.29 46.55 -0.02
CA ARG C 24 -15.48 47.21 0.99
C ARG C 24 -16.16 47.13 2.35
N ALA C 25 -15.42 46.68 3.36
CA ALA C 25 -15.90 46.61 4.73
C ALA C 25 -15.07 47.52 5.62
N SER C 26 -15.71 48.13 6.61
CA SER C 26 -15.00 49.05 7.50
C SER C 26 -14.13 48.31 8.51
N GLN C 27 -14.68 47.29 9.14
CA GLN C 27 -13.93 46.65 10.24
C GLN C 27 -13.02 45.57 9.68
N GLY C 28 -12.23 44.93 10.55
CA GLY C 28 -11.41 43.82 10.07
C GLY C 28 -12.24 42.56 10.03
N ILE C 29 -13.22 42.50 9.12
CA ILE C 29 -14.11 41.32 9.04
C ILE C 29 -13.19 40.12 8.80
N THR C 30 -13.40 39.04 9.53
CA THR C 30 -12.43 37.94 9.40
C THR C 30 -13.04 36.80 8.59
N ASN C 31 -12.66 36.69 7.32
CA ASN C 31 -13.05 35.50 6.54
C ASN C 31 -14.56 35.24 6.55
N ASP C 32 -15.38 36.27 6.43
CA ASP C 32 -16.85 36.03 6.34
C ASP C 32 -17.46 36.91 5.25
N LEU C 33 -17.64 36.40 4.02
CA LEU C 33 -18.30 37.25 3.00
C LEU C 33 -19.01 36.42 1.96
N ARG C 34 -20.32 36.34 2.08
CA ARG C 34 -21.14 35.62 1.12
C ARG C 34 -21.50 36.55 -0.04
N TRP C 35 -21.38 36.06 -1.27
CA TRP C 35 -21.73 36.85 -2.44
C TRP C 35 -23.06 36.38 -2.98
N TYR C 36 -23.98 37.32 -3.21
CA TYR C 36 -25.32 37.01 -3.68
C TYR C 36 -25.55 37.63 -5.05
N GLN C 37 -26.10 36.83 -5.97
CA GLN C 37 -26.53 37.29 -7.28
C GLN C 37 -28.04 37.09 -7.39
N GLN C 38 -28.76 38.15 -7.74
CA GLN C 38 -30.19 38.03 -8.03
C GLN C 38 -30.45 38.53 -9.44
N LYS C 39 -31.30 37.81 -10.17
CA LYS C 39 -31.87 38.36 -11.38
C LYS C 39 -32.98 39.33 -11.01
N PRO C 40 -33.28 40.32 -11.85
CA PRO C 40 -34.39 41.23 -11.54
C PRO C 40 -35.73 40.51 -11.54
N GLY C 41 -36.49 40.71 -10.47
CA GLY C 41 -37.73 39.97 -10.25
C GLY C 41 -37.50 38.49 -9.99
N LYS C 42 -36.47 38.16 -9.24
CA LYS C 42 -36.17 36.74 -9.00
C LYS C 42 -35.39 36.56 -7.70
N ALA C 43 -35.58 35.44 -7.02
CA ALA C 43 -34.98 35.16 -5.72
C ALA C 43 -33.46 35.12 -5.84
N PRO C 44 -32.73 35.70 -4.89
CA PRO C 44 -31.26 35.65 -4.95
C PRO C 44 -30.74 34.25 -4.66
N GLN C 45 -29.52 34.05 -5.14
CA GLN C 45 -28.85 32.74 -4.99
C GLN C 45 -27.39 33.06 -4.67
N CYS C 46 -26.70 32.27 -3.87
CA CYS C 46 -25.34 32.54 -3.43
C CYS C 46 -24.35 32.00 -4.46
N LEU C 47 -23.23 32.70 -4.62
CA LEU C 47 -22.17 32.28 -5.52
C LEU C 47 -20.91 31.90 -4.75
N ILE C 48 -20.39 32.80 -3.93
CA ILE C 48 -19.12 32.64 -3.23
C ILE C 48 -19.40 32.72 -1.74
N SER C 49 -19.31 31.59 -1.06
CA SER C 49 -19.33 31.54 0.40
C SER C 49 -17.88 31.47 0.89
N SER C 50 -17.60 32.09 2.03
CA SER C 50 -16.31 32.17 2.71
C SER C 50 -15.24 32.88 1.88
N ALA C 51 -15.62 33.71 0.90
CA ALA C 51 -14.84 34.75 0.24
C ALA C 51 -13.67 34.28 -0.64
N SER C 52 -13.40 32.97 -0.77
CA SER C 52 -12.26 32.52 -1.55
C SER C 52 -12.54 31.27 -2.40
N ARG C 53 -13.79 30.78 -2.23
CA ARG C 53 -14.21 29.49 -2.84
C ARG C 53 -15.68 29.45 -3.30
N LEU C 54 -16.01 28.50 -4.18
CA LEU C 54 -17.32 28.43 -4.82
C LEU C 54 -18.31 27.55 -4.04
N GLN C 55 -19.59 27.77 -4.33
CA GLN C 55 -20.66 26.87 -3.90
C GLN C 55 -20.90 25.81 -4.98
N SER C 56 -21.25 24.59 -4.55
CA SER C 56 -21.62 23.54 -5.48
C SER C 56 -22.92 23.90 -6.21
N GLY C 57 -22.97 23.53 -7.49
CA GLY C 57 -24.07 23.93 -8.34
C GLY C 57 -23.89 25.27 -9.03
N VAL C 58 -22.81 25.97 -8.73
CA VAL C 58 -22.49 27.26 -9.33
C VAL C 58 -21.33 27.05 -10.30
N SER C 59 -21.40 27.69 -11.47
CA SER C 59 -20.37 27.53 -12.49
C SER C 59 -19.03 28.06 -12.01
N SER C 60 -17.96 27.43 -12.49
CA SER C 60 -16.61 27.71 -11.99
C SER C 60 -16.05 29.02 -12.51
N ARG C 61 -16.75 29.69 -13.43
CA ARG C 61 -16.28 30.99 -13.92
C ARG C 61 -16.37 32.07 -12.85
N PHE C 62 -17.27 31.92 -11.89
CA PHE C 62 -17.31 32.82 -10.75
C PHE C 62 -16.15 32.50 -9.80
N SER C 63 -15.39 33.52 -9.42
CA SER C 63 -14.25 33.33 -8.55
C SER C 63 -14.09 34.55 -7.64
N GLY C 64 -14.01 34.31 -6.34
CA GLY C 64 -13.89 35.37 -5.37
C GLY C 64 -12.58 35.28 -4.61
N SER C 65 -12.11 36.43 -4.14
CA SER C 65 -10.86 36.49 -3.39
C SER C 65 -10.95 37.64 -2.41
N GLY C 66 -9.81 38.04 -1.86
CA GLY C 66 -9.76 39.15 -0.94
C GLY C 66 -9.82 38.71 0.51
N SER C 67 -9.20 39.50 1.37
CA SER C 67 -9.19 39.23 2.80
C SER C 67 -9.06 40.56 3.54
N GLY C 68 -9.47 40.55 4.81
CA GLY C 68 -9.42 41.78 5.59
C GLY C 68 -10.54 42.72 5.21
N THR C 69 -10.19 44.00 5.06
CA THR C 69 -11.17 45.00 4.65
C THR C 69 -11.40 45.05 3.15
N GLU C 70 -10.55 44.39 2.37
CA GLU C 70 -10.63 44.41 0.90
C GLU C 70 -11.13 43.07 0.41
N PHE C 71 -12.14 43.09 -0.45
CA PHE C 71 -12.79 41.88 -0.95
C PHE C 71 -13.09 42.05 -2.44
N THR C 72 -12.71 41.05 -3.24
CA THR C 72 -12.87 41.09 -4.69
C THR C 72 -13.54 39.83 -5.20
N LEU C 73 -14.43 39.99 -6.19
CA LEU C 73 -14.98 38.88 -6.96
C LEU C 73 -14.60 39.09 -8.41
N THR C 74 -14.14 38.03 -9.07
CA THR C 74 -13.75 38.08 -10.48
C THR C 74 -14.67 37.20 -11.31
N ILE C 75 -15.07 37.71 -12.47
CA ILE C 75 -15.84 36.94 -13.46
C ILE C 75 -14.96 36.78 -14.68
N SER C 76 -14.70 35.53 -15.06
CA SER C 76 -13.77 35.26 -16.15
C SER C 76 -14.37 35.60 -17.51
N SER C 77 -15.64 35.25 -17.71
CA SER C 77 -16.31 35.47 -18.99
C SER C 77 -17.76 35.82 -18.76
N LEU C 78 -18.20 36.95 -19.32
CA LEU C 78 -19.59 37.36 -19.18
C LEU C 78 -20.49 36.53 -20.08
N GLN C 79 -21.75 36.43 -19.67
CA GLN C 79 -22.76 35.64 -20.37
C GLN C 79 -24.00 36.49 -20.59
N PRO C 80 -24.81 36.16 -21.61
CA PRO C 80 -26.12 36.82 -21.74
C PRO C 80 -27.08 36.54 -20.59
N GLU C 81 -26.91 35.43 -19.87
CA GLU C 81 -27.72 35.12 -18.70
C GLU C 81 -27.13 35.69 -17.42
N ASP C 82 -26.03 36.43 -17.50
CA ASP C 82 -25.38 37.02 -16.34
C ASP C 82 -25.84 38.44 -16.06
N PHE C 83 -26.86 38.93 -16.77
CA PHE C 83 -27.43 40.25 -16.52
C PHE C 83 -28.16 40.22 -15.20
N ALA C 84 -27.51 40.72 -14.15
CA ALA C 84 -28.00 40.53 -12.78
C ALA C 84 -27.38 41.59 -11.89
N THR C 85 -27.56 41.43 -10.58
CA THR C 85 -27.07 42.37 -9.57
C THR C 85 -26.33 41.59 -8.48
N TYR C 86 -25.13 42.05 -8.14
CA TYR C 86 -24.23 41.33 -7.26
C TYR C 86 -24.09 42.04 -5.93
N TYR C 87 -24.25 41.27 -4.85
CA TYR C 87 -24.30 41.77 -3.47
C TYR C 87 -23.29 41.00 -2.62
N CYS C 88 -22.85 41.61 -1.53
CA CYS C 88 -21.96 40.96 -0.58
C CYS C 88 -22.54 41.10 0.83
N LEU C 89 -22.57 39.98 1.54
CA LEU C 89 -23.08 39.90 2.91
C LEU C 89 -21.97 39.55 3.89
N GLN C 90 -22.00 40.18 5.06
CA GLN C 90 -21.07 39.88 6.14
C GLN C 90 -21.82 39.16 7.26
N HIS C 91 -21.15 38.19 7.88
CA HIS C 91 -21.77 37.43 8.96
C HIS C 91 -20.78 37.13 10.10
N ASN C 92 -19.75 37.98 10.25
CA ASN C 92 -18.72 37.74 11.31
C ASN C 92 -19.32 38.07 12.68
N SER C 93 -20.01 39.20 12.79
CA SER C 93 -20.61 39.63 14.05
C SER C 93 -22.00 39.05 14.21
N TYR C 94 -22.74 39.55 15.20
CA TYR C 94 -24.14 39.17 15.36
C TYR C 94 -25.03 39.91 14.38
N GLN C 95 -24.50 40.97 13.75
CA GLN C 95 -25.29 41.78 12.80
C GLN C 95 -24.92 41.47 11.34
N TRP C 96 -25.89 41.43 10.42
CA TRP C 96 -25.71 41.19 8.99
C TRP C 96 -26.11 42.44 8.23
N THR C 97 -25.23 42.93 7.36
CA THR C 97 -25.48 44.12 6.55
C THR C 97 -25.16 43.85 5.09
N PHE C 98 -25.99 44.37 4.20
CA PHE C 98 -25.78 44.30 2.77
C PHE C 98 -25.02 45.53 2.27
N GLY C 99 -24.67 45.50 0.99
CA GLY C 99 -24.12 46.65 0.32
C GLY C 99 -25.18 47.47 -0.39
N GLN C 100 -24.74 48.59 -0.97
CA GLN C 100 -25.67 49.47 -1.67
C GLN C 100 -26.15 48.88 -2.99
N GLY C 101 -25.25 48.29 -3.77
CA GLY C 101 -25.70 47.70 -5.01
C GLY C 101 -24.72 47.89 -6.15
N THR C 102 -24.46 46.79 -6.87
CA THR C 102 -23.58 46.79 -8.03
C THR C 102 -24.26 46.03 -9.16
N LYS C 103 -24.44 46.70 -10.29
CA LYS C 103 -25.18 46.15 -11.42
C LYS C 103 -24.27 46.06 -12.64
N VAL C 104 -24.29 44.90 -13.30
CA VAL C 104 -23.60 44.69 -14.56
C VAL C 104 -24.60 44.82 -15.69
N GLU C 105 -24.13 45.26 -16.86
CA GLU C 105 -24.99 45.42 -18.03
C GLU C 105 -24.35 44.80 -19.27
N ASP D 19 10.69 43.81 28.18
CA ASP D 19 11.32 43.14 27.05
C ASP D 19 10.39 42.07 26.48
N LYS D 20 10.79 41.47 25.36
CA LYS D 20 9.92 40.53 24.65
C LYS D 20 10.78 39.62 23.77
N ILE D 21 10.53 38.31 23.86
CA ILE D 21 11.16 37.32 23.00
C ILE D 21 10.05 36.62 22.21
N CYS D 22 10.24 36.51 20.90
CA CYS D 22 9.23 35.94 20.01
C CYS D 22 9.82 34.77 19.24
N LEU D 23 9.00 33.76 19.00
CA LEU D 23 9.42 32.56 18.28
C LEU D 23 8.65 32.47 16.96
N GLY D 24 9.34 31.99 15.92
CA GLY D 24 8.75 31.98 14.60
C GLY D 24 9.56 31.16 13.61
N HIS D 25 8.89 30.79 12.53
CA HIS D 25 9.47 29.96 11.49
C HIS D 25 9.68 30.76 10.22
N HIS D 26 10.41 30.15 9.28
CA HIS D 26 10.76 30.84 8.05
C HIS D 26 9.65 30.70 7.01
N ALA D 27 9.51 31.70 6.15
CA ALA D 27 8.52 31.71 5.10
C ALA D 27 9.15 32.18 3.81
N VAL D 28 8.77 31.55 2.70
CA VAL D 28 9.30 31.84 1.38
C VAL D 28 8.14 32.31 0.52
N SER D 29 8.39 33.35 -0.30
CA SER D 29 7.30 34.09 -0.93
C SER D 29 6.59 33.28 -2.02
N ASN D 30 7.35 32.65 -2.92
CA ASN D 30 6.75 32.03 -4.10
C ASN D 30 6.06 30.72 -3.74
N GLY D 31 6.71 29.87 -2.96
CA GLY D 31 6.10 28.64 -2.48
C GLY D 31 5.93 27.58 -3.54
N THR D 32 5.41 26.44 -3.11
CA THR D 32 5.13 25.30 -3.99
C THR D 32 3.85 24.63 -3.54
N LYS D 33 2.99 24.26 -4.49
CA LYS D 33 1.75 23.57 -4.16
C LYS D 33 1.97 22.06 -4.11
N VAL D 34 1.52 21.44 -3.01
CA VAL D 34 1.59 20.00 -2.83
C VAL D 34 0.23 19.48 -2.39
N ASN D 35 0.03 18.18 -2.54
CA ASN D 35 -1.20 17.52 -2.14
C ASN D 35 -0.94 16.69 -0.89
N THR D 36 -1.76 16.90 0.14
CA THR D 36 -1.64 16.17 1.38
C THR D 36 -2.79 15.17 1.51
N LEU D 37 -2.87 14.53 2.68
CA LEU D 37 -3.86 13.49 2.90
C LEU D 37 -5.26 14.08 3.06
N THR D 38 -5.37 15.26 3.67
CA THR D 38 -6.65 15.86 3.98
C THR D 38 -6.96 17.12 3.19
N GLU D 39 -6.00 17.62 2.41
CA GLU D 39 -6.18 18.89 1.71
C GLU D 39 -5.37 18.87 0.43
N ARG D 40 -5.86 19.61 -0.56
CA ARG D 40 -5.22 19.70 -1.87
C ARG D 40 -4.82 21.14 -2.14
N GLY D 41 -3.60 21.31 -2.65
CA GLY D 41 -3.09 22.64 -2.91
C GLY D 41 -2.43 23.31 -1.73
N VAL D 42 -1.88 22.54 -0.79
CA VAL D 42 -1.24 23.13 0.37
C VAL D 42 0.10 23.73 -0.02
N GLU D 43 0.39 24.91 0.53
CA GLU D 43 1.59 25.67 0.20
C GLU D 43 2.74 25.26 1.11
N VAL D 44 3.87 24.89 0.51
CA VAL D 44 5.09 24.58 1.24
C VAL D 44 6.22 25.41 0.66
N VAL D 45 7.33 25.48 1.40
CA VAL D 45 8.43 26.36 1.00
C VAL D 45 9.24 25.73 -0.15
N ASN D 46 9.25 24.41 -0.23
CA ASN D 46 9.99 23.71 -1.28
C ASN D 46 9.42 22.32 -1.45
N ALA D 47 9.64 21.75 -2.63
CA ALA D 47 9.17 20.40 -2.93
C ALA D 47 10.08 19.78 -3.98
N THR D 48 10.09 18.44 -3.99
CA THR D 48 10.84 17.67 -4.96
C THR D 48 9.89 16.75 -5.72
N GLU D 49 10.27 16.29 -6.91
CA GLU D 49 9.36 15.50 -7.78
C GLU D 49 9.70 14.04 -7.56
N THR D 50 8.71 13.14 -7.53
CA THR D 50 8.92 11.71 -7.31
C THR D 50 8.55 10.96 -8.58
N VAL D 51 8.58 11.60 -9.76
CA VAL D 51 8.26 10.96 -11.06
C VAL D 51 9.25 11.46 -12.11
N GLU D 52 10.14 10.61 -12.64
CA GLU D 52 11.08 11.03 -13.70
C GLU D 52 10.27 11.21 -14.96
N ARG D 53 10.19 12.41 -15.54
CA ARG D 53 9.52 12.63 -16.84
C ARG D 53 10.61 12.99 -17.86
N THR D 54 11.89 12.92 -17.49
CA THR D 54 13.05 13.27 -18.35
C THR D 54 13.88 12.02 -18.68
N ASN D 55 14.31 11.85 -19.93
CA ASN D 55 15.06 10.67 -20.39
C ASN D 55 16.31 11.13 -21.11
N ILE D 56 17.35 10.29 -21.20
CA ILE D 56 18.55 10.61 -22.02
C ILE D 56 18.22 10.04 -23.41
N PRO D 57 17.97 10.82 -24.49
CA PRO D 57 17.57 10.28 -25.77
C PRO D 57 18.42 9.21 -26.44
N ARG D 58 19.60 8.88 -25.92
CA ARG D 58 20.42 7.79 -26.44
C ARG D 58 20.72 6.75 -25.37
N ILE D 59 21.19 5.58 -25.83
CA ILE D 59 21.38 4.43 -24.94
C ILE D 59 22.70 4.59 -24.19
N CYS D 60 22.65 4.43 -22.87
CA CYS D 60 23.82 4.55 -22.01
C CYS D 60 24.35 3.16 -21.69
N SER D 61 25.61 2.90 -22.04
CA SER D 61 26.26 1.62 -21.79
C SER D 61 27.76 1.85 -21.60
N LYS D 62 28.19 1.87 -20.34
CA LYS D 62 29.60 2.08 -20.00
C LYS D 62 30.08 0.89 -19.17
N GLY D 63 31.05 0.16 -19.71
CA GLY D 63 31.56 -1.00 -19.02
C GLY D 63 30.77 -2.27 -19.21
N LYS D 64 29.66 -2.23 -19.94
CA LYS D 64 28.92 -3.42 -20.31
C LYS D 64 29.06 -3.62 -21.81
N ARG D 65 29.27 -4.85 -22.23
CA ARG D 65 29.50 -5.11 -23.66
C ARG D 65 28.16 -4.82 -24.33
N THR D 66 28.16 -4.36 -25.56
CA THR D 66 26.97 -3.96 -26.30
C THR D 66 27.08 -4.44 -27.73
N VAL D 67 26.04 -5.12 -28.20
CA VAL D 67 25.91 -5.53 -29.60
C VAL D 67 24.72 -4.81 -30.20
N ASP D 68 24.96 -4.06 -31.27
CA ASP D 68 23.91 -3.34 -31.99
C ASP D 68 23.59 -4.13 -33.26
N LEU D 69 22.39 -4.70 -33.30
CA LEU D 69 21.99 -5.55 -34.42
C LEU D 69 21.28 -4.72 -35.48
N GLY D 70 22.03 -3.85 -36.16
CA GLY D 70 21.51 -3.16 -37.32
C GLY D 70 21.27 -4.13 -38.46
N GLN D 71 20.03 -4.13 -38.98
CA GLN D 71 19.53 -4.97 -40.08
C GLN D 71 19.45 -6.46 -39.69
N CYS D 72 19.85 -6.81 -38.47
CA CYS D 72 19.91 -8.20 -38.04
C CYS D 72 18.95 -8.41 -36.87
N GLY D 73 18.41 -9.62 -36.77
CA GLY D 73 17.55 -9.97 -35.66
C GLY D 73 18.23 -10.94 -34.72
N LEU D 74 17.63 -11.12 -33.54
CA LEU D 74 18.15 -12.09 -32.57
C LEU D 74 18.04 -13.51 -33.11
N LEU D 75 16.93 -13.83 -33.77
CA LEU D 75 16.74 -15.17 -34.32
C LEU D 75 17.61 -15.40 -35.54
N GLY D 76 18.09 -14.32 -36.17
CA GLY D 76 19.00 -14.47 -37.29
C GLY D 76 20.41 -14.84 -36.87
N THR D 77 20.75 -14.61 -35.59
CA THR D 77 22.07 -14.97 -35.12
C THR D 77 22.25 -16.48 -35.04
N ILE D 78 21.15 -17.23 -34.96
CA ILE D 78 21.23 -18.68 -34.94
C ILE D 78 21.30 -19.23 -36.36
N THR D 79 20.50 -18.68 -37.27
CA THR D 79 20.39 -19.23 -38.61
C THR D 79 21.41 -18.63 -39.58
N GLY D 80 21.81 -17.39 -39.36
CA GLY D 80 22.85 -16.77 -40.15
C GLY D 80 22.48 -16.34 -41.57
N PRO D 81 21.65 -15.31 -41.73
CA PRO D 81 21.54 -14.66 -43.04
C PRO D 81 22.77 -13.83 -43.33
N PRO D 82 22.91 -13.30 -44.56
CA PRO D 82 24.01 -12.36 -44.84
C PRO D 82 24.00 -11.10 -43.99
N GLN D 83 22.82 -10.68 -43.54
CA GLN D 83 22.69 -9.51 -42.68
C GLN D 83 23.13 -9.80 -41.25
N CYS D 84 23.33 -11.07 -40.88
CA CYS D 84 23.75 -11.45 -39.54
C CYS D 84 25.07 -12.21 -39.54
N ASP D 85 25.99 -11.88 -40.45
CA ASP D 85 27.25 -12.62 -40.54
C ASP D 85 28.20 -12.22 -39.41
N GLN D 86 28.12 -10.97 -38.96
CA GLN D 86 29.06 -10.49 -37.96
C GLN D 86 28.74 -11.03 -36.56
N PHE D 87 27.46 -11.27 -36.29
CA PHE D 87 27.02 -11.67 -34.96
C PHE D 87 26.70 -13.17 -34.88
N LEU D 88 27.49 -14.00 -35.56
CA LEU D 88 27.27 -15.44 -35.50
C LEU D 88 27.74 -16.00 -34.16
N GLU D 89 28.85 -15.49 -33.64
CA GLU D 89 29.39 -15.88 -32.33
C GLU D 89 29.52 -14.67 -31.41
N PHE D 90 28.49 -13.82 -31.37
CA PHE D 90 28.56 -12.58 -30.62
C PHE D 90 28.54 -12.85 -29.12
N SER D 91 28.99 -11.87 -28.35
CA SER D 91 29.00 -11.93 -26.89
C SER D 91 28.77 -10.54 -26.34
N ALA D 92 27.79 -10.40 -25.44
CA ALA D 92 27.45 -9.09 -24.91
C ALA D 92 26.76 -9.25 -23.57
N ASP D 93 26.73 -8.16 -22.81
CA ASP D 93 25.90 -8.02 -21.63
C ASP D 93 24.65 -7.19 -21.89
N LEU D 94 24.54 -6.60 -23.08
CA LEU D 94 23.38 -5.82 -23.46
C LEU D 94 23.18 -5.96 -24.97
N ILE D 95 22.03 -6.49 -25.37
CA ILE D 95 21.74 -6.76 -26.77
C ILE D 95 20.59 -5.85 -27.21
N ILE D 96 20.77 -5.17 -28.33
CA ILE D 96 19.81 -4.18 -28.83
C ILE D 96 19.24 -4.67 -30.15
N GLU D 97 17.91 -4.77 -30.21
CA GLU D 97 17.21 -5.09 -31.44
C GLU D 97 16.66 -3.81 -32.07
N ARG D 98 16.66 -3.78 -33.39
CA ARG D 98 16.17 -2.65 -34.15
C ARG D 98 14.90 -3.02 -34.90
N ARG D 99 14.14 -1.99 -35.30
CA ARG D 99 12.93 -2.23 -36.08
C ARG D 99 13.26 -2.66 -37.49
N GLU D 100 14.44 -2.27 -38.00
CA GLU D 100 14.82 -2.62 -39.36
C GLU D 100 15.34 -4.05 -39.46
N GLY D 101 15.53 -4.74 -38.34
CA GLY D 101 16.13 -6.06 -38.38
C GLY D 101 15.15 -7.11 -38.90
N SER D 102 15.63 -7.91 -39.85
CA SER D 102 14.86 -9.00 -40.43
C SER D 102 15.50 -10.33 -40.05
N ASP D 103 14.68 -11.27 -39.61
CA ASP D 103 15.22 -12.53 -39.10
C ASP D 103 15.65 -13.46 -40.22
N VAL D 104 14.90 -13.41 -41.34
CA VAL D 104 15.07 -14.36 -42.46
C VAL D 104 15.37 -13.71 -43.80
N CYS D 105 16.08 -14.43 -44.65
CA CYS D 105 16.37 -13.96 -46.04
C CYS D 105 15.43 -14.68 -47.05
N TYR D 106 15.32 -16.02 -47.06
CA TYR D 106 14.31 -16.75 -47.89
C TYR D 106 13.00 -16.43 -47.21
N PRO D 107 11.83 -16.41 -47.85
CA PRO D 107 10.63 -16.07 -47.10
C PRO D 107 10.44 -17.13 -46.02
N GLY D 108 10.21 -16.75 -44.76
CA GLY D 108 9.93 -17.75 -43.71
C GLY D 108 9.77 -17.15 -42.34
N LYS D 109 9.58 -17.99 -41.29
CA LYS D 109 9.25 -17.48 -39.95
C LYS D 109 9.58 -18.51 -38.87
N PHE D 110 9.72 -18.09 -37.62
CA PHE D 110 10.11 -19.03 -36.58
C PHE D 110 8.88 -19.46 -35.81
N VAL D 111 8.68 -20.78 -35.70
CA VAL D 111 7.63 -21.30 -34.85
C VAL D 111 8.04 -21.17 -33.39
N ASN D 112 7.13 -20.64 -32.57
CA ASN D 112 7.40 -20.24 -31.18
C ASN D 112 8.57 -19.26 -31.09
N GLU D 113 8.43 -18.13 -31.77
CA GLU D 113 9.55 -17.20 -31.93
C GLU D 113 9.79 -16.38 -30.66
N GLU D 114 8.74 -16.13 -29.87
CA GLU D 114 8.87 -15.22 -28.75
C GLU D 114 9.65 -15.84 -27.59
N ALA D 115 9.46 -17.14 -27.36
CA ALA D 115 10.23 -17.84 -26.34
C ALA D 115 11.71 -17.91 -26.70
N LEU D 116 12.00 -18.15 -27.99
CA LEU D 116 13.38 -18.16 -28.44
C LEU D 116 14.00 -16.77 -28.36
N ARG D 117 13.21 -15.73 -28.62
CA ARG D 117 13.68 -14.37 -28.46
C ARG D 117 14.01 -14.05 -27.01
N GLN D 118 13.19 -14.54 -26.07
CA GLN D 118 13.46 -14.33 -24.66
C GLN D 118 14.71 -15.08 -24.20
N ILE D 119 14.90 -16.30 -24.71
CA ILE D 119 16.12 -17.07 -24.44
C ILE D 119 17.35 -16.33 -24.97
N LEU D 120 17.25 -15.79 -26.18
CA LEU D 120 18.40 -15.10 -26.77
C LEU D 120 18.61 -13.73 -26.15
N ARG D 121 17.58 -13.17 -25.50
CA ARG D 121 17.77 -11.91 -24.78
C ARG D 121 18.59 -12.11 -23.51
N GLU D 122 18.29 -13.16 -22.74
CA GLU D 122 19.17 -13.52 -21.63
C GLU D 122 20.16 -14.61 -22.00
N SER D 123 20.59 -14.67 -23.27
CA SER D 123 21.62 -15.62 -23.65
C SER D 123 23.00 -15.18 -23.16
N GLY D 124 23.31 -13.90 -23.27
CA GLY D 124 24.65 -13.45 -23.04
C GLY D 124 25.62 -13.79 -24.14
N GLY D 125 25.12 -14.18 -25.30
CA GLY D 125 25.94 -14.68 -26.38
C GLY D 125 25.65 -16.14 -26.69
N ILE D 126 26.09 -16.54 -27.87
CA ILE D 126 25.90 -17.91 -28.34
C ILE D 126 27.25 -18.51 -28.72
N ASP D 127 27.46 -19.76 -28.33
CA ASP D 127 28.68 -20.49 -28.66
C ASP D 127 28.33 -21.62 -29.61
N LYS D 128 29.12 -21.75 -30.66
CA LYS D 128 28.83 -22.67 -31.75
C LYS D 128 29.76 -23.89 -31.68
N GLU D 129 29.18 -25.08 -31.66
CA GLU D 129 29.94 -26.33 -31.70
C GLU D 129 29.53 -27.12 -32.93
N ALA D 130 30.52 -27.63 -33.66
CA ALA D 130 30.29 -28.23 -34.97
C ALA D 130 29.53 -29.55 -34.87
N MET D 131 28.28 -29.51 -35.35
CA MET D 131 27.51 -30.72 -35.58
C MET D 131 27.93 -31.37 -36.88
N GLY D 132 28.61 -32.52 -36.81
CA GLY D 132 29.29 -33.13 -37.95
C GLY D 132 28.45 -33.42 -39.17
N PHE D 133 27.56 -34.42 -39.10
CA PHE D 133 26.44 -34.61 -40.02
C PHE D 133 26.90 -34.75 -41.48
N THR D 134 27.64 -35.81 -41.77
CA THR D 134 28.13 -36.06 -43.12
C THR D 134 26.99 -36.63 -43.97
N TYR D 135 26.86 -36.12 -45.20
CA TYR D 135 25.84 -36.57 -46.13
C TYR D 135 26.50 -37.19 -47.35
N SER D 136 25.88 -38.22 -47.91
CA SER D 136 26.42 -38.95 -49.04
C SER D 136 25.44 -38.92 -50.21
N GLY D 137 25.96 -38.67 -51.41
CA GLY D 137 25.17 -38.71 -52.61
C GLY D 137 24.43 -37.44 -52.94
N ILE D 138 23.66 -36.93 -51.98
CA ILE D 138 22.81 -35.77 -52.24
C ILE D 138 23.65 -34.49 -52.19
N ARG D 139 23.15 -33.44 -52.84
CA ARG D 139 23.76 -32.13 -52.72
C ARG D 139 23.43 -31.53 -51.37
N THR D 140 24.29 -30.63 -50.90
CA THR D 140 24.09 -30.00 -49.60
C THR D 140 24.40 -28.51 -49.61
N ASN D 141 24.41 -27.98 -50.83
CA ASN D 141 24.73 -26.57 -51.07
C ASN D 141 23.49 -25.70 -50.82
N GLY D 142 22.47 -25.75 -51.69
CA GLY D 142 21.32 -24.86 -51.58
C GLY D 142 21.64 -23.62 -52.35
N ALA D 143 20.66 -22.98 -52.95
CA ALA D 143 20.89 -21.72 -53.65
C ALA D 143 19.60 -20.91 -53.63
N THR D 144 19.67 -19.67 -53.21
CA THR D 144 18.51 -18.77 -53.17
C THR D 144 18.98 -17.40 -53.67
N SER D 145 18.38 -16.83 -54.70
CA SER D 145 18.70 -15.45 -55.11
C SER D 145 18.22 -14.52 -54.00
N SER D 146 17.07 -14.83 -53.42
CA SER D 146 16.45 -14.01 -52.36
C SER D 146 17.42 -13.80 -51.21
N CYS D 147 18.47 -14.60 -51.08
CA CYS D 147 19.40 -14.52 -49.93
C CYS D 147 20.79 -14.49 -50.57
N ARG D 148 21.54 -13.36 -50.51
CA ARG D 148 22.79 -13.14 -51.32
C ARG D 148 24.06 -12.75 -50.56
N ARG D 149 25.17 -13.45 -50.79
CA ARG D 149 26.52 -13.08 -50.26
C ARG D 149 27.30 -13.20 -51.56
N SER D 150 27.96 -12.15 -52.04
CA SER D 150 28.52 -12.17 -53.42
C SER D 150 27.32 -12.41 -54.35
N GLY D 151 27.34 -13.40 -55.26
CA GLY D 151 26.25 -13.61 -56.26
C GLY D 151 24.95 -14.19 -55.74
N SER D 152 24.97 -15.32 -55.03
CA SER D 152 23.76 -16.01 -54.47
C SER D 152 24.22 -16.91 -53.35
N SER D 153 23.35 -17.26 -52.41
CA SER D 153 23.77 -18.02 -51.21
C SER D 153 22.58 -18.55 -50.45
N PHE D 154 22.82 -19.23 -49.35
CA PHE D 154 21.77 -19.72 -48.43
C PHE D 154 22.23 -19.26 -47.05
N TYR D 155 21.54 -19.67 -46.00
CA TYR D 155 21.93 -19.37 -44.63
C TYR D 155 23.31 -19.93 -44.35
N ALA D 156 24.11 -19.18 -43.59
CA ALA D 156 25.48 -19.60 -43.29
C ALA D 156 25.48 -20.79 -42.34
N GLU D 157 24.50 -20.85 -41.45
CA GLU D 157 24.49 -21.80 -40.35
C GLU D 157 23.55 -22.97 -40.59
N MET D 158 22.82 -22.95 -41.70
CA MET D 158 21.90 -24.01 -42.08
C MET D 158 22.28 -24.52 -43.47
N LYS D 159 22.02 -25.79 -43.73
CA LYS D 159 22.37 -26.41 -44.99
C LYS D 159 21.12 -26.90 -45.69
N TRP D 160 20.94 -26.50 -46.94
CA TRP D 160 19.80 -26.93 -47.74
C TRP D 160 20.13 -28.27 -48.38
N LEU D 161 19.26 -29.25 -48.17
CA LEU D 161 19.50 -30.62 -48.65
C LEU D 161 18.58 -30.88 -49.85
N LEU D 162 19.16 -30.92 -51.03
CA LEU D 162 18.44 -31.21 -52.27
C LEU D 162 18.84 -32.58 -52.79
N SER D 163 18.11 -33.05 -53.79
CA SER D 163 18.49 -34.25 -54.52
C SER D 163 19.72 -33.97 -55.39
N ASN D 164 20.35 -35.05 -55.86
CA ASN D 164 21.57 -34.92 -56.65
C ASN D 164 21.32 -34.24 -58.00
N THR D 165 20.18 -34.54 -58.62
CA THR D 165 19.73 -33.83 -59.80
C THR D 165 18.24 -33.54 -59.66
N ASP D 166 17.71 -32.74 -60.59
CA ASP D 166 16.30 -32.40 -60.55
C ASP D 166 15.44 -33.60 -60.93
N ASN D 167 14.27 -33.70 -60.28
CA ASN D 167 13.31 -34.80 -60.43
C ASN D 167 13.95 -36.15 -60.14
N ALA D 168 14.63 -36.25 -59.00
CA ALA D 168 15.30 -37.47 -58.59
C ALA D 168 14.85 -37.86 -57.19
N ALA D 169 15.06 -39.13 -56.85
CA ALA D 169 14.63 -39.64 -55.56
C ALA D 169 15.55 -39.14 -54.44
N PHE D 170 14.94 -38.82 -53.31
CA PHE D 170 15.68 -38.39 -52.12
C PHE D 170 15.75 -39.55 -51.14
N PRO D 171 16.94 -40.06 -50.83
CA PRO D 171 17.04 -41.20 -49.90
C PRO D 171 16.69 -40.79 -48.48
N GLN D 172 16.08 -41.73 -47.75
CA GLN D 172 15.76 -41.49 -46.35
C GLN D 172 17.02 -41.65 -45.51
N MET D 173 17.30 -40.65 -44.68
CA MET D 173 18.50 -40.63 -43.86
C MET D 173 18.12 -40.34 -42.42
N THR D 174 18.87 -40.92 -41.49
CA THR D 174 18.74 -40.63 -40.07
C THR D 174 20.09 -40.11 -39.56
N LYS D 175 20.06 -38.92 -38.97
CA LYS D 175 21.25 -38.27 -38.43
C LYS D 175 21.02 -37.97 -36.95
N SER D 176 22.04 -38.23 -36.14
CA SER D 176 21.93 -38.11 -34.70
C SER D 176 23.06 -37.25 -34.17
N TYR D 177 22.76 -36.44 -33.15
CA TYR D 177 23.74 -35.58 -32.51
C TYR D 177 23.77 -35.86 -31.03
N LYS D 178 24.95 -35.87 -30.43
CA LYS D 178 25.12 -36.21 -29.01
C LYS D 178 25.65 -34.99 -28.30
N ASN D 179 25.06 -34.62 -27.18
CA ASN D 179 25.46 -33.47 -26.39
C ASN D 179 26.51 -33.88 -25.37
N THR D 180 27.65 -33.18 -25.36
CA THR D 180 28.79 -33.56 -24.50
C THR D 180 29.01 -32.55 -23.38
N ARG D 181 28.68 -31.27 -23.54
CA ARG D 181 29.01 -30.26 -22.55
C ARG D 181 28.03 -30.29 -21.39
N LYS D 182 28.33 -29.49 -20.37
CA LYS D 182 27.52 -29.46 -19.16
C LYS D 182 26.41 -28.41 -19.24
N ASN D 183 26.29 -27.72 -20.37
CA ASN D 183 25.26 -26.72 -20.53
C ASN D 183 24.22 -27.20 -21.54
N PRO D 184 22.98 -26.70 -21.43
CA PRO D 184 21.96 -27.03 -22.43
C PRO D 184 22.32 -26.55 -23.82
N ALA D 185 21.83 -27.29 -24.82
CA ALA D 185 22.11 -27.00 -26.22
C ALA D 185 20.86 -26.47 -26.90
N LEU D 186 21.05 -25.55 -27.85
CA LEU D 186 19.96 -25.03 -28.66
C LEU D 186 20.10 -25.58 -30.07
N ILE D 187 19.14 -26.39 -30.49
CA ILE D 187 19.15 -27.03 -31.80
C ILE D 187 18.01 -26.44 -32.62
N VAL D 188 18.34 -25.85 -33.76
CA VAL D 188 17.36 -25.22 -34.64
C VAL D 188 17.47 -25.86 -36.02
N TRP D 189 16.37 -26.46 -36.48
CA TRP D 189 16.30 -27.04 -37.80
C TRP D 189 15.19 -26.35 -38.58
N GLY D 190 15.05 -26.70 -39.84
CA GLY D 190 14.11 -26.04 -40.71
C GLY D 190 13.35 -27.02 -41.59
N ILE D 191 12.10 -26.66 -41.90
CA ILE D 191 11.24 -27.42 -42.78
C ILE D 191 10.84 -26.52 -43.94
N HIS D 192 11.05 -27.00 -45.16
CA HIS D 192 10.81 -26.20 -46.35
C HIS D 192 9.46 -26.55 -46.96
N HIS D 193 8.60 -25.54 -47.10
CA HIS D 193 7.34 -25.68 -47.80
C HIS D 193 7.49 -25.10 -49.20
N SER D 194 7.30 -25.94 -50.22
CA SER D 194 7.54 -25.50 -51.58
C SER D 194 6.42 -24.59 -52.07
N GLY D 195 6.75 -23.76 -53.06
CA GLY D 195 5.76 -22.85 -53.61
C GLY D 195 4.74 -23.54 -54.50
N SER D 196 5.07 -24.73 -55.00
CA SER D 196 4.15 -25.52 -55.80
C SER D 196 4.53 -26.98 -55.64
N THR D 197 3.60 -27.86 -55.99
CA THR D 197 3.90 -29.30 -55.95
C THR D 197 4.82 -29.70 -57.09
N ALA D 198 4.78 -28.96 -58.21
CA ALA D 198 5.73 -29.20 -59.29
C ALA D 198 7.14 -28.81 -58.89
N GLU D 199 7.28 -27.72 -58.11
CA GLU D 199 8.58 -27.33 -57.60
C GLU D 199 9.11 -28.33 -56.58
N GLN D 200 8.21 -28.94 -55.81
CA GLN D 200 8.64 -29.97 -54.86
C GLN D 200 9.08 -31.24 -55.58
N THR D 201 8.40 -31.60 -56.67
CA THR D 201 8.87 -32.74 -57.45
C THR D 201 10.15 -32.41 -58.20
N LYS D 202 10.37 -31.14 -58.51
CA LYS D 202 11.63 -30.74 -59.14
C LYS D 202 12.79 -30.82 -58.15
N LEU D 203 12.59 -30.35 -56.92
CA LEU D 203 13.67 -30.29 -55.95
C LEU D 203 13.90 -31.64 -55.27
N TYR D 204 12.85 -32.23 -54.70
CA TYR D 204 12.98 -33.41 -53.86
C TYR D 204 12.50 -34.69 -54.52
N GLY D 205 11.80 -34.60 -55.65
CA GLY D 205 11.22 -35.76 -56.28
C GLY D 205 9.80 -36.02 -55.83
N SER D 206 9.18 -37.02 -56.46
CA SER D 206 7.81 -37.37 -56.15
C SER D 206 7.73 -38.17 -54.85
N GLY D 207 6.54 -38.23 -54.28
CA GLY D 207 6.30 -38.95 -53.05
C GLY D 207 6.09 -38.02 -51.87
N ASN D 208 5.42 -38.54 -50.85
CA ASN D 208 5.19 -37.79 -49.64
C ASN D 208 6.46 -37.72 -48.80
N LYS D 209 6.65 -36.58 -48.13
CA LYS D 209 7.84 -36.32 -47.34
C LYS D 209 7.46 -36.18 -45.87
N LEU D 210 8.31 -36.69 -44.98
CA LEU D 210 8.03 -36.69 -43.56
C LEU D 210 9.33 -36.48 -42.79
N VAL D 211 9.30 -35.60 -41.81
CA VAL D 211 10.44 -35.31 -40.95
C VAL D 211 10.03 -35.63 -39.51
N THR D 212 10.80 -36.49 -38.85
CA THR D 212 10.56 -36.88 -37.47
C THR D 212 11.75 -36.48 -36.62
N VAL D 213 11.47 -35.74 -35.54
CA VAL D 213 12.50 -35.25 -34.62
C VAL D 213 12.29 -35.94 -33.28
N GLY D 214 13.34 -36.57 -32.78
CA GLY D 214 13.25 -37.35 -31.55
C GLY D 214 14.17 -36.84 -30.45
N SER D 215 13.69 -36.93 -29.21
CA SER D 215 14.47 -36.55 -28.03
C SER D 215 13.90 -37.28 -26.83
N SER D 216 14.52 -37.06 -25.67
CA SER D 216 14.01 -37.65 -24.44
C SER D 216 12.70 -36.99 -24.01
N ASN D 217 12.61 -35.67 -24.14
CA ASN D 217 11.41 -34.94 -23.75
C ASN D 217 10.80 -34.13 -24.90
N TYR D 218 11.19 -34.41 -26.14
CA TYR D 218 10.64 -33.71 -27.29
C TYR D 218 10.35 -34.71 -28.40
N GLN D 219 9.23 -34.50 -29.08
CA GLN D 219 8.79 -35.31 -30.22
C GLN D 219 7.73 -34.54 -30.99
N GLN D 220 7.90 -34.47 -32.31
CA GLN D 220 7.03 -33.70 -33.17
C GLN D 220 7.20 -34.19 -34.60
N SER D 221 6.11 -34.16 -35.36
CA SER D 221 6.12 -34.60 -36.75
C SER D 221 5.85 -33.41 -37.67
N PHE D 222 6.56 -33.36 -38.78
CA PHE D 222 6.42 -32.28 -39.76
C PHE D 222 6.18 -32.87 -41.13
N VAL D 223 5.15 -32.37 -41.81
CA VAL D 223 4.85 -32.72 -43.19
C VAL D 223 4.86 -31.43 -44.01
N PRO D 224 5.67 -31.32 -45.05
CA PRO D 224 5.66 -30.10 -45.88
C PRO D 224 4.37 -29.98 -46.67
N SER D 225 3.95 -28.73 -46.91
CA SER D 225 2.71 -28.44 -47.61
C SER D 225 2.99 -27.62 -48.85
N PRO D 226 3.10 -28.22 -50.02
CA PRO D 226 3.27 -27.43 -51.24
C PRO D 226 2.00 -26.72 -51.65
N GLY D 227 2.12 -25.41 -51.84
CA GLY D 227 0.98 -24.60 -52.24
C GLY D 227 1.38 -23.20 -52.59
N ALA D 228 0.57 -22.54 -53.42
CA ALA D 228 0.88 -21.18 -53.85
C ALA D 228 0.59 -20.19 -52.74
N ARG D 229 1.53 -19.28 -52.53
CA ARG D 229 1.39 -18.21 -51.54
C ARG D 229 1.68 -16.87 -52.21
N THR D 230 1.62 -15.81 -51.42
CA THR D 230 1.96 -14.49 -51.94
C THR D 230 3.47 -14.36 -52.12
N GLN D 231 3.87 -13.38 -52.93
CA GLN D 231 5.26 -13.19 -53.30
C GLN D 231 5.92 -12.22 -52.32
N VAL D 232 6.80 -12.75 -51.47
CA VAL D 232 7.65 -11.96 -50.59
C VAL D 232 9.08 -12.25 -50.98
N ASN D 233 9.85 -11.19 -51.24
CA ASN D 233 11.27 -11.23 -51.62
C ASN D 233 11.50 -12.04 -52.91
N GLY D 234 10.52 -12.08 -53.79
CA GLY D 234 10.65 -12.77 -55.05
C GLY D 234 10.58 -14.28 -54.99
N GLN D 235 10.21 -14.85 -53.86
CA GLN D 235 10.14 -16.30 -53.70
C GLN D 235 8.77 -16.68 -53.17
N SER D 236 8.13 -17.67 -53.81
CA SER D 236 6.84 -18.15 -53.37
C SER D 236 6.95 -19.24 -52.32
N GLY D 237 8.04 -20.00 -52.31
CA GLY D 237 8.26 -21.01 -51.29
C GLY D 237 8.64 -20.39 -49.97
N ARG D 238 8.29 -21.09 -48.89
CA ARG D 238 8.48 -20.57 -47.54
C ARG D 238 9.08 -21.65 -46.65
N ILE D 239 9.63 -21.22 -45.52
CA ILE D 239 10.43 -22.09 -44.65
C ILE D 239 10.03 -21.84 -43.20
N ASP D 240 9.96 -22.92 -42.42
CA ASP D 240 9.64 -22.84 -40.99
C ASP D 240 10.82 -23.37 -40.17
N PHE D 241 11.25 -22.57 -39.20
CA PHE D 241 12.31 -22.97 -38.28
C PHE D 241 11.69 -23.37 -36.95
N HIS D 242 12.01 -24.58 -36.50
CA HIS D 242 11.58 -25.09 -35.21
C HIS D 242 12.80 -25.33 -34.33
N TRP D 243 12.64 -25.30 -33.02
CA TRP D 243 13.82 -25.39 -32.14
C TRP D 243 13.58 -26.31 -30.94
N LEU D 244 14.63 -27.00 -30.45
CA LEU D 244 14.52 -27.81 -29.22
C LEU D 244 15.73 -27.49 -28.36
N MET D 245 15.59 -27.63 -27.06
CA MET D 245 16.78 -27.46 -26.21
C MET D 245 17.22 -28.85 -25.75
N LEU D 246 18.22 -29.45 -26.42
CA LEU D 246 18.75 -30.79 -26.06
C LEU D 246 19.42 -30.64 -24.72
N ASN D 247 18.91 -31.30 -23.68
CA ASN D 247 19.41 -31.12 -22.30
C ASN D 247 20.78 -31.75 -22.13
N PRO D 248 21.54 -31.40 -21.07
CA PRO D 248 22.88 -31.90 -20.89
C PRO D 248 22.86 -33.41 -20.94
N ASN D 249 23.84 -33.98 -21.64
CA ASN D 249 23.81 -35.44 -21.89
C ASN D 249 22.43 -35.90 -22.34
N ASP D 250 22.01 -35.44 -23.50
CA ASP D 250 20.80 -36.00 -24.14
C ASP D 250 21.13 -36.13 -25.62
N THR D 251 20.42 -36.97 -26.38
CA THR D 251 20.68 -37.04 -27.83
C THR D 251 19.47 -36.59 -28.65
N VAL D 252 19.68 -35.93 -29.78
CA VAL D 252 18.56 -35.58 -30.69
C VAL D 252 18.73 -36.40 -31.96
N THR D 253 17.64 -36.86 -32.56
CA THR D 253 17.66 -37.69 -33.75
C THR D 253 16.80 -37.04 -34.83
N PHE D 254 17.35 -36.93 -36.04
CA PHE D 254 16.69 -36.29 -37.17
C PHE D 254 16.50 -37.33 -38.26
N SER D 255 15.39 -38.06 -38.22
CA SER D 255 15.04 -39.01 -39.27
C SER D 255 14.09 -38.34 -40.25
N PHE D 256 14.61 -38.00 -41.44
CA PHE D 256 13.86 -37.22 -42.40
C PHE D 256 13.84 -37.91 -43.75
N ASN D 257 12.78 -37.65 -44.51
CA ASN D 257 12.64 -38.19 -45.86
C ASN D 257 12.87 -37.09 -46.91
N GLY D 258 13.01 -35.86 -46.45
CA GLY D 258 13.16 -34.73 -47.36
C GLY D 258 12.51 -33.51 -46.76
N ALA D 259 12.69 -32.38 -47.48
CA ALA D 259 12.25 -31.04 -47.07
C ALA D 259 12.80 -30.68 -45.69
N PHE D 260 14.09 -30.96 -45.48
CA PHE D 260 14.75 -30.74 -44.21
C PHE D 260 15.88 -29.75 -44.39
N ILE D 261 16.00 -28.79 -43.47
CA ILE D 261 17.08 -27.82 -43.47
C ILE D 261 17.91 -28.12 -42.23
N ALA D 262 19.01 -28.84 -42.42
CA ALA D 262 19.77 -29.32 -41.28
C ALA D 262 20.66 -28.22 -40.70
N PRO D 263 20.83 -28.16 -39.38
CA PRO D 263 21.75 -27.19 -38.80
C PRO D 263 23.20 -27.59 -39.04
N ASP D 264 24.03 -26.62 -39.37
CA ASP D 264 25.45 -26.90 -39.54
C ASP D 264 26.15 -27.09 -38.21
N ARG D 265 25.84 -26.16 -37.28
CA ARG D 265 26.43 -26.10 -35.94
C ARG D 265 25.39 -25.96 -34.84
N ALA D 266 25.62 -26.48 -33.61
CA ALA D 266 24.71 -26.22 -32.50
C ALA D 266 24.91 -24.82 -31.94
N SER D 267 24.07 -24.46 -30.97
CA SER D 267 24.14 -23.19 -30.28
C SER D 267 24.13 -23.42 -28.78
N PHE D 268 25.06 -22.77 -28.07
CA PHE D 268 25.20 -22.93 -26.62
C PHE D 268 25.19 -21.56 -25.96
N LEU D 269 24.45 -21.43 -24.88
CA LEU D 269 24.35 -20.16 -24.17
C LEU D 269 25.64 -19.87 -23.41
N ARG D 270 25.96 -18.59 -23.26
CA ARG D 270 27.23 -18.18 -22.67
C ARG D 270 27.10 -17.72 -21.23
N GLY D 271 26.13 -16.86 -20.92
CA GLY D 271 26.00 -16.30 -19.59
C GLY D 271 24.63 -15.67 -19.37
N LYS D 272 24.62 -14.52 -18.71
CA LYS D 272 23.40 -13.82 -18.36
C LYS D 272 23.53 -12.37 -18.82
N SER D 273 22.46 -11.85 -19.41
CA SER D 273 22.46 -10.51 -19.99
C SER D 273 21.03 -9.98 -20.03
N MET D 274 20.84 -8.87 -20.73
CA MET D 274 19.52 -8.29 -20.95
C MET D 274 19.37 -7.94 -22.42
N GLY D 275 18.12 -7.89 -22.87
CA GLY D 275 17.82 -7.52 -24.24
C GLY D 275 16.82 -6.38 -24.31
N ILE D 276 17.16 -5.33 -25.06
CA ILE D 276 16.30 -4.16 -25.19
C ILE D 276 15.98 -3.93 -26.66
N GLN D 277 14.91 -3.20 -26.90
CA GLN D 277 14.50 -2.80 -28.25
C GLN D 277 14.35 -1.29 -28.28
N SER D 278 15.07 -0.63 -29.18
CA SER D 278 15.05 0.82 -29.28
C SER D 278 15.47 1.23 -30.67
N GLY D 279 15.24 2.50 -30.99
CA GLY D 279 15.61 3.04 -32.28
C GLY D 279 16.47 4.27 -32.19
N VAL D 280 17.39 4.29 -31.22
CA VAL D 280 18.24 5.44 -30.97
C VAL D 280 19.69 4.98 -30.90
N GLN D 281 20.59 5.96 -30.97
CA GLN D 281 22.02 5.69 -31.02
C GLN D 281 22.56 5.31 -29.65
N VAL D 282 23.79 4.79 -29.65
CA VAL D 282 24.45 4.30 -28.44
C VAL D 282 25.75 5.09 -28.24
N ASP D 283 25.99 5.55 -27.02
CA ASP D 283 27.28 6.12 -26.64
C ASP D 283 27.75 5.48 -25.35
N ALA D 284 29.07 5.44 -25.15
CA ALA D 284 29.63 4.77 -23.99
C ALA D 284 30.01 5.73 -22.87
N ASP D 285 29.71 7.02 -23.00
CA ASP D 285 30.08 7.99 -21.98
C ASP D 285 29.18 7.90 -20.75
N CYS D 286 27.88 7.71 -20.95
CA CYS D 286 26.91 7.75 -19.86
C CYS D 286 26.57 6.34 -19.40
N GLU D 287 25.99 6.26 -18.20
CA GLU D 287 25.63 4.98 -17.58
C GLU D 287 24.24 5.04 -16.97
N GLY D 288 23.37 4.17 -17.46
CA GLY D 288 22.08 3.92 -16.84
C GLY D 288 21.72 2.45 -16.96
N ASP D 289 20.85 1.99 -16.07
CA ASP D 289 20.46 0.59 -16.05
C ASP D 289 19.03 0.37 -16.54
N CYS D 290 18.26 1.43 -16.72
CA CYS D 290 16.88 1.34 -17.18
C CYS D 290 16.81 1.80 -18.63
N TYR D 291 16.18 0.99 -19.48
CA TYR D 291 16.09 1.28 -20.89
C TYR D 291 14.66 1.13 -21.38
N TYR D 292 14.30 1.93 -22.37
CA TYR D 292 13.03 1.80 -23.06
C TYR D 292 13.28 2.09 -24.55
N SER D 293 12.18 2.17 -25.32
CA SER D 293 12.30 2.27 -26.77
C SER D 293 12.87 3.61 -27.22
N GLY D 294 12.77 4.63 -26.38
CA GLY D 294 13.25 5.95 -26.75
C GLY D 294 14.53 6.41 -26.10
N GLY D 295 15.11 5.62 -25.20
CA GLY D 295 16.35 6.04 -24.57
C GLY D 295 16.54 5.37 -23.21
N THR D 296 17.24 6.09 -22.34
CA THR D 296 17.70 5.57 -21.06
C THR D 296 17.27 6.50 -19.93
N ILE D 297 16.67 5.91 -18.89
CA ILE D 297 16.39 6.63 -17.65
C ILE D 297 17.63 6.47 -16.77
N ILE D 298 18.23 7.60 -16.38
CA ILE D 298 19.57 7.59 -15.83
C ILE D 298 19.55 7.96 -14.35
N SER D 299 18.48 8.59 -13.90
CA SER D 299 18.50 9.20 -12.57
C SER D 299 17.57 8.43 -11.65
N ASN D 300 17.93 8.38 -10.37
CA ASN D 300 17.18 7.63 -9.38
C ASN D 300 16.07 8.45 -8.72
N LEU D 301 14.84 8.03 -8.97
CA LEU D 301 13.64 8.55 -8.33
C LEU D 301 12.70 7.37 -8.07
N PRO D 302 11.76 7.51 -7.12
CA PRO D 302 10.85 6.38 -6.82
C PRO D 302 9.99 5.91 -7.99
N PHE D 303 9.50 6.82 -8.82
CA PHE D 303 8.55 6.47 -9.87
C PHE D 303 8.93 7.16 -11.17
N GLN D 304 8.23 6.79 -12.25
CA GLN D 304 8.47 7.38 -13.56
C GLN D 304 7.19 7.33 -14.39
N ASN D 305 7.09 8.20 -15.38
CA ASN D 305 5.94 8.27 -16.30
C ASN D 305 6.50 8.42 -17.72
N ILE D 306 7.66 7.80 -18.02
CA ILE D 306 8.18 7.84 -19.38
C ILE D 306 7.62 6.69 -20.20
N ASP D 307 7.69 5.48 -19.66
CA ASP D 307 7.18 4.30 -20.37
C ASP D 307 6.76 3.25 -19.36
N SER D 308 5.70 2.52 -19.71
CA SER D 308 5.25 1.41 -18.86
C SER D 308 6.14 0.18 -19.04
N ARG D 309 6.64 -0.03 -20.25
CA ARG D 309 7.48 -1.20 -20.56
C ARG D 309 8.93 -0.75 -20.57
N ALA D 310 9.62 -1.00 -19.46
CA ALA D 310 11.01 -0.60 -19.27
C ALA D 310 11.81 -1.78 -18.76
N VAL D 311 13.07 -1.86 -19.14
CA VAL D 311 13.90 -3.03 -18.88
C VAL D 311 15.02 -2.68 -17.91
N GLY D 312 15.12 -3.46 -16.83
CA GLY D 312 16.21 -3.32 -15.90
C GLY D 312 15.78 -2.79 -14.55
N LYS D 313 16.76 -2.26 -13.83
CA LYS D 313 16.49 -1.62 -12.55
C LYS D 313 15.82 -0.28 -12.82
N CYS D 314 14.49 -0.25 -12.73
CA CYS D 314 13.71 0.86 -13.22
C CYS D 314 12.78 1.38 -12.12
N PRO D 315 12.46 2.67 -12.14
CA PRO D 315 11.38 3.16 -11.28
C PRO D 315 10.03 2.63 -11.74
N ARG D 316 9.09 2.58 -10.81
CA ARG D 316 7.77 2.06 -11.08
C ARG D 316 6.97 3.01 -11.96
N TYR D 317 6.29 2.47 -12.95
CA TYR D 317 5.47 3.29 -13.83
C TYR D 317 4.18 3.66 -13.14
N VAL D 318 3.82 4.94 -13.19
CA VAL D 318 2.62 5.47 -12.56
C VAL D 318 1.85 6.28 -13.59
N LYS D 319 0.55 6.42 -13.36
CA LYS D 319 -0.29 7.19 -14.27
C LYS D 319 -0.10 8.70 -14.07
N GLN D 320 0.30 9.12 -12.87
CA GLN D 320 0.29 10.54 -12.53
C GLN D 320 1.43 11.29 -13.20
N ARG D 321 1.22 12.47 -13.79
CA ARG D 321 2.40 13.15 -14.39
C ARG D 321 3.17 13.83 -13.28
N SER D 322 2.43 14.48 -12.37
CA SER D 322 3.20 15.21 -11.36
C SER D 322 2.89 14.66 -9.98
N LEU D 323 3.92 14.47 -9.16
CA LEU D 323 3.78 14.04 -7.77
C LEU D 323 4.86 14.74 -6.95
N LEU D 324 4.48 15.80 -6.25
CA LEU D 324 5.41 16.64 -5.51
C LEU D 324 5.48 16.19 -4.06
N LEU D 325 6.69 15.96 -3.56
CA LEU D 325 6.92 15.55 -2.18
C LEU D 325 7.37 16.76 -1.37
N ALA D 326 6.75 16.96 -0.21
CA ALA D 326 7.04 18.13 0.62
C ALA D 326 8.40 17.97 1.27
N THR D 327 9.41 18.68 0.79
CA THR D 327 10.75 18.63 1.43
C THR D 327 10.90 19.81 2.37
N GLY D 328 9.94 20.70 2.40
CA GLY D 328 9.99 21.80 3.35
C GLY D 328 8.75 21.81 4.22
N MET D 329 8.69 22.83 5.08
CA MET D 329 7.60 22.99 6.03
C MET D 329 6.44 23.75 5.39
N LYS D 330 5.33 23.85 6.11
CA LYS D 330 4.16 24.57 5.62
C LYS D 330 4.44 26.07 5.56
N ASN D 331 4.03 26.69 4.45
CA ASN D 331 4.37 28.07 4.17
C ASN D 331 3.14 28.96 4.35
N VAL D 332 3.17 29.80 5.37
CA VAL D 332 2.22 30.89 5.52
C VAL D 332 2.96 32.21 5.23
N PRO D 333 2.56 32.93 4.18
CA PRO D 333 3.25 34.19 3.85
C PRO D 333 3.06 35.26 4.91
N GLU D 334 4.08 36.10 5.05
CA GLU D 334 3.98 37.28 5.89
C GLU D 334 3.11 38.33 5.23
N ILE D 335 2.26 38.97 6.03
CA ILE D 335 1.37 40.01 5.53
C ILE D 335 1.25 41.13 6.56
N ALA D 344 5.31 45.41 16.51
CA ALA D 344 6.61 45.44 15.80
C ALA D 344 7.20 44.03 15.75
N ILE D 345 6.89 43.18 16.72
CA ILE D 345 7.39 41.77 16.80
C ILE D 345 6.16 40.86 16.85
N ALA D 346 6.12 39.78 16.09
CA ALA D 346 4.95 38.87 16.00
C ALA D 346 5.48 37.45 16.11
N GLY D 347 4.61 36.46 16.16
CA GLY D 347 5.06 35.10 16.44
C GLY D 347 4.66 34.05 15.45
N PHE D 348 4.90 32.79 15.79
CA PHE D 348 4.60 31.62 14.93
C PHE D 348 3.12 31.50 14.70
N ILE D 349 2.30 31.77 15.70
CA ILE D 349 0.83 31.61 15.60
C ILE D 349 0.32 32.59 14.55
N GLU D 350 0.80 33.83 14.58
CA GLU D 350 0.37 34.90 13.64
C GLU D 350 0.85 34.69 12.20
N ASN D 351 2.10 34.29 11.95
CA ASN D 351 2.68 34.28 10.58
C ASN D 351 4.06 33.67 10.57
N GLY D 352 4.76 33.66 9.44
CA GLY D 352 6.14 33.24 9.37
C GLY D 352 7.02 34.34 8.81
N TRP D 353 8.25 34.39 9.34
CA TRP D 353 9.18 35.47 9.02
C TRP D 353 9.93 35.16 7.73
N GLU D 354 9.87 36.09 6.77
CA GLU D 354 10.61 35.92 5.53
C GLU D 354 12.07 36.35 5.66
N GLY D 355 12.41 37.09 6.72
CA GLY D 355 13.78 37.55 6.89
C GLY D 355 14.70 36.54 7.53
N LEU D 356 14.16 35.41 7.96
CA LEU D 356 14.96 34.37 8.61
C LEU D 356 15.70 33.57 7.54
N ILE D 357 17.03 33.62 7.58
CA ILE D 357 17.85 32.93 6.59
C ILE D 357 18.86 32.00 7.24
N ASP D 358 19.15 32.17 8.52
CA ASP D 358 20.13 31.32 9.20
C ASP D 358 19.56 29.96 9.58
N GLY D 359 18.25 29.76 9.44
CA GLY D 359 17.67 28.49 9.79
C GLY D 359 16.19 28.48 9.54
N TRP D 360 15.55 27.40 9.98
CA TRP D 360 14.11 27.24 9.81
C TRP D 360 13.30 27.80 10.97
N TYR D 361 13.86 27.77 12.17
CA TYR D 361 13.20 28.31 13.35
C TYR D 361 14.12 29.32 14.03
N GLY D 362 13.58 30.50 14.35
CA GLY D 362 14.40 31.60 14.80
C GLY D 362 13.82 32.28 16.04
N PHE D 363 14.67 33.07 16.67
CA PHE D 363 14.36 33.77 17.92
C PHE D 363 14.47 35.27 17.65
N ARG D 364 13.33 35.95 17.58
CA ARG D 364 13.32 37.41 17.45
C ARG D 364 13.02 38.04 18.80
N HIS D 365 13.91 38.93 19.24
CA HIS D 365 13.79 39.56 20.56
C HIS D 365 13.80 41.08 20.42
N GLN D 366 12.86 41.73 21.09
CA GLN D 366 12.81 43.18 21.19
C GLN D 366 13.31 43.58 22.56
N ASN D 367 14.30 44.47 22.60
CA ASN D 367 14.96 44.84 23.84
C ASN D 367 15.21 46.34 23.84
N ALA D 368 15.66 46.85 24.99
CA ALA D 368 15.96 48.26 25.11
C ALA D 368 17.20 48.65 24.30
N GLN D 369 18.16 47.72 24.17
CA GLN D 369 19.33 47.98 23.35
C GLN D 369 18.97 47.99 21.87
N GLY D 370 18.09 47.11 21.44
CA GLY D 370 17.69 47.09 20.05
C GLY D 370 16.92 45.81 19.72
N GLU D 371 16.78 45.59 18.42
CA GLU D 371 16.04 44.45 17.88
C GLU D 371 17.03 43.58 17.10
N GLY D 372 17.08 42.29 17.45
CA GLY D 372 17.96 41.36 16.77
C GLY D 372 17.34 39.98 16.68
N THR D 373 17.86 39.19 15.74
CA THR D 373 17.33 37.88 15.47
C THR D 373 18.45 36.86 15.34
N ALA D 374 18.09 35.58 15.51
CA ALA D 374 19.02 34.48 15.36
C ALA D 374 18.24 33.26 14.89
N ALA D 375 18.84 32.09 15.02
CA ALA D 375 18.20 30.84 14.64
C ALA D 375 18.57 29.75 15.64
N ASP D 376 17.70 28.75 15.75
CA ASP D 376 17.94 27.61 16.62
C ASP D 376 18.52 26.46 15.79
N TYR D 377 19.68 25.96 16.21
CA TYR D 377 20.37 24.94 15.42
C TYR D 377 19.79 23.55 15.71
N LYS D 378 19.29 23.33 16.93
CA LYS D 378 18.85 21.99 17.32
C LYS D 378 17.57 21.58 16.60
N SER D 379 16.57 22.46 16.60
CA SER D 379 15.28 22.12 16.00
C SER D 379 15.39 22.07 14.48
N THR D 380 16.12 23.01 13.89
CA THR D 380 16.37 23.00 12.45
C THR D 380 17.15 21.77 12.03
N GLN D 381 18.18 21.40 12.80
CA GLN D 381 18.98 20.23 12.48
C GLN D 381 18.16 18.95 12.60
N SER D 382 17.30 18.85 13.62
CA SER D 382 16.44 17.68 13.76
C SER D 382 15.43 17.57 12.62
N ALA D 383 14.84 18.70 12.21
CA ALA D 383 13.91 18.69 11.09
C ALA D 383 14.60 18.28 9.79
N ILE D 384 15.82 18.79 9.56
CA ILE D 384 16.56 18.46 8.34
C ILE D 384 16.96 16.99 8.35
N ASP D 385 17.35 16.47 9.53
CA ASP D 385 17.70 15.05 9.65
C ASP D 385 16.50 14.14 9.34
N GLN D 386 15.32 14.50 9.85
CA GLN D 386 14.16 13.65 9.62
C GLN D 386 13.68 13.73 8.16
N ILE D 387 13.78 14.91 7.54
CA ILE D 387 13.42 15.05 6.13
C ILE D 387 14.42 14.31 5.23
N THR D 388 15.69 14.38 5.56
CA THR D 388 16.69 13.62 4.78
C THR D 388 16.50 12.13 5.02
N GLY D 389 16.08 11.70 6.21
CA GLY D 389 15.77 10.30 6.42
C GLY D 389 14.61 9.82 5.55
N LYS D 390 13.56 10.65 5.43
CA LYS D 390 12.47 10.37 4.50
C LYS D 390 12.97 10.27 3.07
N LEU D 391 13.82 11.21 2.65
CA LEU D 391 14.35 11.21 1.29
C LEU D 391 15.25 10.00 1.03
N ASN D 392 16.13 9.66 1.93
CA ASN D 392 16.92 8.45 1.66
C ASN D 392 15.94 7.30 1.53
N ARG D 393 15.00 7.18 2.44
CA ARG D 393 14.16 5.99 2.35
C ARG D 393 13.46 5.90 1.00
N LEU D 394 12.93 7.01 0.47
CA LEU D 394 12.12 6.88 -0.74
C LEU D 394 12.96 6.85 -2.03
N ILE D 395 14.05 7.62 -2.11
CA ILE D 395 14.72 7.92 -3.38
C ILE D 395 15.33 6.65 -3.99
N GLU D 396 15.76 5.70 -3.15
CA GLU D 396 16.33 4.43 -3.60
C GLU D 396 15.34 3.61 -4.42
N LYS D 397 15.76 3.19 -5.61
CA LYS D 397 14.93 2.37 -6.48
C LYS D 397 15.24 0.89 -6.28
N THR D 398 14.56 0.06 -7.06
CA THR D 398 14.65 -1.38 -6.88
C THR D 398 15.93 -1.96 -7.47
N ASN D 399 16.22 -3.19 -7.09
CA ASN D 399 17.30 -3.98 -7.68
C ASN D 399 16.79 -5.16 -8.50
N GLN D 400 15.48 -5.30 -8.63
CA GLN D 400 14.91 -6.39 -9.41
C GLN D 400 15.05 -6.09 -10.90
N GLN D 401 15.46 -7.10 -11.67
CA GLN D 401 15.70 -6.94 -13.09
C GLN D 401 14.50 -7.49 -13.87
N PHE D 402 13.94 -6.67 -14.74
CA PHE D 402 12.76 -7.03 -15.52
C PHE D 402 13.14 -7.18 -16.99
N GLU D 403 12.56 -8.18 -17.64
CA GLU D 403 12.86 -8.49 -19.03
C GLU D 403 11.76 -7.96 -19.94
N LEU D 404 12.02 -8.05 -21.24
CA LEU D 404 10.95 -7.86 -22.22
C LEU D 404 10.07 -9.09 -22.26
N ILE D 405 8.77 -8.86 -22.23
CA ILE D 405 7.78 -9.93 -22.35
C ILE D 405 6.88 -9.71 -23.56
N ASP D 406 7.05 -8.60 -24.27
CA ASP D 406 6.20 -8.22 -25.40
C ASP D 406 7.09 -7.63 -26.48
N ASN D 407 6.96 -8.05 -27.72
CA ASN D 407 7.76 -7.48 -28.83
C ASN D 407 6.92 -6.33 -29.39
N GLU D 408 7.39 -5.09 -29.25
CA GLU D 408 6.73 -3.88 -29.77
C GLU D 408 6.73 -3.90 -31.29
N PHE D 409 7.82 -4.31 -31.90
CA PHE D 409 7.99 -4.37 -33.36
C PHE D 409 7.10 -5.46 -33.97
N THR D 410 7.02 -6.66 -33.38
CA THR D 410 6.22 -7.80 -33.90
C THR D 410 5.22 -8.19 -32.81
N GLU D 411 3.92 -8.27 -33.09
CA GLU D 411 2.91 -8.49 -32.02
C GLU D 411 2.96 -9.91 -31.48
N VAL D 412 2.75 -10.10 -30.19
CA VAL D 412 2.71 -11.41 -29.51
C VAL D 412 1.33 -11.98 -29.75
N GLU D 413 1.14 -13.29 -29.68
CA GLU D 413 -0.19 -13.92 -29.78
C GLU D 413 -1.15 -13.07 -28.99
N LYS D 414 -2.40 -12.95 -29.41
CA LYS D 414 -3.43 -12.05 -28.83
C LYS D 414 -3.90 -12.44 -27.45
N GLN D 415 -4.05 -13.71 -27.22
CA GLN D 415 -4.58 -14.17 -25.93
C GLN D 415 -3.61 -13.86 -24.80
N ILE D 416 -2.36 -14.32 -24.93
CA ILE D 416 -1.34 -14.02 -23.94
C ILE D 416 -0.97 -12.54 -23.96
N GLY D 417 -1.13 -11.88 -25.12
CA GLY D 417 -0.94 -10.44 -25.17
C GLY D 417 -1.98 -9.67 -24.38
N ASN D 418 -3.25 -10.09 -24.46
CA ASN D 418 -4.30 -9.47 -23.66
C ASN D 418 -4.12 -9.78 -22.18
N VAL D 419 -3.66 -10.98 -21.84
CA VAL D 419 -3.38 -11.33 -20.45
C VAL D 419 -2.25 -10.44 -19.89
N ILE D 420 -1.20 -10.26 -20.68
CA ILE D 420 -0.07 -9.41 -20.29
C ILE D 420 -0.51 -7.95 -20.13
N ASN D 421 -1.33 -7.46 -21.05
CA ASN D 421 -1.81 -6.08 -20.98
C ASN D 421 -2.70 -5.86 -19.75
N TRP D 422 -3.58 -6.82 -19.46
CA TRP D 422 -4.43 -6.72 -18.27
C TRP D 422 -3.61 -6.75 -16.99
N THR D 423 -2.59 -7.62 -16.94
CA THR D 423 -1.73 -7.70 -15.76
C THR D 423 -0.92 -6.43 -15.57
N ARG D 424 -0.41 -5.85 -16.67
CA ARG D 424 0.37 -4.62 -16.57
C ARG D 424 -0.49 -3.43 -16.15
N ASP D 425 -1.73 -3.36 -16.65
CA ASP D 425 -2.64 -2.30 -16.21
C ASP D 425 -3.02 -2.45 -14.74
N SER D 426 -3.24 -3.67 -14.27
CA SER D 426 -3.53 -3.88 -12.85
C SER D 426 -2.33 -3.51 -11.97
N ILE D 427 -1.12 -3.88 -12.42
CA ILE D 427 0.09 -3.58 -11.67
C ILE D 427 0.34 -2.07 -11.61
N THR D 428 0.16 -1.37 -12.74
CA THR D 428 0.39 0.06 -12.71
C THR D 428 -0.73 0.81 -12.00
N GLU D 429 -1.93 0.23 -11.91
CA GLU D 429 -2.97 0.83 -11.07
C GLU D 429 -2.61 0.71 -9.60
N VAL D 430 -2.08 -0.46 -9.20
CA VAL D 430 -1.61 -0.66 -7.82
C VAL D 430 -0.49 0.30 -7.49
N TRP D 431 0.48 0.46 -8.41
CA TRP D 431 1.62 1.32 -8.14
C TRP D 431 1.24 2.80 -8.17
N SER D 432 0.27 3.19 -9.00
CA SER D 432 -0.20 4.57 -9.00
C SER D 432 -0.93 4.92 -7.71
N TYR D 433 -1.77 3.99 -7.22
CA TYR D 433 -2.43 4.20 -5.93
C TYR D 433 -1.43 4.27 -4.79
N ASN D 434 -0.40 3.40 -4.82
CA ASN D 434 0.63 3.43 -3.79
C ASN D 434 1.44 4.72 -3.84
N ALA D 435 1.70 5.23 -5.04
CA ALA D 435 2.46 6.46 -5.20
C ALA D 435 1.69 7.66 -4.66
N GLU D 436 0.40 7.76 -5.01
CA GLU D 436 -0.45 8.84 -4.52
C GLU D 436 -0.59 8.78 -3.00
N LEU D 437 -0.80 7.59 -2.45
CA LEU D 437 -0.93 7.42 -1.01
C LEU D 437 0.37 7.78 -0.29
N LEU D 438 1.52 7.34 -0.83
CA LEU D 438 2.81 7.63 -0.19
C LEU D 438 3.12 9.12 -0.20
N VAL D 439 2.84 9.80 -1.32
CA VAL D 439 3.07 11.24 -1.42
C VAL D 439 2.20 11.99 -0.41
N ALA D 440 0.92 11.60 -0.31
CA ALA D 440 0.02 12.24 0.65
C ALA D 440 0.46 12.02 2.10
N MET D 441 0.86 10.78 2.43
CA MET D 441 1.35 10.47 3.77
C MET D 441 2.59 11.27 4.14
N GLU D 442 3.58 11.31 3.26
CA GLU D 442 4.82 11.98 3.63
C GLU D 442 4.66 13.51 3.64
N ASN D 443 3.77 14.06 2.81
CA ASN D 443 3.49 15.50 2.89
C ASN D 443 2.80 15.85 4.21
N GLN D 444 1.78 15.07 4.58
CA GLN D 444 1.07 15.31 5.83
C GLN D 444 1.97 15.12 7.04
N HIS D 445 2.82 14.10 7.01
CA HIS D 445 3.74 13.82 8.11
C HIS D 445 4.83 14.89 8.20
N THR D 446 5.26 15.45 7.07
CA THR D 446 6.24 16.54 7.11
C THR D 446 5.63 17.81 7.72
N ILE D 447 4.38 18.12 7.36
CA ILE D 447 3.73 19.32 7.91
C ILE D 447 3.49 19.15 9.41
N ASP D 448 3.00 17.97 9.83
CA ASP D 448 2.78 17.70 11.25
C ASP D 448 4.11 17.61 12.00
N LEU D 449 5.18 17.17 11.34
CA LEU D 449 6.49 17.08 11.94
C LEU D 449 7.04 18.48 12.24
N ALA D 450 6.90 19.39 11.28
CA ALA D 450 7.33 20.78 11.50
C ALA D 450 6.52 21.46 12.60
N ASP D 451 5.20 21.21 12.63
CA ASP D 451 4.37 21.77 13.69
C ASP D 451 4.76 21.21 15.06
N SER D 452 5.09 19.91 15.13
CA SER D 452 5.50 19.31 16.39
C SER D 452 6.85 19.84 16.85
N GLU D 453 7.77 20.09 15.91
CA GLU D 453 9.07 20.68 16.29
C GLU D 453 8.91 22.10 16.81
N MET D 454 8.02 22.88 16.19
CA MET D 454 7.72 24.22 16.71
C MET D 454 7.09 24.16 18.10
N ASP D 455 6.17 23.20 18.31
CA ASP D 455 5.56 23.05 19.62
C ASP D 455 6.59 22.65 20.68
N LYS D 456 7.53 21.77 20.31
CA LYS D 456 8.58 21.35 21.25
C LYS D 456 9.50 22.52 21.60
N LEU D 457 9.87 23.34 20.61
CA LEU D 457 10.68 24.53 20.86
C LEU D 457 9.95 25.52 21.77
N TYR D 458 8.67 25.73 21.50
CA TYR D 458 7.89 26.70 22.28
C TYR D 458 7.71 26.23 23.72
N GLU D 459 7.47 24.92 23.91
CA GLU D 459 7.43 24.38 25.26
C GLU D 459 8.79 24.47 25.94
N ARG D 460 9.89 24.34 25.19
CA ARG D 460 11.22 24.45 25.82
C ARG D 460 11.47 25.86 26.35
N VAL D 461 11.13 26.88 25.55
CA VAL D 461 11.29 28.26 26.02
C VAL D 461 10.31 28.57 27.15
N LYS D 462 9.14 27.92 27.14
CA LYS D 462 8.24 28.04 28.29
C LYS D 462 8.82 27.38 29.55
N ARG D 463 9.50 26.24 29.40
CA ARG D 463 10.09 25.55 30.55
C ARG D 463 11.28 26.32 31.11
N GLN D 464 11.96 27.09 30.27
CA GLN D 464 13.04 27.93 30.78
C GLN D 464 12.50 29.11 31.60
N LEU D 465 11.43 29.74 31.12
CA LEU D 465 10.83 30.88 31.82
C LEU D 465 9.80 30.34 32.81
N ARG D 466 10.29 30.06 34.01
CA ARG D 466 9.43 29.40 35.00
C ARG D 466 8.34 30.37 35.39
N GLU D 467 8.65 31.31 36.25
CA GLU D 467 7.66 32.33 36.61
C GLU D 467 8.16 33.74 36.33
N ASN D 468 9.10 33.89 35.39
CA ASN D 468 9.64 35.21 35.08
C ASN D 468 8.91 35.87 33.91
N ALA D 469 8.35 35.07 32.99
CA ALA D 469 7.70 35.62 31.81
C ALA D 469 6.35 34.95 31.63
N GLU D 470 5.52 35.55 30.78
CA GLU D 470 4.16 35.07 30.55
C GLU D 470 3.78 35.22 29.08
N GLU D 471 2.76 34.48 28.68
CA GLU D 471 2.49 34.14 27.28
C GLU D 471 1.63 35.20 26.60
N ASP D 472 2.19 35.89 25.59
CA ASP D 472 1.47 36.99 24.96
C ASP D 472 0.81 36.58 23.65
N GLY D 473 -0.18 35.68 23.72
CA GLY D 473 -1.19 35.54 22.68
C GLY D 473 -0.72 34.98 21.36
N THR D 474 0.21 35.66 20.68
CA THR D 474 0.52 35.38 19.28
C THR D 474 1.72 34.44 19.13
N GLY D 475 2.19 33.83 20.20
CA GLY D 475 3.36 32.99 20.13
C GLY D 475 4.61 33.59 20.74
N CYS D 476 4.48 34.71 21.43
CA CYS D 476 5.61 35.40 22.03
C CYS D 476 5.57 35.28 23.55
N PHE D 477 6.67 35.69 24.18
CA PHE D 477 6.76 35.78 25.62
C PHE D 477 7.08 37.22 25.99
N GLU D 478 6.32 37.77 26.95
CA GLU D 478 6.53 39.14 27.40
C GLU D 478 7.45 39.06 28.62
N ILE D 479 8.70 39.45 28.43
CA ILE D 479 9.69 39.41 29.50
C ILE D 479 9.43 40.58 30.45
N PHE D 480 9.25 40.26 31.73
CA PHE D 480 9.03 41.30 32.74
C PHE D 480 10.32 41.84 33.34
N HIS D 481 11.34 41.00 33.48
CA HIS D 481 12.55 41.49 34.11
C HIS D 481 13.47 42.14 33.09
N LYS D 482 14.15 43.20 33.54
CA LYS D 482 15.14 43.87 32.71
C LYS D 482 16.34 42.96 32.52
N CYS D 483 16.56 42.52 31.28
CA CYS D 483 17.71 41.68 30.98
C CYS D 483 18.14 41.92 29.53
N ASP D 484 19.45 41.99 29.33
CA ASP D 484 20.07 42.54 28.13
C ASP D 484 20.20 41.49 27.02
N ASP D 485 21.06 41.77 26.05
CA ASP D 485 21.32 40.82 24.97
C ASP D 485 22.03 39.57 25.49
N ASP D 486 22.77 39.69 26.60
CA ASP D 486 23.34 38.53 27.26
C ASP D 486 22.26 37.60 27.79
N CYS D 487 21.18 38.17 28.31
CA CYS D 487 19.99 37.40 28.69
C CYS D 487 19.34 36.72 27.49
N MET D 488 19.26 37.40 26.35
CA MET D 488 18.64 36.80 25.17
C MET D 488 19.50 35.65 24.62
N ALA D 489 20.82 35.82 24.65
CA ALA D 489 21.69 34.72 24.25
C ALA D 489 21.70 33.60 25.28
N SER D 490 21.43 33.93 26.55
CA SER D 490 21.33 32.90 27.58
C SER D 490 20.03 32.13 27.48
N ILE D 491 18.98 32.75 26.94
CA ILE D 491 17.73 32.04 26.73
C ILE D 491 17.75 31.32 25.39
N ARG D 492 18.69 31.70 24.51
CA ARG D 492 18.86 30.97 23.25
C ARG D 492 19.41 29.57 23.50
N ASN D 493 20.44 29.44 24.32
CA ASN D 493 20.87 28.12 24.76
C ASN D 493 20.15 27.76 26.06
N ASN D 494 20.42 26.57 26.57
CA ASN D 494 19.73 26.08 27.77
C ASN D 494 20.56 26.35 29.02
N THR D 495 20.90 27.64 29.22
CA THR D 495 21.67 28.06 30.38
C THR D 495 20.98 29.15 31.19
N TYR D 496 19.71 29.44 30.92
CA TYR D 496 19.02 30.53 31.61
C TYR D 496 18.70 30.12 33.04
N ASP D 497 19.03 31.00 33.98
CA ASP D 497 18.82 30.77 35.40
C ASP D 497 17.59 31.58 35.81
N HIS D 498 16.62 30.88 36.41
CA HIS D 498 15.39 31.55 36.82
C HIS D 498 15.52 32.24 38.17
N SER D 499 16.44 31.78 39.02
CA SER D 499 16.47 32.27 40.40
C SER D 499 17.12 33.65 40.50
N LYS D 500 17.90 34.04 39.50
CA LYS D 500 18.59 35.33 39.54
C LYS D 500 17.65 36.50 39.30
N TYR D 501 16.54 36.28 38.60
CA TYR D 501 15.61 37.34 38.26
C TYR D 501 14.22 37.12 38.83
N ARG D 502 14.05 36.09 39.67
CA ARG D 502 12.72 35.63 40.07
C ARG D 502 11.98 36.66 40.94
N GLU D 503 12.70 37.31 41.85
CA GLU D 503 12.08 38.23 42.79
C GLU D 503 11.50 39.45 42.08
N GLU D 504 12.31 40.07 41.22
CA GLU D 504 11.88 41.30 40.56
C GLU D 504 10.83 41.00 39.50
N ALA D 505 10.96 39.86 38.80
CA ALA D 505 9.95 39.49 37.81
C ALA D 505 8.62 39.13 38.46
N MET D 506 8.66 38.44 39.61
CA MET D 506 7.42 38.10 40.32
C MET D 506 6.77 39.35 40.90
N GLN D 507 7.59 40.30 41.38
CA GLN D 507 7.07 41.58 41.84
C GLN D 507 6.44 42.37 40.69
N ASN D 508 7.00 42.21 39.48
CA ASN D 508 6.39 42.85 38.32
C ASN D 508 5.08 42.18 37.92
N ARG D 509 4.97 40.86 38.09
CA ARG D 509 3.73 40.18 37.73
C ARG D 509 2.61 40.46 38.72
N ILE D 510 2.91 40.49 40.02
CA ILE D 510 1.87 40.67 41.02
C ILE D 510 1.33 42.10 40.98
N GLN D 511 2.22 43.08 40.84
CA GLN D 511 1.81 44.48 40.71
C GLN D 511 1.07 44.75 39.41
N GLN E 1 30.94 23.82 -7.71
CA GLN E 1 32.37 24.00 -7.84
C GLN E 1 32.84 25.31 -7.23
N VAL E 2 32.49 25.51 -5.96
CA VAL E 2 32.88 26.74 -5.28
C VAL E 2 34.33 26.64 -4.81
N GLN E 3 35.14 27.62 -5.19
CA GLN E 3 36.55 27.65 -4.84
C GLN E 3 36.83 28.91 -4.04
N LEU E 4 37.43 28.75 -2.86
CA LEU E 4 37.71 29.86 -1.96
C LEU E 4 39.15 30.33 -2.12
N LEU E 5 39.44 30.91 -3.29
CA LEU E 5 40.78 31.37 -3.58
C LEU E 5 41.14 32.61 -2.76
N GLU E 6 42.39 32.72 -2.37
CA GLU E 6 42.86 33.75 -1.47
C GLU E 6 43.86 34.67 -2.18
N SER E 7 43.84 35.94 -1.79
CA SER E 7 44.73 36.95 -2.35
C SER E 7 45.34 37.76 -1.21
N GLY E 8 46.62 38.11 -1.36
CA GLY E 8 47.31 38.89 -0.37
C GLY E 8 48.65 39.38 -0.85
N PRO E 9 49.27 40.32 -0.12
CA PRO E 9 50.58 40.83 -0.54
C PRO E 9 51.71 39.83 -0.36
N GLY E 10 51.77 39.15 0.77
CA GLY E 10 52.82 38.18 1.05
C GLY E 10 54.04 38.73 1.73
N LEU E 11 54.22 40.06 1.75
CA LEU E 11 55.33 40.71 2.42
C LEU E 11 54.79 41.84 3.27
N VAL E 12 54.93 41.72 4.59
CA VAL E 12 54.34 42.66 5.54
C VAL E 12 55.46 43.36 6.29
N LYS E 13 55.43 44.68 6.28
CA LYS E 13 56.32 45.46 7.13
C LYS E 13 55.88 45.33 8.59
N PRO E 14 56.83 45.33 9.53
CA PRO E 14 56.45 45.23 10.95
C PRO E 14 55.71 46.47 11.43
N SER E 15 54.81 46.25 12.41
CA SER E 15 53.96 47.27 13.02
C SER E 15 53.12 48.03 11.99
N GLN E 16 52.59 47.29 11.01
CA GLN E 16 51.75 47.86 9.96
C GLN E 16 50.52 46.98 9.79
N THR E 17 49.59 47.45 8.96
CA THR E 17 48.37 46.71 8.70
C THR E 17 48.58 45.70 7.58
N LEU E 18 47.79 44.62 7.62
CA LEU E 18 47.83 43.57 6.61
C LEU E 18 46.41 43.27 6.16
N SER E 19 46.20 43.23 4.85
CA SER E 19 44.90 42.96 4.25
C SER E 19 44.93 41.58 3.62
N LEU E 20 44.06 40.69 4.08
CA LEU E 20 43.93 39.34 3.55
C LEU E 20 42.50 39.14 3.06
N THR E 21 42.34 38.98 1.75
CA THR E 21 41.04 38.84 1.13
C THR E 21 40.91 37.43 0.56
N CYS E 22 39.84 36.73 0.93
CA CYS E 22 39.52 35.42 0.39
C CYS E 22 38.34 35.58 -0.57
N THR E 23 38.61 35.52 -1.86
CA THR E 23 37.59 35.71 -2.88
C THR E 23 36.81 34.41 -3.08
N VAL E 24 35.49 34.52 -3.17
CA VAL E 24 34.61 33.37 -3.33
C VAL E 24 34.29 33.25 -4.81
N SER E 25 34.74 32.16 -5.43
CA SER E 25 34.48 31.87 -6.83
C SER E 25 33.46 30.73 -6.89
N GLY E 26 32.19 31.08 -6.99
CA GLY E 26 31.14 30.09 -7.01
C GLY E 26 29.78 30.73 -7.21
N GLY E 27 28.80 30.23 -6.47
CA GLY E 27 27.45 30.77 -6.58
C GLY E 27 27.34 32.17 -5.97
N SER E 28 27.45 32.27 -4.66
CA SER E 28 27.33 33.54 -3.97
C SER E 28 27.98 33.45 -2.60
N VAL E 29 28.29 34.61 -2.05
CA VAL E 29 28.69 34.73 -0.64
C VAL E 29 27.53 35.16 0.23
N SER E 30 26.47 35.72 -0.37
CA SER E 30 25.29 36.18 0.34
C SER E 30 24.22 35.11 0.48
N ARG E 31 24.61 33.83 0.47
CA ARG E 31 23.62 32.76 0.57
C ARG E 31 23.03 32.66 1.97
N GLY E 32 23.85 32.83 2.99
CA GLY E 32 23.41 32.68 4.36
C GLY E 32 23.49 31.25 4.84
N GLY E 33 23.46 31.09 6.16
CA GLY E 33 23.60 29.78 6.74
C GLY E 33 25.00 29.22 6.71
N TYR E 34 26.02 30.09 6.65
CA TYR E 34 27.42 29.66 6.64
C TYR E 34 28.22 30.54 7.59
N TYR E 35 29.21 29.92 8.25
CA TYR E 35 30.24 30.68 8.94
C TYR E 35 31.40 30.92 7.97
N TRP E 36 31.68 32.20 7.69
CA TRP E 36 32.83 32.57 6.87
C TRP E 36 34.00 32.83 7.80
N THR E 37 34.93 31.87 7.86
CA THR E 37 35.94 31.84 8.91
C THR E 37 37.33 32.04 8.33
N TRP E 38 38.22 32.59 9.16
CA TRP E 38 39.63 32.70 8.87
C TRP E 38 40.40 31.84 9.86
N ILE E 39 41.24 30.96 9.36
CA ILE E 39 42.02 30.02 10.18
C ILE E 39 43.48 30.16 9.79
N ARG E 40 44.36 30.24 10.79
CA ARG E 40 45.78 30.37 10.52
C ARG E 40 46.57 29.34 11.31
N GLN E 41 47.78 29.03 10.80
CA GLN E 41 48.68 28.10 11.47
C GLN E 41 50.11 28.52 11.18
N HIS E 42 50.89 28.70 12.23
CA HIS E 42 52.34 28.75 12.07
C HIS E 42 52.88 27.33 11.91
N PRO E 43 53.87 27.11 11.03
CA PRO E 43 54.44 25.76 10.89
C PRO E 43 55.14 25.29 12.16
N GLY E 44 54.95 24.02 12.48
CA GLY E 44 55.38 23.48 13.75
C GLY E 44 54.43 23.74 14.90
N LYS E 45 53.31 24.42 14.68
CA LYS E 45 52.37 24.73 15.77
C LYS E 45 51.03 24.11 15.41
N GLY E 46 49.94 24.54 16.04
CA GLY E 46 48.58 24.18 15.69
C GLY E 46 47.82 25.30 15.02
N LEU E 47 46.70 24.92 14.41
CA LEU E 47 45.74 25.89 13.90
C LEU E 47 45.15 26.73 15.02
N GLU E 48 44.90 28.00 14.69
CA GLU E 48 44.34 28.97 15.61
C GLU E 48 43.19 29.70 14.92
N TRP E 49 42.00 29.61 15.50
CA TRP E 49 40.83 30.26 14.93
C TRP E 49 40.93 31.77 15.13
N ILE E 50 40.58 32.53 14.11
CA ILE E 50 40.69 33.99 14.15
C ILE E 50 39.35 34.66 14.35
N ALA E 51 38.45 34.51 13.38
CA ALA E 51 37.16 35.19 13.43
C ALA E 51 36.19 34.46 12.51
N TYR E 52 34.90 34.67 12.75
CA TYR E 52 33.84 34.17 11.89
C TYR E 52 32.83 35.29 11.67
N VAL E 53 32.30 35.39 10.46
CA VAL E 53 31.28 36.35 10.12
C VAL E 53 30.21 35.64 9.30
N THR E 54 28.98 36.16 9.38
CA THR E 54 27.86 35.64 8.62
C THR E 54 27.29 36.78 7.79
N TYR E 55 26.36 36.43 6.88
CA TYR E 55 25.69 37.45 6.10
C TYR E 55 24.70 38.23 6.95
N SER E 56 24.14 37.58 7.97
CA SER E 56 23.20 38.25 8.88
C SER E 56 23.89 39.30 9.75
N GLY E 57 25.19 39.18 9.98
CA GLY E 57 25.93 40.19 10.71
C GLY E 57 26.53 39.74 12.02
N ASP E 58 26.37 38.45 12.35
CA ASP E 58 26.92 37.90 13.62
C ASP E 58 28.44 37.77 13.47
N THR E 59 29.20 38.58 14.22
CA THR E 59 30.68 38.55 14.09
C THR E 59 31.31 38.29 15.46
N SER E 60 32.07 37.20 15.57
CA SER E 60 32.76 36.93 16.86
C SER E 60 34.25 36.73 16.60
N TYR E 61 35.04 37.77 16.80
CA TYR E 61 36.51 37.69 16.56
C TYR E 61 37.09 36.82 17.66
N ASN E 62 38.25 36.24 17.44
CA ASN E 62 38.84 35.29 18.43
C ASN E 62 38.96 36.00 19.74
N PRO E 63 38.64 35.38 20.87
CA PRO E 63 38.90 36.01 22.15
C PRO E 63 40.39 36.33 22.26
N SER E 64 41.25 35.64 21.51
CA SER E 64 42.71 35.89 21.65
C SER E 64 43.07 37.32 21.25
N LEU E 65 42.47 37.88 20.20
CA LEU E 65 42.89 39.24 19.73
C LEU E 65 41.71 39.98 19.10
N ARG E 66 40.74 40.37 19.94
CA ARG E 66 39.51 41.04 19.42
C ARG E 66 39.86 42.35 18.72
N GLY E 67 40.76 43.15 19.32
CA GLY E 67 41.13 44.45 18.74
C GLY E 67 41.86 44.33 17.43
N ARG E 68 42.82 43.39 17.31
CA ARG E 68 43.68 43.32 16.09
C ARG E 68 42.96 42.93 14.80
N VAL E 69 41.98 42.02 14.84
CA VAL E 69 41.39 41.53 13.57
C VAL E 69 39.99 42.07 13.35
N THR E 70 39.71 42.53 12.15
CA THR E 70 38.35 43.03 11.84
C THR E 70 37.84 42.34 10.58
N ILE E 71 36.98 41.32 10.72
CA ILE E 71 36.49 40.56 9.52
C ILE E 71 35.24 41.25 8.97
N SER E 72 35.23 41.53 7.65
CA SER E 72 34.08 42.23 7.03
C SER E 72 33.56 41.43 5.83
N LEU E 73 32.25 41.46 5.58
CA LEU E 73 31.66 40.73 4.48
C LEU E 73 31.31 41.72 3.38
N GLU E 74 31.81 41.49 2.18
CA GLU E 74 31.68 42.41 1.05
C GLU E 74 30.96 41.69 -0.09
N THR E 75 29.68 42.02 -0.27
CA THR E 75 28.85 41.26 -1.20
C THR E 75 29.14 41.63 -2.66
N SER E 76 29.52 42.89 -2.90
CA SER E 76 29.61 43.41 -4.27
C SER E 76 30.73 42.75 -5.07
N MET E 77 31.88 42.55 -4.46
CA MET E 77 32.99 41.84 -5.10
C MET E 77 33.15 40.40 -4.62
N ASN E 78 32.14 39.87 -3.92
CA ASN E 78 32.00 38.43 -3.61
C ASN E 78 33.15 37.90 -2.76
N GLN E 79 33.53 38.65 -1.73
CA GLN E 79 34.67 38.28 -0.90
C GLN E 79 34.46 38.75 0.52
N PHE E 80 35.20 38.13 1.44
CA PHE E 80 35.27 38.55 2.83
C PHE E 80 36.72 38.70 3.22
N SER E 81 37.05 39.81 3.88
CA SER E 81 38.43 40.20 4.13
C SER E 81 38.72 40.20 5.62
N LEU E 82 39.96 39.85 5.96
CA LEU E 82 40.45 39.91 7.32
C LEU E 82 41.61 40.90 7.37
N LYS E 83 41.51 41.88 8.27
CA LYS E 83 42.51 42.92 8.41
C LYS E 83 43.17 42.82 9.78
N VAL E 84 44.49 42.61 9.86
CA VAL E 84 45.21 42.54 11.17
C VAL E 84 46.20 43.70 11.25
N THR E 85 46.01 44.64 12.19
CA THR E 85 46.88 45.79 12.40
C THR E 85 47.98 45.46 13.40
N SER E 86 49.07 46.22 13.30
CA SER E 86 50.29 46.05 14.11
C SER E 86 50.85 44.62 14.00
N VAL E 87 51.24 44.25 12.77
CA VAL E 87 51.67 42.89 12.52
C VAL E 87 53.10 42.70 13.01
N THR E 88 53.29 41.65 13.83
CA THR E 88 54.61 41.35 14.43
C THR E 88 55.08 40.06 13.76
N VAL E 89 56.19 39.50 14.22
CA VAL E 89 56.76 38.26 13.69
C VAL E 89 55.86 37.07 14.01
N ALA E 90 55.25 37.07 15.19
CA ALA E 90 54.37 35.97 15.59
C ALA E 90 53.06 35.98 14.80
N ASP E 91 52.70 37.12 14.21
CA ASP E 91 51.49 37.19 13.40
C ASP E 91 51.71 36.54 12.04
N THR E 92 52.97 36.34 11.65
CA THR E 92 53.26 35.73 10.35
C THR E 92 53.01 34.24 10.39
N ALA E 93 52.08 33.78 9.55
CA ALA E 93 51.69 32.38 9.50
C ALA E 93 51.02 32.11 8.16
N LEU E 94 50.73 30.84 7.91
CA LEU E 94 49.96 30.44 6.74
C LEU E 94 48.48 30.58 7.05
N TYR E 95 47.74 31.26 6.16
CA TYR E 95 46.36 31.62 6.41
C TYR E 95 45.42 30.80 5.54
N PHE E 96 44.26 30.47 6.09
CA PHE E 96 43.22 29.73 5.39
C PHE E 96 41.88 30.43 5.56
N CYS E 97 41.02 30.30 4.55
CA CYS E 97 39.64 30.73 4.65
C CYS E 97 38.75 29.52 4.40
N ALA E 98 37.63 29.46 5.10
CA ALA E 98 36.74 28.31 5.02
C ALA E 98 35.29 28.75 5.06
N ARG E 99 34.45 27.95 4.41
CA ARG E 99 33.00 28.12 4.45
C ARG E 99 32.45 26.97 5.30
N VAL E 100 32.22 27.25 6.58
CA VAL E 100 31.72 26.25 7.52
C VAL E 100 30.21 26.33 7.51
N PRO E 101 29.49 25.26 7.14
CA PRO E 101 28.03 25.33 7.12
C PRO E 101 27.44 25.36 8.51
N PHE E 102 26.27 26.00 8.62
CA PHE E 102 25.52 25.97 9.88
C PHE E 102 25.02 24.57 10.18
N TYR E 103 24.45 23.87 9.20
CA TYR E 103 23.80 22.54 9.42
C TYR E 103 24.48 21.43 8.63
N TYR E 104 24.17 20.16 8.91
CA TYR E 104 24.68 19.04 8.09
C TYR E 104 23.58 18.55 7.16
N ASP E 105 23.67 18.85 5.87
CA ASP E 105 22.69 18.37 4.89
C ASP E 105 23.45 17.58 3.84
N THR E 106 23.19 16.25 3.71
CA THR E 106 23.83 15.45 2.65
C THR E 106 23.07 15.73 1.37
N ARG E 107 21.74 15.85 1.43
CA ARG E 107 20.91 15.94 0.21
C ARG E 107 20.39 17.33 -0.10
N GLY E 108 20.87 18.37 0.55
CA GLY E 108 20.46 19.71 0.15
C GLY E 108 19.04 20.13 0.51
N VAL E 109 18.50 19.70 1.64
CA VAL E 109 17.16 20.18 2.07
C VAL E 109 17.22 21.65 2.51
N PHE E 110 18.26 22.13 3.20
CA PHE E 110 18.27 23.57 3.58
C PHE E 110 19.07 24.44 2.62
N TYR E 111 20.18 23.95 2.11
CA TYR E 111 21.06 24.81 1.28
C TYR E 111 20.47 24.86 -0.10
N GLY E 112 20.05 23.73 -0.62
CA GLY E 112 19.30 23.63 -1.85
C GLY E 112 20.01 22.96 -3.01
N ASN E 113 21.34 22.97 -3.04
CA ASN E 113 22.07 22.52 -4.21
C ASN E 113 22.88 21.25 -4.01
N ALA E 114 22.92 20.72 -2.77
CA ALA E 114 23.60 19.48 -2.35
C ALA E 114 25.12 19.53 -2.47
N GLU E 115 25.67 20.67 -2.91
CA GLU E 115 27.12 20.89 -2.83
C GLU E 115 27.43 22.02 -1.88
N GLY E 116 26.43 22.81 -1.50
CA GLY E 116 26.63 23.87 -0.52
C GLY E 116 26.77 23.34 0.89
N GLY E 117 26.30 22.12 1.13
CA GLY E 117 26.42 21.53 2.46
C GLY E 117 27.82 21.07 2.80
N PHE E 118 28.72 21.04 1.82
CA PHE E 118 30.10 20.66 2.03
C PHE E 118 30.88 21.79 2.72
N GLU E 119 32.04 21.44 3.27
CA GLU E 119 32.94 22.40 3.90
C GLU E 119 34.13 22.59 2.95
N ILE E 120 34.24 23.79 2.39
CA ILE E 120 35.25 24.08 1.38
C ILE E 120 36.29 25.00 1.98
N TRP E 121 37.56 24.61 1.86
CA TRP E 121 38.68 25.35 2.43
C TRP E 121 39.52 25.95 1.31
N GLY E 122 40.18 27.07 1.61
CA GLY E 122 41.04 27.70 0.63
C GLY E 122 42.37 26.98 0.50
N GLN E 123 43.08 27.31 -0.59
CA GLN E 123 44.38 26.69 -0.84
C GLN E 123 45.42 27.16 0.16
N GLY E 124 45.39 28.44 0.53
CA GLY E 124 46.32 28.96 1.50
C GLY E 124 47.25 30.03 0.95
N THR E 125 47.49 31.08 1.72
CA THR E 125 48.39 32.17 1.32
C THR E 125 49.25 32.53 2.51
N MET E 126 50.54 32.23 2.42
CA MET E 126 51.49 32.53 3.48
C MET E 126 51.80 34.02 3.49
N ALA E 127 51.81 34.61 4.67
CA ALA E 127 52.10 36.03 4.84
C ALA E 127 53.26 36.21 5.81
N THR E 128 54.15 37.13 5.46
CA THR E 128 55.30 37.45 6.29
C THR E 128 55.18 38.86 6.86
N ASP F 1 36.47 29.72 26.47
CA ASP F 1 37.83 29.20 26.17
C ASP F 1 37.84 27.72 26.54
N ILE F 2 36.78 27.00 26.16
CA ILE F 2 36.70 25.59 26.61
C ILE F 2 38.05 25.01 26.22
N GLN F 3 38.77 24.45 27.19
CA GLN F 3 40.14 24.00 26.85
C GLN F 3 40.07 22.73 26.03
N MET F 4 40.75 22.71 24.90
CA MET F 4 40.80 21.47 24.09
C MET F 4 42.18 20.85 24.29
N THR F 5 42.23 19.73 25.03
CA THR F 5 43.52 19.06 25.30
C THR F 5 43.52 17.72 24.55
N GLN F 6 44.49 17.53 23.65
CA GLN F 6 44.55 16.24 22.98
C GLN F 6 45.73 15.45 23.52
N SER F 7 45.58 14.13 23.56
CA SER F 7 46.62 13.26 24.12
C SER F 7 46.52 11.86 23.53
N PRO F 8 47.65 11.22 23.20
CA PRO F 8 49.01 11.77 23.22
C PRO F 8 49.35 12.51 21.94
N SER F 9 50.44 13.29 21.94
CA SER F 9 50.75 14.16 20.81
C SER F 9 51.26 13.37 19.61
N SER F 10 52.14 12.39 19.84
CA SER F 10 52.78 11.66 18.76
C SER F 10 52.36 10.18 18.83
N LEU F 11 51.93 9.65 17.68
CA LEU F 11 51.54 8.25 17.56
C LEU F 11 52.32 7.60 16.43
N SER F 12 52.73 6.35 16.64
CA SER F 12 53.36 5.54 15.61
C SER F 12 52.67 4.18 15.59
N ALA F 13 52.23 3.75 14.41
CA ALA F 13 51.53 2.48 14.29
C ALA F 13 51.77 1.91 12.90
N SER F 14 51.58 0.60 12.78
CA SER F 14 51.77 -0.11 11.53
C SER F 14 50.51 -0.02 10.67
N VAL F 15 50.64 -0.48 9.43
CA VAL F 15 49.53 -0.43 8.48
C VAL F 15 48.51 -1.51 8.83
N GLY F 16 47.26 -1.10 8.97
CA GLY F 16 46.19 -2.03 9.31
C GLY F 16 45.88 -2.13 10.78
N ASP F 17 46.50 -1.30 11.62
CA ASP F 17 46.24 -1.29 13.04
C ASP F 17 45.23 -0.20 13.38
N ARG F 18 44.31 -0.50 14.29
CA ARG F 18 43.31 0.47 14.70
C ARG F 18 43.94 1.57 15.54
N VAL F 19 43.62 2.81 15.20
CA VAL F 19 44.13 3.98 15.92
C VAL F 19 42.99 4.55 16.75
N THR F 20 43.12 4.46 18.07
CA THR F 20 42.17 5.05 18.99
C THR F 20 42.74 6.37 19.47
N ILE F 21 42.01 7.46 19.21
CA ILE F 21 42.51 8.81 19.45
C ILE F 21 41.46 9.56 20.26
N THR F 22 41.93 10.41 21.17
CA THR F 22 41.08 11.04 22.17
C THR F 22 41.17 12.56 22.04
N CYS F 23 40.01 13.22 22.10
CA CYS F 23 39.93 14.68 22.18
C CYS F 23 39.18 15.04 23.46
N ARG F 24 39.79 15.88 24.29
CA ARG F 24 39.28 16.19 25.62
C ARG F 24 38.84 17.64 25.70
N ALA F 25 37.62 17.87 26.19
CA ALA F 25 37.08 19.20 26.39
C ALA F 25 36.80 19.42 27.86
N SER F 26 37.01 20.65 28.33
CA SER F 26 36.80 20.95 29.75
C SER F 26 35.32 21.06 30.09
N GLN F 27 34.56 21.80 29.30
CA GLN F 27 33.16 22.06 29.71
C GLN F 27 32.25 20.94 29.23
N GLY F 28 30.96 21.05 29.55
CA GLY F 28 30.02 20.03 29.04
C GLY F 28 29.62 20.39 27.63
N ILE F 29 30.58 20.37 26.70
CA ILE F 29 30.27 20.68 25.28
C ILE F 29 29.20 19.70 24.87
N THR F 30 28.11 20.19 24.29
CA THR F 30 27.01 19.25 24.02
C THR F 30 26.96 18.93 22.55
N ASN F 31 27.35 17.72 22.18
CA ASN F 31 27.16 17.31 20.77
C ASN F 31 27.75 18.27 19.76
N ASP F 32 28.95 18.78 19.99
CA ASP F 32 29.60 19.64 18.95
C ASP F 32 31.07 19.29 18.80
N LEU F 33 31.48 18.60 17.73
CA LEU F 33 32.95 18.37 17.55
C LEU F 33 33.27 18.02 16.12
N ARG F 34 33.78 18.98 15.39
CA ARG F 34 34.22 18.71 14.03
C ARG F 34 35.64 18.18 14.06
N TRP F 35 35.92 17.13 13.29
CA TRP F 35 37.26 16.56 13.22
C TRP F 35 37.90 16.97 11.91
N TYR F 36 39.11 17.50 11.98
CA TYR F 36 39.83 17.99 10.82
C TYR F 36 41.11 17.18 10.60
N GLN F 37 41.33 16.76 9.36
CA GLN F 37 42.56 16.11 8.94
C GLN F 37 43.25 16.98 7.90
N GLN F 38 44.56 17.12 8.04
CA GLN F 38 45.38 18.02 7.19
C GLN F 38 46.64 17.31 6.78
N LYS F 39 46.87 17.11 5.50
CA LYS F 39 48.18 16.62 5.10
C LYS F 39 49.20 17.74 5.33
N PRO F 40 50.47 17.41 5.55
CA PRO F 40 51.48 18.46 5.70
C PRO F 40 51.67 19.26 4.42
N GLY F 41 51.61 20.58 4.56
CA GLY F 41 51.61 21.46 3.40
C GLY F 41 50.37 21.36 2.54
N LYS F 42 49.22 21.22 3.19
CA LYS F 42 47.97 21.03 2.41
C LYS F 42 46.78 21.52 3.24
N ALA F 43 45.74 21.99 2.57
CA ALA F 43 44.54 22.55 3.20
C ALA F 43 43.82 21.46 4.00
N PRO F 44 43.33 21.77 5.19
CA PRO F 44 42.59 20.76 5.97
C PRO F 44 41.21 20.48 5.35
N GLN F 45 40.74 19.30 5.68
CA GLN F 45 39.42 18.83 5.19
C GLN F 45 38.74 18.16 6.39
N CYS F 46 37.42 18.23 6.51
CA CYS F 46 36.68 17.70 7.65
C CYS F 46 36.37 16.23 7.42
N LEU F 47 36.37 15.46 8.51
CA LEU F 47 36.03 14.04 8.45
C LEU F 47 34.72 13.75 9.18
N ILE F 48 34.63 14.13 10.45
CA ILE F 48 33.51 13.81 11.32
C ILE F 48 32.90 15.12 11.79
N SER F 49 31.73 15.45 11.29
CA SER F 49 30.93 16.55 11.81
C SER F 49 29.89 15.97 12.76
N SER F 50 29.56 16.71 13.82
CA SER F 50 28.59 16.39 14.87
C SER F 50 28.97 15.14 15.67
N ALA F 51 30.25 14.75 15.68
CA ALA F 51 30.92 13.84 16.63
C ALA F 51 30.47 12.38 16.60
N SER F 52 29.54 11.96 15.75
CA SER F 52 29.07 10.58 15.76
C SER F 52 28.82 10.00 14.38
N ARG F 53 28.99 10.90 13.37
CA ARG F 53 28.65 10.59 11.95
C ARG F 53 29.59 11.20 10.92
N LEU F 54 29.64 10.63 9.70
CA LEU F 54 30.60 10.99 8.66
C LEU F 54 30.09 12.12 7.76
N GLN F 55 31.04 12.77 7.08
CA GLN F 55 30.73 13.67 5.98
C GLN F 55 30.71 12.91 4.67
N SER F 56 29.84 13.34 3.74
CA SER F 56 29.81 12.77 2.41
C SER F 56 31.10 13.09 1.66
N GLY F 57 31.56 12.13 0.86
CA GLY F 57 32.85 12.25 0.20
C GLY F 57 34.02 11.77 1.01
N VAL F 58 33.80 11.36 2.25
CA VAL F 58 34.84 10.84 3.14
C VAL F 58 34.62 9.34 3.26
N SER F 59 35.72 8.58 3.23
CA SER F 59 35.64 7.12 3.32
C SER F 59 35.06 6.67 4.64
N SER F 60 34.35 5.53 4.60
CA SER F 60 33.60 5.06 5.76
C SER F 60 34.48 4.45 6.84
N ARG F 61 35.78 4.29 6.58
CA ARG F 61 36.68 3.75 7.58
C ARG F 61 36.89 4.73 8.74
N PHE F 62 36.73 6.03 8.49
CA PHE F 62 36.74 7.00 9.58
C PHE F 62 35.43 6.92 10.36
N SER F 63 35.54 6.83 11.68
CA SER F 63 34.37 6.71 12.53
C SER F 63 34.63 7.42 13.85
N GLY F 64 33.74 8.32 14.22
CA GLY F 64 33.87 9.08 15.45
C GLY F 64 32.74 8.80 16.40
N SER F 65 33.02 8.96 17.69
CA SER F 65 32.04 8.72 18.73
C SER F 65 32.34 9.64 19.91
N GLY F 66 31.73 9.35 21.05
CA GLY F 66 31.97 10.12 22.25
C GLY F 66 30.93 11.20 22.45
N SER F 67 30.68 11.53 23.72
CA SER F 67 29.74 12.58 24.08
C SER F 67 30.17 13.19 25.41
N GLY F 68 29.69 14.41 25.65
CA GLY F 68 30.08 15.09 26.88
C GLY F 68 31.49 15.64 26.79
N THR F 69 32.26 15.45 27.85
CA THR F 69 33.64 15.89 27.86
C THR F 69 34.60 14.91 27.19
N GLU F 70 34.15 13.69 26.90
CA GLU F 70 34.98 12.66 26.30
C GLU F 70 34.59 12.46 24.84
N PHE F 71 35.58 12.48 23.95
CA PHE F 71 35.36 12.39 22.52
C PHE F 71 36.42 11.50 21.88
N THR F 72 35.98 10.54 21.06
CA THR F 72 36.87 9.55 20.45
C THR F 72 36.62 9.48 18.95
N LEU F 73 37.70 9.33 18.18
CA LEU F 73 37.64 9.00 16.77
C LEU F 73 38.38 7.67 16.57
N THR F 74 37.78 6.76 15.79
CA THR F 74 38.38 5.46 15.52
C THR F 74 38.69 5.33 14.03
N ILE F 75 39.85 4.78 13.72
CA ILE F 75 40.24 4.46 12.36
C ILE F 75 40.35 2.95 12.26
N SER F 76 39.57 2.36 11.35
CA SER F 76 39.51 0.90 11.26
C SER F 76 40.77 0.33 10.63
N SER F 77 41.28 0.96 9.59
CA SER F 77 42.45 0.45 8.88
C SER F 77 43.30 1.62 8.40
N LEU F 78 44.58 1.60 8.75
CA LEU F 78 45.48 2.65 8.32
C LEU F 78 45.86 2.49 6.85
N GLN F 79 46.21 3.59 6.22
CA GLN F 79 46.56 3.65 4.82
C GLN F 79 47.88 4.38 4.64
N PRO F 80 48.61 4.10 3.55
CA PRO F 80 49.79 4.94 3.23
C PRO F 80 49.46 6.39 2.94
N GLU F 81 48.24 6.70 2.49
CA GLU F 81 47.81 8.07 2.27
C GLU F 81 47.21 8.71 3.52
N ASP F 82 47.21 8.01 4.65
CA ASP F 82 46.66 8.53 5.89
C ASP F 82 47.70 9.20 6.77
N PHE F 83 48.92 9.38 6.27
CA PHE F 83 49.97 10.07 7.01
C PHE F 83 49.62 11.55 7.09
N ALA F 84 49.06 11.96 8.22
CA ALA F 84 48.44 13.27 8.33
C ALA F 84 48.37 13.67 9.80
N THR F 85 47.65 14.75 10.09
CA THR F 85 47.50 15.28 11.43
C THR F 85 46.02 15.53 11.71
N TYR F 86 45.55 15.05 12.87
CA TYR F 86 44.13 15.06 13.19
C TYR F 86 43.82 16.04 14.30
N TYR F 87 42.86 16.92 14.06
CA TYR F 87 42.48 17.97 15.03
C TYR F 87 41.02 17.78 15.38
N CYS F 88 40.56 18.49 16.39
CA CYS F 88 39.16 18.56 16.80
C CYS F 88 38.78 20.00 17.11
N LEU F 89 37.66 20.44 16.55
CA LEU F 89 37.13 21.79 16.73
C LEU F 89 35.81 21.76 17.48
N GLN F 90 35.62 22.72 18.39
CA GLN F 90 34.38 22.90 19.11
C GLN F 90 33.67 24.14 18.60
N HIS F 91 32.34 24.07 18.51
CA HIS F 91 31.55 25.20 18.03
C HIS F 91 30.25 25.38 18.80
N ASN F 92 30.19 24.91 20.05
CA ASN F 92 28.97 25.05 20.85
C ASN F 92 28.77 26.49 21.29
N SER F 93 29.82 27.13 21.78
CA SER F 93 29.73 28.50 22.25
C SER F 93 29.96 29.47 21.09
N TYR F 94 30.15 30.75 21.44
CA TYR F 94 30.50 31.74 20.42
C TYR F 94 31.98 31.67 20.06
N GLN F 95 32.73 30.90 20.86
CA GLN F 95 34.20 30.80 20.65
C GLN F 95 34.56 29.45 20.05
N TRP F 96 35.56 29.43 19.16
CA TRP F 96 36.07 28.21 18.54
C TRP F 96 37.53 28.03 18.93
N THR F 97 37.88 26.84 19.44
CA THR F 97 39.24 26.54 19.86
C THR F 97 39.68 25.21 19.28
N PHE F 98 40.93 25.14 18.84
CA PHE F 98 41.55 23.92 18.35
C PHE F 98 42.27 23.18 19.48
N GLY F 99 42.76 21.99 19.16
CA GLY F 99 43.62 21.25 20.06
C GLY F 99 45.09 21.50 19.78
N GLN F 100 45.94 20.89 20.61
CA GLN F 100 47.38 21.07 20.46
C GLN F 100 47.92 20.33 19.24
N GLY F 101 47.50 19.11 19.02
CA GLY F 101 47.98 18.40 17.86
C GLY F 101 48.21 16.92 18.11
N THR F 102 47.74 16.09 17.18
CA THR F 102 47.92 14.65 17.23
C THR F 102 48.35 14.15 15.85
N LYS F 103 49.50 13.51 15.81
CA LYS F 103 50.10 13.07 14.54
C LYS F 103 50.23 11.56 14.53
N VAL F 104 49.82 10.96 13.41
CA VAL F 104 50.00 9.52 13.17
C VAL F 104 51.20 9.35 12.26
N GLU F 105 51.88 8.21 12.38
CA GLU F 105 53.05 7.91 11.57
C GLU F 105 52.97 6.51 10.99
N ASP G 19 9.47 19.25 48.62
CA ASP G 19 9.31 17.92 48.06
C ASP G 19 9.34 17.98 46.54
N LYS G 20 9.33 16.81 45.90
CA LYS G 20 9.51 16.72 44.45
C LYS G 20 8.93 15.41 43.95
N ILE G 21 8.12 15.48 42.90
CA ILE G 21 7.59 14.32 42.20
C ILE G 21 8.08 14.36 40.77
N CYS G 22 8.62 13.24 40.28
CA CYS G 22 9.20 13.15 38.95
C CYS G 22 8.52 12.06 38.14
N LEU G 23 8.36 12.30 36.85
CA LEU G 23 7.73 11.35 35.95
C LEU G 23 8.75 10.84 34.94
N GLY G 24 8.64 9.56 34.58
CA GLY G 24 9.63 8.95 33.72
C GLY G 24 9.20 7.58 33.21
N HIS G 25 9.86 7.17 32.14
CA HIS G 25 9.55 5.91 31.48
C HIS G 25 10.67 4.90 31.69
N HIS G 26 10.40 3.67 31.29
CA HIS G 26 11.37 2.59 31.52
C HIS G 26 12.36 2.52 30.37
N ALA G 27 13.57 2.07 30.69
CA ALA G 27 14.64 1.93 29.72
C ALA G 27 15.34 0.59 29.93
N VAL G 28 15.69 -0.06 28.83
CA VAL G 28 16.32 -1.36 28.83
C VAL G 28 17.69 -1.20 28.17
N SER G 29 18.71 -1.86 28.75
CA SER G 29 20.09 -1.54 28.41
C SER G 29 20.48 -2.00 27.01
N ASN G 30 20.16 -3.24 26.64
CA ASN G 30 20.66 -3.79 25.39
C ASN G 30 19.92 -3.22 24.18
N GLY G 31 18.59 -3.17 24.25
CA GLY G 31 17.80 -2.54 23.20
C GLY G 31 17.73 -3.36 21.92
N THR G 32 16.99 -2.82 20.95
CA THR G 32 16.83 -3.44 19.65
C THR G 32 16.76 -2.34 18.59
N LYS G 33 17.45 -2.53 17.46
CA LYS G 33 17.42 -1.56 16.38
C LYS G 33 16.25 -1.83 15.45
N VAL G 34 15.46 -0.80 15.16
CA VAL G 34 14.34 -0.88 14.22
C VAL G 34 14.44 0.29 13.24
N ASN G 35 13.73 0.15 12.13
CA ASN G 35 13.68 1.18 11.10
C ASN G 35 12.31 1.86 11.13
N THR G 36 12.31 3.18 11.22
CA THR G 36 11.08 3.96 11.23
C THR G 36 10.92 4.69 9.90
N LEU G 37 9.89 5.54 9.85
CA LEU G 37 9.56 6.24 8.61
C LEU G 37 10.59 7.33 8.30
N THR G 38 11.11 7.99 9.33
CA THR G 38 11.99 9.14 9.14
C THR G 38 13.42 8.87 9.57
N GLU G 39 13.70 7.72 10.18
CA GLU G 39 15.03 7.47 10.72
C GLU G 39 15.30 5.98 10.67
N ARG G 40 16.58 5.65 10.53
CA ARG G 40 16.99 4.22 10.47
C ARG G 40 17.87 3.97 11.68
N GLY G 41 17.74 2.79 12.26
CA GLY G 41 18.52 2.41 13.42
C GLY G 41 18.03 2.95 14.73
N VAL G 42 16.72 3.20 14.87
CA VAL G 42 16.17 3.73 16.10
C VAL G 42 16.13 2.64 17.16
N GLU G 43 16.50 3.00 18.38
CA GLU G 43 16.59 2.06 19.49
C GLU G 43 15.26 1.96 20.21
N VAL G 44 14.77 0.72 20.37
CA VAL G 44 13.55 0.45 21.12
C VAL G 44 13.86 -0.64 22.14
N VAL G 45 12.96 -0.79 23.12
CA VAL G 45 13.23 -1.71 24.22
C VAL G 45 13.01 -3.16 23.79
N ASN G 46 12.14 -3.38 22.81
CA ASN G 46 11.87 -4.74 22.33
C ASN G 46 11.29 -4.65 20.93
N ALA G 47 11.43 -5.75 20.19
CA ALA G 47 10.89 -5.82 18.83
C ALA G 47 10.57 -7.27 18.49
N THR G 48 9.67 -7.44 17.54
CA THR G 48 9.29 -8.75 17.03
C THR G 48 9.54 -8.80 15.53
N GLU G 49 9.62 -10.01 14.95
CA GLU G 49 10.01 -10.19 13.53
C GLU G 49 8.75 -10.45 12.72
N THR G 50 8.61 -9.84 11.55
CA THR G 50 7.42 -9.97 10.71
C THR G 50 7.76 -10.81 9.50
N VAL G 51 8.93 -11.45 9.44
CA VAL G 51 9.36 -12.34 8.32
C VAL G 51 9.71 -13.72 8.90
N GLU G 52 8.98 -14.78 8.55
CA GLU G 52 9.30 -16.15 9.00
C GLU G 52 10.48 -16.62 8.19
N ARG G 53 11.63 -16.87 8.81
CA ARG G 53 12.81 -17.42 8.13
C ARG G 53 13.01 -18.88 8.58
N THR G 54 12.19 -19.40 9.49
CA THR G 54 12.30 -20.78 10.04
C THR G 54 11.21 -21.69 9.45
N ASN G 55 11.53 -22.93 9.08
CA ASN G 55 10.59 -23.91 8.51
C ASN G 55 10.71 -25.21 9.27
N ILE G 56 9.70 -26.08 9.26
CA ILE G 56 9.79 -27.44 9.86
C ILE G 56 10.28 -28.32 8.69
N PRO G 57 11.51 -28.86 8.67
CA PRO G 57 12.00 -29.59 7.52
C PRO G 57 11.08 -30.64 6.89
N ARG G 58 10.12 -31.20 7.62
CA ARG G 58 9.25 -32.24 7.11
C ARG G 58 7.83 -31.75 6.93
N ILE G 59 7.03 -32.52 6.18
CA ILE G 59 5.69 -32.11 5.81
C ILE G 59 4.73 -32.40 6.97
N CYS G 60 3.94 -31.39 7.33
CA CYS G 60 2.98 -31.48 8.42
C CYS G 60 1.60 -31.75 7.84
N SER G 61 0.98 -32.87 8.25
CA SER G 61 -0.35 -33.25 7.79
C SER G 61 -1.04 -34.05 8.88
N LYS G 62 -1.91 -33.38 9.65
CA LYS G 62 -2.66 -34.01 10.73
C LYS G 62 -4.15 -33.84 10.46
N GLY G 63 -4.85 -34.96 10.29
CA GLY G 63 -6.27 -34.91 10.01
C GLY G 63 -6.64 -34.68 8.57
N LYS G 64 -5.66 -34.50 7.68
CA LYS G 64 -5.90 -34.43 6.25
C LYS G 64 -5.31 -35.68 5.61
N ARG G 65 -6.04 -36.28 4.68
CA ARG G 65 -5.55 -37.53 4.07
C ARG G 65 -4.33 -37.12 3.26
N THR G 66 -3.37 -38.00 3.11
CA THR G 66 -2.11 -37.74 2.43
C THR G 66 -1.72 -38.94 1.59
N VAL G 67 -1.40 -38.69 0.32
CA VAL G 67 -0.88 -39.71 -0.59
C VAL G 67 0.53 -39.30 -0.98
N ASP G 68 1.49 -40.18 -0.72
CA ASP G 68 2.88 -39.96 -1.07
C ASP G 68 3.19 -40.78 -2.32
N LEU G 69 3.42 -40.10 -3.44
CA LEU G 69 3.65 -40.79 -4.71
C LEU G 69 5.13 -41.02 -4.93
N GLY G 70 5.71 -41.92 -4.13
CA GLY G 70 7.06 -42.39 -4.39
C GLY G 70 7.13 -43.19 -5.66
N GLN G 71 7.97 -42.75 -6.60
CA GLN G 71 8.20 -43.44 -7.90
C GLN G 71 6.97 -43.42 -8.78
N CYS G 72 6.02 -42.59 -8.43
CA CYS G 72 4.81 -42.44 -9.22
C CYS G 72 4.51 -40.98 -9.47
N GLY G 73 3.90 -40.70 -10.62
CA GLY G 73 3.50 -39.34 -10.93
C GLY G 73 1.99 -39.19 -10.87
N LEU G 74 1.54 -37.93 -10.91
CA LEU G 74 0.11 -37.66 -10.93
C LEU G 74 -0.53 -38.14 -12.22
N LEU G 75 0.17 -37.96 -13.35
CA LEU G 75 -0.37 -38.39 -14.63
C LEU G 75 -0.30 -39.91 -14.77
N GLY G 76 0.53 -40.57 -13.97
CA GLY G 76 0.58 -42.02 -13.99
C GLY G 76 -0.60 -42.66 -13.28
N THR G 77 -1.29 -41.90 -12.43
CA THR G 77 -2.47 -42.44 -11.74
C THR G 77 -3.63 -42.67 -12.69
N ILE G 78 -3.62 -41.98 -13.84
CA ILE G 78 -4.67 -42.18 -14.83
C ILE G 78 -4.32 -43.37 -15.74
N THR G 79 -3.05 -43.45 -16.15
CA THR G 79 -2.65 -44.47 -17.14
C THR G 79 -2.24 -45.78 -16.49
N GLY G 80 -1.72 -45.74 -15.27
CA GLY G 80 -1.38 -46.94 -14.54
C GLY G 80 -0.15 -47.72 -14.98
N PRO G 81 1.05 -47.17 -14.78
CA PRO G 81 2.25 -48.01 -14.89
C PRO G 81 2.36 -48.93 -13.69
N PRO G 82 3.31 -49.89 -13.70
CA PRO G 82 3.56 -50.70 -12.50
C PRO G 82 3.95 -49.91 -11.26
N GLN G 83 4.50 -48.73 -11.52
CA GLN G 83 5.01 -47.83 -10.48
C GLN G 83 3.84 -47.15 -9.80
N CYS G 84 2.66 -47.14 -10.42
CA CYS G 84 1.48 -46.46 -9.94
C CYS G 84 0.29 -47.40 -9.73
N ASP G 85 0.56 -48.64 -9.32
CA ASP G 85 -0.53 -49.61 -9.16
C ASP G 85 -1.34 -49.33 -7.90
N GLN G 86 -0.69 -48.80 -6.86
CA GLN G 86 -1.36 -48.60 -5.59
C GLN G 86 -2.31 -47.41 -5.63
N PHE G 87 -2.00 -46.40 -6.42
CA PHE G 87 -2.76 -45.16 -6.46
C PHE G 87 -3.66 -45.06 -7.69
N LEU G 88 -4.26 -46.18 -8.10
CA LEU G 88 -5.17 -46.16 -9.24
C LEU G 88 -6.50 -45.51 -8.86
N GLU G 89 -6.99 -45.79 -7.64
CA GLU G 89 -8.21 -45.19 -7.13
C GLU G 89 -7.95 -44.47 -5.81
N PHE G 90 -6.88 -43.66 -5.77
CA PHE G 90 -6.47 -43.01 -4.55
C PHE G 90 -7.44 -41.89 -4.18
N SER G 91 -7.41 -41.49 -2.91
CA SER G 91 -8.24 -40.41 -2.39
C SER G 91 -7.46 -39.69 -1.30
N ALA G 92 -7.36 -38.37 -1.43
CA ALA G 92 -6.59 -37.59 -0.47
C ALA G 92 -7.07 -36.14 -0.46
N ASP G 93 -6.71 -35.44 0.61
CA ASP G 93 -6.84 -33.99 0.67
C ASP G 93 -5.51 -33.28 0.47
N LEU G 94 -4.42 -34.04 0.37
CA LEU G 94 -3.09 -33.48 0.12
C LEU G 94 -2.29 -34.51 -0.68
N ILE G 95 -1.86 -34.12 -1.87
CA ILE G 95 -1.15 -35.01 -2.78
C ILE G 95 0.28 -34.49 -2.94
N ILE G 96 1.26 -35.37 -2.79
CA ILE G 96 2.67 -35.01 -2.81
C ILE G 96 3.31 -35.68 -4.01
N GLU G 97 3.96 -34.88 -4.85
CA GLU G 97 4.74 -35.39 -5.97
C GLU G 97 6.22 -35.37 -5.60
N ARG G 98 6.95 -36.35 -6.10
CA ARG G 98 8.38 -36.47 -5.85
C ARG G 98 9.15 -36.26 -7.15
N ARG G 99 10.44 -35.95 -6.99
CA ARG G 99 11.31 -35.77 -8.15
C ARG G 99 11.60 -37.10 -8.83
N GLU G 100 11.55 -38.19 -8.06
CA GLU G 100 11.85 -39.51 -8.62
C GLU G 100 10.67 -40.09 -9.40
N GLY G 101 9.50 -39.44 -9.35
CA GLY G 101 8.32 -40.02 -9.98
C GLY G 101 8.38 -39.89 -11.49
N SER G 102 8.09 -41.00 -12.17
CA SER G 102 8.06 -41.06 -13.62
C SER G 102 6.63 -41.35 -14.06
N ASP G 103 6.13 -40.74 -15.11
CA ASP G 103 4.71 -41.01 -15.43
C ASP G 103 4.64 -42.01 -16.59
N VAL G 104 5.77 -42.56 -17.03
CA VAL G 104 5.81 -43.42 -18.24
C VAL G 104 6.62 -44.69 -17.98
N CYS G 105 6.27 -45.77 -18.65
CA CYS G 105 7.05 -47.01 -18.60
C CYS G 105 7.60 -47.33 -20.01
N TYR G 106 6.77 -47.27 -21.08
CA TYR G 106 7.25 -47.36 -22.50
C TYR G 106 7.79 -45.97 -22.69
N PRO G 107 8.66 -45.61 -23.65
CA PRO G 107 9.08 -44.22 -23.73
C PRO G 107 7.83 -43.43 -24.12
N GLY G 108 7.60 -42.25 -23.54
CA GLY G 108 6.45 -41.45 -24.01
C GLY G 108 6.18 -40.19 -23.21
N LYS G 109 5.03 -39.55 -23.40
CA LYS G 109 4.75 -38.23 -22.77
C LYS G 109 3.25 -37.97 -22.84
N PHE G 110 2.82 -36.79 -22.43
CA PHE G 110 1.39 -36.42 -22.54
C PHE G 110 1.27 -35.05 -23.19
N VAL G 111 0.33 -34.89 -24.12
CA VAL G 111 0.09 -33.53 -24.70
C VAL G 111 -0.66 -32.70 -23.67
N ASN G 112 -0.23 -31.47 -23.42
CA ASN G 112 -0.85 -30.54 -22.44
C ASN G 112 -0.81 -31.13 -21.04
N GLU G 113 0.40 -31.41 -20.56
CA GLU G 113 0.56 -32.16 -19.31
C GLU G 113 0.32 -31.28 -18.09
N GLU G 114 0.58 -29.97 -18.21
CA GLU G 114 0.54 -29.11 -17.03
C GLU G 114 -0.89 -28.82 -16.59
N ALA G 115 -1.80 -28.66 -17.55
CA ALA G 115 -3.20 -28.47 -17.22
C ALA G 115 -3.79 -29.71 -16.56
N LEU G 116 -3.42 -30.90 -17.06
CA LEU G 116 -3.88 -32.15 -16.45
C LEU G 116 -3.27 -32.33 -15.06
N ARG G 117 -2.03 -31.89 -14.87
CA ARG G 117 -1.42 -31.92 -13.54
C ARG G 117 -2.15 -31.00 -12.58
N GLN G 118 -2.57 -29.82 -13.04
CA GLN G 118 -3.32 -28.91 -12.18
C GLN G 118 -4.70 -29.47 -11.83
N ILE G 119 -5.36 -30.12 -12.80
CA ILE G 119 -6.63 -30.79 -12.54
C ILE G 119 -6.46 -31.90 -11.51
N LEU G 120 -5.39 -32.69 -11.65
CA LEU G 120 -5.17 -33.79 -10.72
C LEU G 120 -4.68 -33.30 -9.37
N ARG G 121 -4.14 -32.09 -9.30
CA ARG G 121 -3.76 -31.53 -8.00
C ARG G 121 -4.98 -31.13 -7.20
N GLU G 122 -5.96 -30.47 -7.82
CA GLU G 122 -7.23 -30.26 -7.15
C GLU G 122 -8.27 -31.30 -7.51
N SER G 123 -7.85 -32.53 -7.79
CA SER G 123 -8.81 -33.61 -8.04
C SER G 123 -9.46 -34.08 -6.75
N GLY G 124 -8.67 -34.21 -5.69
CA GLY G 124 -9.16 -34.86 -4.49
C GLY G 124 -9.29 -36.36 -4.61
N GLY G 125 -8.69 -36.95 -5.63
CA GLY G 125 -8.86 -38.36 -5.93
C GLY G 125 -9.54 -38.56 -7.27
N ILE G 126 -9.41 -39.79 -7.77
CA ILE G 126 -9.99 -40.17 -9.05
C ILE G 126 -10.87 -41.40 -8.85
N ASP G 127 -12.04 -41.38 -9.49
CA ASP G 127 -12.97 -42.51 -9.44
C ASP G 127 -13.06 -43.13 -10.82
N LYS G 128 -12.99 -44.45 -10.87
CA LYS G 128 -12.89 -45.18 -12.12
C LYS G 128 -14.21 -45.87 -12.43
N GLU G 129 -14.75 -45.62 -13.62
CA GLU G 129 -15.95 -46.28 -14.11
C GLU G 129 -15.64 -47.03 -15.39
N ALA G 130 -16.09 -48.28 -15.47
CA ALA G 130 -15.69 -49.19 -16.54
C ALA G 130 -16.25 -48.76 -17.89
N MET G 131 -15.35 -48.31 -18.77
CA MET G 131 -15.67 -48.12 -20.18
C MET G 131 -15.62 -49.45 -20.90
N GLY G 132 -16.78 -49.97 -21.32
CA GLY G 132 -16.93 -51.33 -21.80
C GLY G 132 -16.06 -51.74 -22.97
N PHE G 133 -16.34 -51.22 -24.18
CA PHE G 133 -15.42 -51.21 -25.30
C PHE G 133 -14.96 -52.62 -25.71
N THR G 134 -15.90 -53.44 -26.16
CA THR G 134 -15.58 -54.80 -26.59
C THR G 134 -14.95 -54.77 -27.97
N TYR G 135 -13.89 -55.55 -28.16
CA TYR G 135 -13.18 -55.63 -29.43
C TYR G 135 -13.29 -57.06 -29.96
N SER G 136 -13.37 -57.19 -31.28
CA SER G 136 -13.54 -58.47 -31.94
C SER G 136 -12.41 -58.71 -32.93
N GLY G 137 -11.85 -59.92 -32.91
CA GLY G 137 -10.84 -60.32 -33.87
C GLY G 137 -9.43 -59.93 -33.49
N ILE G 138 -9.21 -58.65 -33.19
CA ILE G 138 -7.85 -58.17 -32.95
C ILE G 138 -7.43 -58.53 -31.53
N ARG G 139 -6.12 -58.57 -31.31
CA ARG G 139 -5.59 -58.73 -29.97
C ARG G 139 -5.75 -57.43 -29.20
N THR G 140 -5.81 -57.52 -27.87
CA THR G 140 -5.97 -56.36 -27.03
C THR G 140 -5.11 -56.39 -25.77
N ASN G 141 -4.17 -57.32 -25.68
CA ASN G 141 -3.36 -57.44 -24.46
C ASN G 141 -2.18 -56.49 -24.48
N GLY G 142 -1.33 -56.55 -25.51
CA GLY G 142 -0.15 -55.72 -25.57
C GLY G 142 1.00 -56.23 -24.72
N ALA G 143 2.23 -56.08 -25.21
CA ALA G 143 3.38 -56.58 -24.48
C ALA G 143 4.60 -55.74 -24.83
N THR G 144 5.28 -55.24 -23.80
CA THR G 144 6.56 -54.55 -23.97
C THR G 144 7.46 -54.88 -22.79
N SER G 145 8.77 -54.82 -23.03
CA SER G 145 9.72 -55.24 -21.99
C SER G 145 10.03 -54.12 -21.02
N SER G 146 9.86 -52.87 -21.46
CA SER G 146 10.24 -51.72 -20.63
C SER G 146 9.25 -51.52 -19.49
N CYS G 147 7.99 -51.85 -19.72
CA CYS G 147 6.93 -51.58 -18.75
C CYS G 147 6.55 -52.89 -18.07
N ARG G 148 7.14 -53.28 -16.91
CA ARG G 148 7.03 -54.66 -16.29
C ARG G 148 6.25 -54.78 -14.97
N ARG G 149 4.99 -55.23 -14.95
CA ARG G 149 4.25 -55.52 -13.69
C ARG G 149 4.89 -56.79 -13.20
N SER G 150 5.05 -57.76 -14.07
CA SER G 150 5.81 -59.01 -13.81
C SER G 150 6.10 -59.55 -15.22
N GLY G 151 7.33 -59.93 -15.56
CA GLY G 151 7.65 -60.33 -16.94
C GLY G 151 7.42 -59.17 -17.91
N SER G 152 6.58 -59.33 -18.93
CA SER G 152 6.27 -58.28 -19.94
C SER G 152 4.84 -57.84 -19.73
N SER G 153 4.58 -56.54 -19.63
CA SER G 153 3.23 -56.00 -19.35
C SER G 153 3.06 -54.66 -20.03
N PHE G 154 1.86 -54.11 -20.01
CA PHE G 154 1.57 -52.76 -20.53
C PHE G 154 0.89 -52.01 -19.39
N TYR G 155 0.41 -50.82 -19.65
CA TYR G 155 -0.30 -50.00 -18.67
C TYR G 155 -1.52 -50.76 -18.18
N ALA G 156 -1.81 -50.61 -16.88
CA ALA G 156 -2.94 -51.33 -16.29
C ALA G 156 -4.26 -50.75 -16.78
N GLU G 157 -4.29 -49.45 -17.04
CA GLU G 157 -5.53 -48.73 -17.30
C GLU G 157 -5.72 -48.42 -18.78
N MET G 158 -4.76 -48.78 -19.62
CA MET G 158 -4.81 -48.60 -21.06
C MET G 158 -4.61 -49.95 -21.74
N LYS G 159 -5.21 -50.12 -22.91
CA LYS G 159 -5.14 -51.37 -23.64
C LYS G 159 -4.48 -51.13 -24.99
N TRP G 160 -3.44 -51.91 -25.28
CA TRP G 160 -2.73 -51.83 -26.55
C TRP G 160 -3.48 -52.66 -27.58
N LEU G 161 -3.83 -52.06 -28.71
CA LEU G 161 -4.61 -52.72 -29.74
C LEU G 161 -3.69 -53.06 -30.91
N LEU G 162 -3.37 -54.34 -31.08
CA LEU G 162 -2.56 -54.83 -32.17
C LEU G 162 -3.41 -55.63 -33.14
N SER G 163 -2.82 -55.97 -34.28
CA SER G 163 -3.46 -56.90 -35.21
C SER G 163 -3.41 -58.32 -34.64
N ASN G 164 -4.22 -59.21 -35.23
CA ASN G 164 -4.30 -60.58 -34.75
C ASN G 164 -3.00 -61.36 -34.93
N THR G 165 -2.30 -61.11 -36.03
CA THR G 165 -0.95 -61.62 -36.23
C THR G 165 -0.09 -60.52 -36.83
N ASP G 166 1.21 -60.78 -36.90
CA ASP G 166 2.13 -59.81 -37.46
C ASP G 166 1.94 -59.66 -38.97
N ASN G 167 2.11 -58.43 -39.45
CA ASN G 167 1.91 -58.04 -40.86
C ASN G 167 0.52 -58.39 -41.36
N ALA G 168 -0.50 -57.99 -40.59
CA ALA G 168 -1.89 -58.25 -40.94
C ALA G 168 -2.68 -56.95 -40.94
N ALA G 169 -3.83 -56.98 -41.61
CA ALA G 169 -4.65 -55.79 -41.72
C ALA G 169 -5.36 -55.50 -40.41
N PHE G 170 -5.45 -54.21 -40.08
CA PHE G 170 -6.16 -53.74 -38.90
C PHE G 170 -7.51 -53.19 -39.31
N PRO G 171 -8.61 -53.79 -38.88
CA PRO G 171 -9.94 -53.28 -39.27
C PRO G 171 -10.25 -51.93 -38.63
N GLN G 172 -10.97 -51.11 -39.38
CA GLN G 172 -11.40 -49.82 -38.85
C GLN G 172 -12.58 -50.03 -37.91
N MET G 173 -12.49 -49.47 -36.71
CA MET G 173 -13.51 -49.63 -35.69
C MET G 173 -13.89 -48.26 -35.13
N THR G 174 -15.16 -48.12 -34.78
CA THR G 174 -15.65 -46.94 -34.09
C THR G 174 -16.24 -47.37 -32.74
N LYS G 175 -15.73 -46.77 -31.67
CA LYS G 175 -16.18 -47.05 -30.32
C LYS G 175 -16.64 -45.76 -29.66
N SER G 176 -17.76 -45.85 -28.95
CA SER G 176 -18.40 -44.68 -28.36
C SER G 176 -18.66 -44.92 -26.89
N TYR G 177 -18.50 -43.86 -26.09
CA TYR G 177 -18.74 -43.92 -24.65
C TYR G 177 -19.75 -42.85 -24.27
N LYS G 178 -20.67 -43.21 -23.40
CA LYS G 178 -21.68 -42.24 -22.97
C LYS G 178 -21.46 -41.91 -21.51
N ASN G 179 -21.61 -40.67 -21.15
CA ASN G 179 -21.44 -40.20 -19.78
C ASN G 179 -22.79 -40.17 -19.08
N THR G 180 -22.86 -40.77 -17.90
CA THR G 180 -24.13 -40.94 -17.20
C THR G 180 -24.19 -40.26 -15.83
N ARG G 181 -23.06 -39.90 -15.25
CA ARG G 181 -23.07 -39.25 -13.94
C ARG G 181 -23.22 -37.74 -14.09
N LYS G 182 -23.36 -37.08 -12.94
CA LYS G 182 -23.59 -35.64 -12.92
C LYS G 182 -22.28 -34.86 -12.83
N ASN G 183 -21.15 -35.55 -12.83
CA ASN G 183 -19.86 -34.89 -12.76
C ASN G 183 -19.13 -35.03 -14.09
N PRO G 184 -18.24 -34.09 -14.40
CA PRO G 184 -17.42 -34.21 -15.61
C PRO G 184 -16.52 -35.44 -15.60
N ALA G 185 -16.25 -35.96 -16.79
CA ALA G 185 -15.45 -37.16 -16.97
C ALA G 185 -14.09 -36.80 -17.57
N LEU G 186 -13.06 -37.52 -17.15
CA LEU G 186 -11.72 -37.37 -17.71
C LEU G 186 -11.42 -38.59 -18.58
N ILE G 187 -11.25 -38.36 -19.88
CA ILE G 187 -11.00 -39.42 -20.85
C ILE G 187 -9.59 -39.23 -21.39
N VAL G 188 -8.74 -40.24 -21.21
CA VAL G 188 -7.36 -40.20 -21.66
C VAL G 188 -7.12 -41.37 -22.59
N TRP G 189 -6.73 -41.07 -23.83
CA TRP G 189 -6.38 -42.09 -24.82
C TRP G 189 -4.94 -41.87 -25.24
N GLY G 190 -4.43 -42.77 -26.07
CA GLY G 190 -3.05 -42.74 -26.47
C GLY G 190 -2.87 -43.01 -27.95
N ILE G 191 -1.83 -42.40 -28.52
CA ILE G 191 -1.46 -42.58 -29.91
C ILE G 191 -0.02 -43.08 -29.94
N HIS G 192 0.20 -44.20 -30.63
CA HIS G 192 1.51 -44.86 -30.65
C HIS G 192 2.27 -44.46 -31.91
N HIS G 193 3.46 -43.91 -31.73
CA HIS G 193 4.37 -43.62 -32.83
C HIS G 193 5.44 -44.71 -32.86
N SER G 194 5.50 -45.45 -33.96
CA SER G 194 6.41 -46.58 -34.05
C SER G 194 7.84 -46.11 -34.22
N GLY G 195 8.78 -46.97 -33.81
CA GLY G 195 10.19 -46.64 -33.94
C GLY G 195 10.71 -46.73 -35.36
N SER G 196 9.99 -47.46 -36.22
CA SER G 196 10.34 -47.55 -37.63
C SER G 196 9.06 -47.84 -38.41
N THR G 197 9.12 -47.60 -39.72
CA THR G 197 7.97 -47.93 -40.56
C THR G 197 7.84 -49.44 -40.76
N ALA G 198 8.96 -50.16 -40.68
CA ALA G 198 8.91 -51.62 -40.73
C ALA G 198 8.26 -52.19 -39.48
N GLU G 199 8.51 -51.57 -38.32
CA GLU G 199 7.87 -51.99 -37.09
C GLU G 199 6.37 -51.68 -37.12
N GLN G 200 5.98 -50.58 -37.78
CA GLN G 200 4.56 -50.26 -37.90
C GLN G 200 3.86 -51.23 -38.85
N THR G 201 4.53 -51.66 -39.92
CA THR G 201 3.94 -52.67 -40.78
C THR G 201 3.92 -54.04 -40.09
N LYS G 202 4.85 -54.27 -39.17
CA LYS G 202 4.83 -55.51 -38.40
C LYS G 202 3.67 -55.53 -37.40
N LEU G 203 3.44 -54.42 -36.71
CA LEU G 203 2.41 -54.39 -35.67
C LEU G 203 1.02 -54.18 -36.25
N TYR G 204 0.84 -53.14 -37.06
CA TYR G 204 -0.48 -52.73 -37.51
C TYR G 204 -0.76 -53.05 -38.97
N GLY G 205 0.26 -53.44 -39.74
CA GLY G 205 0.09 -53.67 -41.15
C GLY G 205 0.37 -52.43 -41.98
N SER G 206 0.35 -52.62 -43.31
CA SER G 206 0.62 -51.54 -44.23
C SER G 206 -0.59 -50.61 -44.34
N GLY G 207 -0.33 -49.41 -44.86
CA GLY G 207 -1.36 -48.42 -45.04
C GLY G 207 -1.26 -47.29 -44.02
N ASN G 208 -1.82 -46.14 -44.40
CA ASN G 208 -1.85 -44.99 -43.51
C ASN G 208 -2.87 -45.19 -42.40
N LYS G 209 -2.55 -44.67 -41.22
CA LYS G 209 -3.40 -44.82 -40.04
C LYS G 209 -3.89 -43.45 -39.59
N LEU G 210 -5.14 -43.40 -39.13
CA LEU G 210 -5.77 -42.14 -38.74
C LEU G 210 -6.68 -42.38 -37.55
N VAL G 211 -6.58 -41.53 -36.55
CA VAL G 211 -7.42 -41.58 -35.36
C VAL G 211 -8.21 -40.28 -35.27
N THR G 212 -9.53 -40.39 -35.19
CA THR G 212 -10.40 -39.23 -35.08
C THR G 212 -11.18 -39.32 -33.77
N VAL G 213 -11.12 -38.25 -32.98
CA VAL G 213 -11.79 -38.18 -31.69
C VAL G 213 -12.87 -37.11 -31.79
N GLY G 214 -14.10 -37.48 -31.44
CA GLY G 214 -15.23 -36.58 -31.58
C GLY G 214 -15.94 -36.30 -30.26
N SER G 215 -16.42 -35.07 -30.12
CA SER G 215 -17.18 -34.65 -28.94
C SER G 215 -18.03 -33.45 -29.34
N SER G 216 -18.81 -32.96 -28.37
CA SER G 216 -19.62 -31.77 -28.62
C SER G 216 -18.74 -30.52 -28.74
N ASN G 217 -17.73 -30.42 -27.89
CA ASN G 217 -16.84 -29.25 -27.88
C ASN G 217 -15.38 -29.63 -28.10
N TYR G 218 -15.10 -30.84 -28.55
CA TYR G 218 -13.73 -31.27 -28.81
C TYR G 218 -13.68 -32.03 -30.13
N GLN G 219 -12.69 -31.76 -30.97
CA GLN G 219 -12.42 -32.55 -32.21
C GLN G 219 -10.95 -32.32 -32.54
N GLN G 220 -10.20 -33.36 -32.87
CA GLN G 220 -8.77 -33.35 -33.14
C GLN G 220 -8.44 -34.59 -33.95
N SER G 221 -7.46 -34.46 -34.85
CA SER G 221 -7.02 -35.55 -35.71
C SER G 221 -5.58 -35.92 -35.35
N PHE G 222 -5.31 -37.22 -35.33
CA PHE G 222 -3.98 -37.73 -35.01
C PHE G 222 -3.53 -38.67 -36.11
N VAL G 223 -2.31 -38.47 -36.59
CA VAL G 223 -1.66 -39.35 -37.56
C VAL G 223 -0.36 -39.82 -36.94
N PRO G 224 -0.12 -41.12 -36.80
CA PRO G 224 1.16 -41.59 -36.24
C PRO G 224 2.31 -41.34 -37.20
N SER G 225 3.49 -41.10 -36.63
CA SER G 225 4.68 -40.78 -37.41
C SER G 225 5.77 -41.80 -37.13
N PRO G 226 5.93 -42.83 -37.96
CA PRO G 226 7.03 -43.77 -37.76
C PRO G 226 8.37 -43.17 -38.13
N GLY G 227 9.32 -43.24 -37.19
CA GLY G 227 10.64 -42.70 -37.42
C GLY G 227 11.59 -43.07 -36.30
N ALA G 228 12.88 -43.09 -36.62
CA ALA G 228 13.89 -43.46 -35.63
C ALA G 228 14.11 -42.32 -34.65
N ARG G 229 14.16 -42.67 -33.36
CA ARG G 229 14.42 -41.72 -32.29
C ARG G 229 15.55 -42.26 -31.42
N THR G 230 15.89 -41.51 -30.38
CA THR G 230 16.90 -41.95 -29.43
C THR G 230 16.33 -43.06 -28.54
N GLN G 231 17.24 -43.82 -27.92
CA GLN G 231 16.87 -44.98 -27.12
C GLN G 231 16.67 -44.56 -25.67
N VAL G 232 15.42 -44.56 -25.21
CA VAL G 232 15.06 -44.35 -23.82
C VAL G 232 14.35 -45.61 -23.35
N ASN G 233 14.83 -46.18 -22.25
CA ASN G 233 14.30 -47.39 -21.62
C ASN G 233 14.33 -48.61 -22.55
N GLY G 234 15.27 -48.64 -23.50
CA GLY G 234 15.41 -49.76 -24.40
C GLY G 234 14.38 -49.84 -25.51
N GLN G 235 13.56 -48.81 -25.70
CA GLN G 235 12.53 -48.80 -26.72
C GLN G 235 12.66 -47.56 -27.58
N SER G 236 12.64 -47.75 -28.90
CA SER G 236 12.73 -46.62 -29.83
C SER G 236 11.37 -46.03 -30.15
N GLY G 237 10.31 -46.83 -30.06
CA GLY G 237 8.97 -46.31 -30.28
C GLY G 237 8.48 -45.49 -29.09
N ARG G 238 7.60 -44.54 -29.38
CA ARG G 238 7.14 -43.59 -28.38
C ARG G 238 5.63 -43.42 -28.48
N ILE G 239 5.04 -42.88 -27.41
CA ILE G 239 3.59 -42.85 -27.24
C ILE G 239 3.17 -41.48 -26.72
N ASP G 240 2.18 -40.96 -27.37
CA ASP G 240 1.65 -39.71 -26.87
C ASP G 240 0.49 -40.19 -26.07
N PHE G 241 -0.07 -39.35 -25.02
CA PHE G 241 -1.35 -39.38 -24.34
C PHE G 241 -2.04 -38.03 -24.47
N HIS G 242 -3.26 -38.05 -24.98
CA HIS G 242 -4.08 -36.85 -25.10
C HIS G 242 -5.33 -37.01 -24.24
N TRP G 243 -5.84 -35.89 -23.73
CA TRP G 243 -6.92 -35.93 -22.76
C TRP G 243 -7.99 -34.89 -23.11
N LEU G 244 -9.23 -35.19 -22.73
CA LEU G 244 -10.31 -34.23 -22.77
C LEU G 244 -11.11 -34.33 -21.48
N MET G 245 -11.80 -33.25 -21.14
CA MET G 245 -12.69 -33.22 -19.98
C MET G 245 -14.12 -33.26 -20.51
N LEU G 246 -14.73 -34.46 -20.54
CA LEU G 246 -16.10 -34.67 -21.09
C LEU G 246 -17.09 -33.98 -20.16
N ASN G 247 -18.25 -33.55 -20.66
CA ASN G 247 -19.26 -32.74 -19.95
C ASN G 247 -20.26 -33.71 -19.34
N PRO G 248 -20.96 -33.38 -18.22
CA PRO G 248 -21.83 -34.31 -17.47
C PRO G 248 -22.74 -35.16 -18.34
N ASN G 249 -22.98 -34.74 -19.58
CA ASN G 249 -23.70 -35.63 -20.55
C ASN G 249 -23.22 -35.37 -21.98
N ASP G 250 -21.97 -35.73 -22.32
CA ASP G 250 -21.45 -35.59 -23.67
C ASP G 250 -21.00 -36.96 -24.13
N THR G 251 -21.18 -37.23 -25.40
CA THR G 251 -20.83 -38.52 -25.97
C THR G 251 -19.52 -38.40 -26.75
N VAL G 252 -18.51 -39.17 -26.34
CA VAL G 252 -17.21 -39.17 -26.98
C VAL G 252 -17.14 -40.36 -27.94
N THR G 253 -16.55 -40.14 -29.10
CA THR G 253 -16.48 -41.14 -30.15
C THR G 253 -15.04 -41.33 -30.59
N PHE G 254 -14.60 -42.57 -30.66
CA PHE G 254 -13.23 -42.92 -31.02
C PHE G 254 -13.26 -43.75 -32.29
N SER G 255 -13.22 -43.07 -33.44
CA SER G 255 -13.13 -43.74 -34.74
C SER G 255 -11.67 -43.79 -35.18
N PHE G 256 -11.07 -44.97 -35.09
CA PHE G 256 -9.65 -45.12 -35.32
C PHE G 256 -9.39 -46.21 -36.37
N ASN G 257 -8.27 -46.07 -37.08
CA ASN G 257 -7.85 -47.04 -38.07
C ASN G 257 -6.67 -47.85 -37.56
N GLY G 258 -6.13 -47.46 -36.40
CA GLY G 258 -4.96 -48.10 -35.84
C GLY G 258 -4.11 -47.10 -35.10
N ALA G 259 -3.05 -47.62 -34.48
CA ALA G 259 -2.14 -46.88 -33.59
C ALA G 259 -2.90 -46.16 -32.49
N PHE G 260 -3.84 -46.87 -31.87
CA PHE G 260 -4.70 -46.31 -30.83
C PHE G 260 -4.50 -47.08 -29.53
N ILE G 261 -4.39 -46.35 -28.44
CA ILE G 261 -4.27 -46.93 -27.11
C ILE G 261 -5.55 -46.59 -26.37
N ALA G 262 -6.49 -47.52 -26.33
CA ALA G 262 -7.81 -47.21 -25.80
C ALA G 262 -7.80 -47.23 -24.28
N PRO G 263 -8.56 -46.34 -23.63
CA PRO G 263 -8.66 -46.40 -22.16
C PRO G 263 -9.54 -47.56 -21.73
N ASP G 264 -9.11 -48.25 -20.67
CA ASP G 264 -9.92 -49.34 -20.13
C ASP G 264 -11.11 -48.81 -19.34
N ARG G 265 -10.83 -47.77 -18.52
CA ARG G 265 -11.79 -47.18 -17.59
C ARG G 265 -11.76 -45.64 -17.63
N ALA G 266 -12.89 -44.93 -17.42
CA ALA G 266 -12.85 -43.47 -17.33
C ALA G 266 -12.30 -43.02 -15.99
N SER G 267 -12.15 -41.70 -15.84
CA SER G 267 -11.68 -41.09 -14.61
C SER G 267 -12.64 -39.98 -14.21
N PHE G 268 -13.04 -39.98 -12.94
CA PHE G 268 -13.98 -38.99 -12.41
C PHE G 268 -13.41 -38.34 -11.17
N LEU G 269 -13.52 -37.02 -11.08
CA LEU G 269 -12.99 -36.29 -9.95
C LEU G 269 -13.84 -36.53 -8.71
N ARG G 270 -13.20 -36.47 -7.54
CA ARG G 270 -13.87 -36.80 -6.29
C ARG G 270 -14.27 -35.58 -5.48
N GLY G 271 -13.36 -34.62 -5.29
CA GLY G 271 -13.62 -33.47 -4.45
C GLY G 271 -12.64 -32.35 -4.70
N LYS G 272 -12.25 -31.75 -3.59
CA LYS G 272 -11.25 -30.69 -3.72
C LYS G 272 -10.04 -31.18 -2.97
N SER G 273 -8.92 -30.53 -3.20
CA SER G 273 -7.70 -30.81 -2.45
C SER G 273 -6.61 -29.85 -2.91
N MET G 274 -5.38 -30.13 -2.48
CA MET G 274 -4.20 -29.37 -2.90
C MET G 274 -3.11 -30.33 -3.31
N GLY G 275 -2.20 -29.85 -4.16
CA GLY G 275 -1.07 -30.64 -4.59
C GLY G 275 0.25 -29.93 -4.38
N ILE G 276 1.19 -30.58 -3.73
CA ILE G 276 2.49 -29.99 -3.42
C ILE G 276 3.58 -30.87 -4.00
N GLN G 277 4.76 -30.27 -4.17
CA GLN G 277 5.94 -30.97 -4.64
C GLN G 277 7.07 -30.71 -3.65
N SER G 278 7.64 -31.78 -3.11
CA SER G 278 8.69 -31.68 -2.11
C SER G 278 9.51 -32.97 -2.12
N GLY G 279 10.66 -32.91 -1.45
CA GLY G 279 11.54 -34.05 -1.36
C GLY G 279 11.89 -34.40 0.07
N VAL G 280 10.93 -34.26 0.99
CA VAL G 280 11.16 -34.49 2.40
C VAL G 280 10.09 -35.44 2.94
N GLN G 281 10.35 -35.97 4.13
CA GLN G 281 9.47 -36.97 4.73
C GLN G 281 8.21 -36.33 5.29
N VAL G 282 7.24 -37.19 5.63
CA VAL G 282 5.93 -36.76 6.13
C VAL G 282 5.72 -37.38 7.50
N ASP G 283 5.26 -36.56 8.46
CA ASP G 283 4.81 -37.04 9.75
C ASP G 283 3.44 -36.44 10.07
N ALA G 284 2.65 -37.16 10.87
CA ALA G 284 1.29 -36.74 11.15
C ALA G 284 1.16 -36.01 12.49
N ASP G 285 2.27 -35.78 13.20
CA ASP G 285 2.19 -35.15 14.51
C ASP G 285 1.92 -33.64 14.41
N CYS G 286 2.55 -32.98 13.45
CA CYS G 286 2.47 -31.53 13.34
C CYS G 286 1.43 -31.11 12.30
N GLU G 287 1.02 -29.84 12.37
CA GLU G 287 0.01 -29.28 11.49
C GLU G 287 0.41 -27.92 10.96
N GLY G 288 0.51 -27.83 9.63
CA GLY G 288 0.65 -26.55 8.97
C GLY G 288 -0.10 -26.58 7.66
N ASP G 289 -0.46 -25.39 7.17
CA ASP G 289 -1.23 -25.28 5.94
C ASP G 289 -0.41 -24.75 4.77
N CYS G 290 0.79 -24.26 5.02
CA CYS G 290 1.67 -23.72 3.98
C CYS G 290 2.79 -24.71 3.71
N TYR G 291 2.99 -25.04 2.45
CA TYR G 291 4.01 -26.01 2.06
C TYR G 291 4.87 -25.45 0.94
N TYR G 292 6.13 -25.88 0.92
CA TYR G 292 7.05 -25.59 -0.16
C TYR G 292 7.91 -26.83 -0.38
N SER G 293 8.92 -26.69 -1.25
CA SER G 293 9.71 -27.85 -1.68
C SER G 293 10.58 -28.41 -0.56
N GLY G 294 10.89 -27.59 0.45
CA GLY G 294 11.74 -28.02 1.54
C GLY G 294 11.06 -28.31 2.85
N GLY G 295 9.75 -28.10 2.97
CA GLY G 295 9.08 -28.39 4.22
C GLY G 295 7.82 -27.57 4.38
N THR G 296 7.49 -27.29 5.63
CA THR G 296 6.22 -26.70 6.02
C THR G 296 6.46 -25.45 6.87
N ILE G 297 5.81 -24.35 6.51
CA ILE G 297 5.78 -23.15 7.35
C ILE G 297 4.58 -23.31 8.27
N ILE G 298 4.83 -23.28 9.58
CA ILE G 298 3.87 -23.75 10.57
C ILE G 298 3.34 -22.57 11.40
N SER G 299 4.07 -21.47 11.41
CA SER G 299 3.77 -20.40 12.37
C SER G 299 3.21 -19.20 11.64
N ASN G 300 2.31 -18.48 12.31
CA ASN G 300 1.63 -17.34 11.71
C ASN G 300 2.39 -16.02 11.92
N LEU G 301 2.86 -15.45 10.82
CA LEU G 301 3.48 -14.14 10.74
C LEU G 301 3.00 -13.47 9.46
N PRO G 302 3.05 -12.13 9.39
CA PRO G 302 2.58 -11.44 8.17
C PRO G 302 3.31 -11.82 6.88
N PHE G 303 4.62 -12.02 6.93
CA PHE G 303 5.42 -12.22 5.73
C PHE G 303 6.39 -13.38 5.95
N GLN G 304 7.06 -13.77 4.86
CA GLN G 304 8.05 -14.85 4.92
C GLN G 304 9.09 -14.64 3.84
N ASN G 305 10.28 -15.20 4.03
CA ASN G 305 11.39 -15.15 3.07
C ASN G 305 11.96 -16.56 2.98
N ILE G 306 11.13 -17.62 3.04
CA ILE G 306 11.62 -18.98 2.84
C ILE G 306 11.55 -19.36 1.37
N ASP G 307 10.40 -19.14 0.74
CA ASP G 307 10.23 -19.47 -0.67
C ASP G 307 9.19 -18.56 -1.29
N SER G 308 9.39 -18.21 -2.56
CA SER G 308 8.42 -17.43 -3.30
C SER G 308 7.22 -18.27 -3.72
N ARG G 309 7.48 -19.54 -4.06
CA ARG G 309 6.44 -20.44 -4.54
C ARG G 309 6.02 -21.34 -3.39
N ALA G 310 4.90 -20.98 -2.75
CA ALA G 310 4.39 -21.70 -1.60
C ALA G 310 2.90 -21.97 -1.80
N VAL G 311 2.43 -23.08 -1.27
CA VAL G 311 1.08 -23.56 -1.54
C VAL G 311 0.24 -23.52 -0.27
N GLY G 312 -0.91 -22.87 -0.36
CA GLY G 312 -1.87 -22.86 0.72
C GLY G 312 -2.01 -21.50 1.38
N LYS G 313 -2.55 -21.53 2.61
CA LYS G 313 -2.67 -20.30 3.43
C LYS G 313 -1.25 -19.96 3.84
N CYS G 314 -0.61 -19.00 3.19
CA CYS G 314 0.80 -18.74 3.35
C CYS G 314 1.02 -17.25 3.62
N PRO G 315 2.08 -16.91 4.35
CA PRO G 315 2.49 -15.51 4.43
C PRO G 315 3.05 -15.04 3.09
N ARG G 316 2.99 -13.73 2.88
CA ARG G 316 3.43 -13.13 1.63
C ARG G 316 4.95 -13.17 1.53
N TYR G 317 5.45 -13.54 0.36
CA TYR G 317 6.90 -13.57 0.15
C TYR G 317 7.42 -12.16 -0.06
N VAL G 318 8.50 -11.83 0.64
CA VAL G 318 9.12 -10.52 0.56
C VAL G 318 10.60 -10.70 0.32
N LYS G 319 11.27 -9.71 -0.25
CA LYS G 319 12.71 -9.83 -0.52
C LYS G 319 13.49 -9.54 0.76
N GLN G 320 12.94 -8.82 1.75
CA GLN G 320 13.72 -8.39 2.90
C GLN G 320 14.04 -9.55 3.85
N ARG G 321 15.26 -9.72 4.34
CA ARG G 321 15.46 -10.86 5.28
C ARG G 321 14.97 -10.45 6.64
N SER G 322 15.27 -9.22 7.05
CA SER G 322 14.84 -8.88 8.40
C SER G 322 13.88 -7.69 8.35
N LEU G 323 12.80 -7.77 9.12
CA LEU G 323 11.83 -6.69 9.27
C LEU G 323 11.33 -6.70 10.71
N LEU G 324 11.87 -5.79 11.53
CA LEU G 324 11.58 -5.76 12.96
C LEU G 324 10.47 -4.75 13.24
N LEU G 325 9.43 -5.20 13.95
CA LEU G 325 8.31 -4.35 14.32
C LEU G 325 8.47 -3.90 15.77
N ALA G 326 8.31 -2.60 16.01
CA ALA G 326 8.52 -2.03 17.34
C ALA G 326 7.37 -2.45 18.25
N THR G 327 7.62 -3.39 19.16
CA THR G 327 6.60 -3.80 20.14
C THR G 327 6.81 -3.05 21.44
N GLY G 328 7.86 -2.28 21.54
CA GLY G 328 8.08 -1.47 22.73
C GLY G 328 8.25 -0.01 22.38
N MET G 329 8.52 0.78 23.40
CA MET G 329 8.66 2.23 23.25
C MET G 329 10.10 2.58 22.90
N LYS G 330 10.33 3.86 22.61
CA LYS G 330 11.66 4.33 22.27
C LYS G 330 12.58 4.27 23.48
N ASN G 331 13.80 3.78 23.28
CA ASN G 331 14.73 3.50 24.35
C ASN G 331 15.84 4.55 24.36
N VAL G 332 15.86 5.40 25.38
CA VAL G 332 17.00 6.24 25.68
C VAL G 332 17.68 5.70 26.95
N PRO G 333 18.93 5.25 26.84
CA PRO G 333 19.63 4.70 28.01
C PRO G 333 19.88 5.74 29.08
N GLU G 334 19.88 5.27 30.33
CA GLU G 334 20.28 6.11 31.45
C GLU G 334 21.79 6.30 31.45
N ILE G 335 22.22 7.52 31.74
CA ILE G 335 23.63 7.84 31.78
C ILE G 335 23.92 8.82 32.91
N ALA G 344 19.81 15.53 40.91
CA ALA G 344 19.46 14.60 41.98
C ALA G 344 18.51 13.52 41.49
N ILE G 345 17.27 13.91 41.22
CA ILE G 345 16.26 12.95 40.74
C ILE G 345 15.89 13.32 39.30
N ALA G 346 15.83 12.37 38.38
CA ALA G 346 15.68 12.69 36.94
C ALA G 346 14.23 12.80 36.51
N GLY G 347 13.97 12.90 35.21
CA GLY G 347 12.61 12.98 34.66
C GLY G 347 12.53 12.42 33.27
N PHE G 348 11.37 12.44 32.64
CA PHE G 348 11.13 11.90 31.28
C PHE G 348 11.97 12.64 30.26
N ILE G 349 12.11 13.96 30.37
CA ILE G 349 12.80 14.80 29.34
C ILE G 349 14.28 14.45 29.32
N GLU G 350 14.90 14.20 30.47
CA GLU G 350 16.36 13.93 30.58
C GLU G 350 16.71 12.53 30.08
N ASN G 351 16.16 11.46 30.66
CA ASN G 351 16.48 10.07 30.38
C ASN G 351 15.31 9.16 30.75
N GLY G 352 15.53 7.85 30.66
CA GLY G 352 14.58 6.86 31.11
C GLY G 352 15.19 5.99 32.20
N TRP G 353 14.35 5.59 33.14
CA TRP G 353 14.79 4.88 34.33
C TRP G 353 14.88 3.38 34.05
N GLU G 354 16.06 2.81 34.31
CA GLU G 354 16.24 1.38 34.13
C GLU G 354 15.74 0.57 35.33
N GLY G 355 15.51 1.24 36.47
CA GLY G 355 15.05 0.52 37.65
C GLY G 355 13.56 0.29 37.70
N LEU G 356 12.82 0.84 36.74
CA LEU G 356 11.37 0.68 36.70
C LEU G 356 11.03 -0.68 36.14
N ILE G 357 10.38 -1.51 36.95
CA ILE G 357 10.03 -2.87 36.53
C ILE G 357 8.54 -3.16 36.70
N ASP G 358 7.82 -2.36 37.48
CA ASP G 358 6.39 -2.58 37.68
C ASP G 358 5.55 -2.08 36.53
N GLY G 359 6.14 -1.37 35.58
CA GLY G 359 5.37 -0.86 34.46
C GLY G 359 6.25 -0.08 33.51
N TRP G 360 5.59 0.54 32.53
CA TRP G 360 6.28 1.32 31.52
C TRP G 360 6.44 2.78 31.92
N TYR G 361 5.51 3.33 32.68
CA TYR G 361 5.57 4.70 33.15
C TYR G 361 5.45 4.73 34.66
N GLY G 362 6.34 5.46 35.33
CA GLY G 362 6.45 5.40 36.77
C GLY G 362 6.54 6.76 37.40
N PHE G 363 6.32 6.78 38.71
CA PHE G 363 6.28 8.00 39.52
C PHE G 363 7.40 7.90 40.56
N ARG G 364 8.47 8.67 40.37
CA ARG G 364 9.53 8.74 41.36
C ARG G 364 9.38 10.02 42.18
N HIS G 365 9.32 9.88 43.50
CA HIS G 365 9.11 11.01 44.38
C HIS G 365 10.21 11.07 45.43
N GLN G 366 10.76 12.27 45.62
CA GLN G 366 11.73 12.54 46.68
C GLN G 366 11.01 13.30 47.79
N ASN G 367 11.10 12.79 49.01
CA ASN G 367 10.36 13.33 50.13
C ASN G 367 11.26 13.33 51.37
N ALA G 368 10.77 13.97 52.43
CA ALA G 368 11.52 14.03 53.68
C ALA G 368 11.60 12.66 54.35
N GLN G 369 10.56 11.83 54.18
CA GLN G 369 10.59 10.48 54.73
C GLN G 369 11.58 9.60 53.96
N GLY G 370 11.64 9.76 52.65
CA GLY G 370 12.57 8.98 51.86
C GLY G 370 12.26 9.07 50.38
N GLU G 371 12.87 8.16 49.63
CA GLU G 371 12.75 8.11 48.19
C GLU G 371 12.08 6.78 47.82
N GLY G 372 10.99 6.85 47.05
CA GLY G 372 10.28 5.67 46.62
C GLY G 372 9.70 5.85 45.24
N THR G 373 9.40 4.72 44.61
CA THR G 373 8.91 4.71 43.23
C THR G 373 7.73 3.76 43.10
N ALA G 374 6.95 3.97 42.04
CA ALA G 374 5.81 3.13 41.72
C ALA G 374 5.62 3.14 40.21
N ALA G 375 4.44 2.72 39.76
CA ALA G 375 4.12 2.71 38.34
C ALA G 375 2.66 3.09 38.15
N ASP G 376 2.35 3.62 36.97
CA ASP G 376 0.98 4.00 36.62
C ASP G 376 0.35 2.87 35.81
N TYR G 377 -0.79 2.37 36.28
CA TYR G 377 -1.41 1.23 35.62
C TYR G 377 -2.21 1.64 34.40
N LYS G 378 -2.78 2.84 34.43
CA LYS G 378 -3.68 3.32 33.36
C LYS G 378 -2.95 3.58 32.07
N SER G 379 -1.84 4.29 32.11
CA SER G 379 -1.10 4.63 30.89
C SER G 379 -0.38 3.42 30.32
N THR G 380 0.21 2.60 31.20
CA THR G 380 0.86 1.36 30.78
C THR G 380 -0.15 0.40 30.18
N GLN G 381 -1.34 0.29 30.74
CA GLN G 381 -2.36 -0.65 30.23
C GLN G 381 -2.85 -0.15 28.89
N SER G 382 -3.06 1.16 28.76
CA SER G 382 -3.52 1.69 27.48
C SER G 382 -2.48 1.48 26.39
N ALA G 383 -1.19 1.67 26.71
CA ALA G 383 -0.13 1.44 25.73
C ALA G 383 -0.06 -0.03 25.33
N ILE G 384 -0.19 -0.94 26.31
CA ILE G 384 -0.14 -2.36 26.02
C ILE G 384 -1.35 -2.80 25.20
N ASP G 385 -2.53 -2.23 25.49
CA ASP G 385 -3.72 -2.53 24.71
C ASP G 385 -3.60 -2.07 23.26
N GLN G 386 -3.04 -0.89 23.03
CA GLN G 386 -2.90 -0.40 21.66
C GLN G 386 -1.83 -1.17 20.89
N ILE G 387 -0.74 -1.58 21.55
CA ILE G 387 0.28 -2.38 20.90
C ILE G 387 -0.24 -3.79 20.59
N THR G 388 -1.03 -4.36 21.50
CA THR G 388 -1.61 -5.69 21.22
C THR G 388 -2.68 -5.57 20.15
N GLY G 389 -3.37 -4.44 20.04
CA GLY G 389 -4.29 -4.24 18.92
C GLY G 389 -3.57 -4.20 17.59
N LYS G 390 -2.42 -3.51 17.54
CA LYS G 390 -1.56 -3.53 16.35
C LYS G 390 -1.13 -4.95 16.00
N LEU G 391 -0.69 -5.70 17.02
CA LEU G 391 -0.21 -7.06 16.80
C LEU G 391 -1.34 -7.97 16.34
N ASN G 392 -2.50 -7.92 16.96
CA ASN G 392 -3.57 -8.77 16.44
C ASN G 392 -3.84 -8.36 15.00
N ARG G 393 -3.91 -7.08 14.70
CA ARG G 393 -4.24 -6.74 13.33
C ARG G 393 -3.24 -7.32 12.33
N LEU G 394 -1.93 -7.24 12.63
CA LEU G 394 -0.97 -7.64 11.61
C LEU G 394 -0.72 -9.15 11.57
N ILE G 395 -0.69 -9.83 12.73
CA ILE G 395 -0.15 -11.19 12.82
C ILE G 395 -0.99 -12.20 12.03
N GLU G 396 -2.30 -11.95 11.91
CA GLU G 396 -3.20 -12.80 11.15
C GLU G 396 -2.84 -12.87 9.67
N LYS G 397 -2.71 -14.09 9.15
CA LYS G 397 -2.37 -14.30 7.75
C LYS G 397 -3.65 -14.51 6.93
N THR G 398 -3.47 -14.76 5.64
CA THR G 398 -4.58 -14.84 4.71
C THR G 398 -5.30 -16.19 4.81
N ASN G 399 -6.50 -16.23 4.23
CA ASN G 399 -7.25 -17.46 4.06
C ASN G 399 -7.36 -17.87 2.60
N GLN G 400 -6.73 -17.14 1.68
CA GLN G 400 -6.77 -17.49 0.27
C GLN G 400 -5.85 -18.66 -0.01
N GLN G 401 -6.32 -19.61 -0.79
CA GLN G 401 -5.58 -20.83 -1.09
C GLN G 401 -4.95 -20.69 -2.47
N PHE G 402 -3.64 -20.89 -2.54
CA PHE G 402 -2.88 -20.75 -3.78
C PHE G 402 -2.39 -22.12 -4.24
N GLU G 403 -2.43 -22.35 -5.55
CA GLU G 403 -2.05 -23.62 -6.13
C GLU G 403 -0.65 -23.53 -6.73
N LEU G 404 -0.14 -24.69 -7.15
CA LEU G 404 1.04 -24.70 -8.00
C LEU G 404 0.67 -24.30 -9.41
N ILE G 405 1.46 -23.41 -9.99
CA ILE G 405 1.28 -22.99 -11.38
C ILE G 405 2.53 -23.29 -12.19
N ASP G 406 3.58 -23.76 -11.55
CA ASP G 406 4.88 -24.04 -12.20
C ASP G 406 5.36 -25.38 -11.70
N ASN G 407 5.89 -26.25 -12.55
CA ASN G 407 6.43 -27.55 -12.14
C ASN G 407 7.92 -27.34 -11.97
N GLU G 408 8.41 -27.34 -10.74
CA GLU G 408 9.85 -27.21 -10.42
C GLU G 408 10.63 -28.37 -11.00
N PHE G 409 10.10 -29.59 -10.88
CA PHE G 409 10.75 -30.81 -11.36
C PHE G 409 10.85 -30.82 -12.88
N THR G 410 9.79 -30.49 -13.63
CA THR G 410 9.79 -30.45 -15.12
C THR G 410 9.37 -29.05 -15.58
N GLU G 411 10.11 -28.38 -16.45
CA GLU G 411 9.83 -26.96 -16.80
C GLU G 411 8.56 -26.79 -17.61
N VAL G 412 7.91 -25.64 -17.47
CA VAL G 412 6.67 -25.26 -18.21
C VAL G 412 7.12 -24.70 -19.56
N GLU G 413 6.22 -24.46 -20.49
CA GLU G 413 6.55 -23.86 -21.79
C GLU G 413 7.23 -22.55 -21.48
N LYS G 414 8.14 -22.07 -22.32
CA LYS G 414 8.99 -20.92 -21.95
C LYS G 414 8.29 -19.55 -22.05
N GLN G 415 7.20 -19.38 -22.78
CA GLN G 415 6.47 -18.13 -22.91
C GLN G 415 5.59 -17.87 -21.69
N ILE G 416 4.72 -18.83 -21.36
CA ILE G 416 3.88 -18.71 -20.17
C ILE G 416 4.72 -18.81 -18.90
N GLY G 417 5.88 -19.49 -18.96
CA GLY G 417 6.78 -19.50 -17.83
C GLY G 417 7.40 -18.14 -17.57
N ASN G 418 7.79 -17.43 -18.63
CA ASN G 418 8.31 -16.07 -18.48
C ASN G 418 7.22 -15.10 -18.03
N VAL G 419 6.00 -15.28 -18.50
CA VAL G 419 4.86 -14.47 -18.05
C VAL G 419 4.61 -14.67 -16.56
N ILE G 420 4.64 -15.93 -16.11
CA ILE G 420 4.45 -16.28 -14.71
C ILE G 420 5.56 -15.71 -13.84
N ASN G 421 6.82 -15.81 -14.32
CA ASN G 421 7.95 -15.29 -13.57
C ASN G 421 7.89 -13.76 -13.44
N TRP G 422 7.52 -13.07 -14.53
CA TRP G 422 7.38 -11.62 -14.49
C TRP G 422 6.26 -11.19 -13.53
N THR G 423 5.13 -11.91 -13.56
CA THR G 423 4.02 -11.60 -12.67
C THR G 423 4.38 -11.84 -11.21
N ARG G 424 5.11 -12.92 -10.93
CA ARG G 424 5.50 -13.22 -9.55
C ARG G 424 6.52 -12.21 -9.04
N ASP G 425 7.46 -11.77 -9.89
CA ASP G 425 8.41 -10.73 -9.47
C ASP G 425 7.71 -9.40 -9.22
N SER G 426 6.72 -9.03 -10.06
CA SER G 426 5.97 -7.80 -9.82
C SER G 426 5.15 -7.89 -8.53
N ILE G 427 4.53 -9.04 -8.27
CA ILE G 427 3.72 -9.23 -7.07
C ILE G 427 4.61 -9.19 -5.82
N THR G 428 5.78 -9.83 -5.85
CA THR G 428 6.63 -9.80 -4.67
C THR G 428 7.31 -8.44 -4.49
N GLU G 429 7.39 -7.61 -5.54
CA GLU G 429 7.95 -6.25 -5.45
C GLU G 429 6.89 -5.39 -4.82
N VAL G 430 5.63 -5.60 -5.12
CA VAL G 430 4.52 -4.91 -4.46
C VAL G 430 4.44 -5.27 -2.98
N TRP G 431 4.55 -6.57 -2.68
CA TRP G 431 4.43 -7.01 -1.29
C TRP G 431 5.64 -6.62 -0.45
N SER G 432 6.84 -6.57 -1.05
CA SER G 432 8.01 -6.11 -0.32
C SER G 432 7.92 -4.63 0.01
N TYR G 433 7.44 -3.81 -0.96
CA TYR G 433 7.23 -2.39 -0.69
C TYR G 433 6.17 -2.19 0.38
N ASN G 434 5.08 -2.97 0.34
CA ASN G 434 4.04 -2.86 1.34
C ASN G 434 4.54 -3.28 2.72
N ALA G 435 5.40 -4.30 2.77
CA ALA G 435 5.95 -4.76 4.04
C ALA G 435 6.87 -3.71 4.67
N GLU G 436 7.76 -3.13 3.85
CA GLU G 436 8.65 -2.08 4.35
C GLU G 436 7.88 -0.85 4.82
N LEU G 437 6.87 -0.45 4.03
CA LEU G 437 6.04 0.69 4.40
C LEU G 437 5.26 0.44 5.68
N LEU G 438 4.67 -0.76 5.82
CA LEU G 438 3.89 -1.09 7.01
C LEU G 438 4.76 -1.13 8.26
N VAL G 439 5.96 -1.72 8.15
CA VAL G 439 6.87 -1.77 9.30
C VAL G 439 7.29 -0.37 9.72
N ALA G 440 7.60 0.51 8.75
CA ALA G 440 7.98 1.88 9.07
C ALA G 440 6.84 2.66 9.71
N MET G 441 5.61 2.50 9.18
CA MET G 441 4.44 3.16 9.76
C MET G 441 4.17 2.72 11.18
N GLU G 442 4.17 1.41 11.45
CA GLU G 442 3.82 0.98 12.79
C GLU G 442 4.92 1.26 13.81
N ASN G 443 6.19 1.28 13.37
CA ASN G 443 7.26 1.68 14.28
C ASN G 443 7.15 3.16 14.64
N GLN G 444 6.93 4.02 13.64
CA GLN G 444 6.78 5.45 13.90
C GLN G 444 5.54 5.75 14.74
N HIS G 445 4.44 5.04 14.47
CA HIS G 445 3.22 5.25 15.23
C HIS G 445 3.35 4.74 16.66
N THR G 446 4.12 3.66 16.87
CA THR G 446 4.36 3.18 18.24
C THR G 446 5.19 4.18 19.03
N ILE G 447 6.23 4.75 18.42
CA ILE G 447 7.07 5.74 19.11
C ILE G 447 6.27 7.00 19.43
N ASP G 448 5.50 7.50 18.45
CA ASP G 448 4.65 8.66 18.69
C ASP G 448 3.53 8.37 19.68
N LEU G 449 3.05 7.13 19.71
CA LEU G 449 2.02 6.71 20.65
C LEU G 449 2.53 6.74 22.07
N ALA G 450 3.74 6.22 22.30
CA ALA G 450 4.35 6.25 23.62
C ALA G 450 4.63 7.69 24.07
N ASP G 451 5.10 8.54 23.15
CA ASP G 451 5.34 9.95 23.48
C ASP G 451 4.04 10.66 23.83
N SER G 452 2.94 10.35 23.11
CA SER G 452 1.65 10.96 23.40
C SER G 452 1.10 10.49 24.73
N GLU G 453 1.31 9.21 25.09
CA GLU G 453 0.86 8.73 26.39
C GLU G 453 1.63 9.37 27.54
N MET G 454 2.94 9.57 27.34
CA MET G 454 3.73 10.32 28.33
C MET G 454 3.25 11.77 28.46
N ASP G 455 2.95 12.41 27.34
CA ASP G 455 2.44 13.78 27.38
C ASP G 455 1.10 13.86 28.09
N LYS G 456 0.22 12.87 27.86
CA LYS G 456 -1.08 12.84 28.52
C LYS G 456 -0.94 12.65 30.02
N LEU G 457 -0.04 11.75 30.44
CA LEU G 457 0.23 11.55 31.87
C LEU G 457 0.80 12.82 32.51
N TYR G 458 1.72 13.48 31.83
CA TYR G 458 2.35 14.68 32.37
C TYR G 458 1.35 15.82 32.49
N GLU G 459 0.48 15.98 31.48
CA GLU G 459 -0.60 16.96 31.59
C GLU G 459 -1.57 16.59 32.70
N ARG G 460 -1.82 15.29 32.95
CA ARG G 460 -2.73 14.92 34.03
C ARG G 460 -2.17 15.31 35.40
N VAL G 461 -0.89 15.05 35.63
CA VAL G 461 -0.28 15.46 36.91
C VAL G 461 -0.18 16.98 37.00
N LYS G 462 -0.05 17.66 35.86
CA LYS G 462 -0.13 19.12 35.87
C LYS G 462 -1.53 19.62 36.22
N ARG G 463 -2.58 18.93 35.73
CA ARG G 463 -3.95 19.33 36.01
C ARG G 463 -4.32 19.07 37.46
N GLN G 464 -3.68 18.07 38.09
CA GLN G 464 -3.92 17.86 39.52
C GLN G 464 -3.29 18.96 40.37
N LEU G 465 -2.07 19.37 40.03
CA LEU G 465 -1.36 20.41 40.77
C LEU G 465 -1.75 21.77 40.18
N ARG G 466 -2.80 22.34 40.73
CA ARG G 466 -3.38 23.54 40.12
C ARG G 466 -2.41 24.68 40.34
N GLU G 467 -2.36 25.21 41.55
CA GLU G 467 -1.36 26.24 41.85
C GLU G 467 -0.49 25.86 43.04
N ASN G 468 -0.36 24.57 43.33
CA ASN G 468 0.44 24.13 44.47
C ASN G 468 1.87 23.80 44.08
N ALA G 469 2.11 23.39 42.83
CA ALA G 469 3.44 22.99 42.39
C ALA G 469 3.75 23.65 41.06
N GLU G 470 5.02 23.61 40.69
CA GLU G 470 5.50 24.27 39.48
C GLU G 470 6.58 23.43 38.81
N GLU G 471 6.78 23.71 37.53
CA GLU G 471 7.45 22.81 36.59
C GLU G 471 8.97 22.97 36.60
N ASP G 472 9.69 21.92 37.02
CA ASP G 472 11.14 22.03 37.16
C ASP G 472 11.89 21.43 35.98
N GLY G 473 11.73 22.02 34.79
CA GLY G 473 12.69 21.89 33.71
C GLY G 473 12.79 20.52 33.06
N THR G 474 13.15 19.49 33.82
CA THR G 474 13.54 18.20 33.26
C THR G 474 12.40 17.19 33.21
N GLY G 475 11.17 17.63 33.46
CA GLY G 475 10.04 16.72 33.49
C GLY G 475 9.51 16.44 34.88
N CYS G 476 9.96 17.17 35.88
CA CYS G 476 9.56 16.97 37.26
C CYS G 476 8.69 18.12 37.74
N PHE G 477 8.08 17.93 38.90
CA PHE G 477 7.32 18.96 39.58
C PHE G 477 7.95 19.20 40.94
N GLU G 478 8.19 20.47 41.27
CA GLU G 478 8.78 20.83 42.56
C GLU G 478 7.61 21.14 43.50
N ILE G 479 7.36 20.22 44.43
CA ILE G 479 6.27 20.38 45.38
C ILE G 479 6.69 21.40 46.44
N PHE G 480 5.87 22.46 46.60
CA PHE G 480 6.16 23.47 47.62
C PHE G 480 5.55 23.14 48.97
N HIS G 481 4.40 22.49 49.02
CA HIS G 481 3.79 22.23 50.31
C HIS G 481 4.33 20.94 50.92
N LYS G 482 4.47 20.96 52.24
CA LYS G 482 4.87 19.77 52.97
C LYS G 482 3.76 18.74 52.93
N CYS G 483 4.00 17.62 52.26
CA CYS G 483 3.02 16.55 52.19
C CYS G 483 3.75 15.21 52.05
N ASP G 484 3.25 14.21 52.78
CA ASP G 484 3.95 12.97 53.08
C ASP G 484 3.77 11.94 51.96
N ASP G 485 4.06 10.68 52.28
CA ASP G 485 3.84 9.60 51.32
C ASP G 485 2.37 9.38 51.03
N ASP G 486 1.50 9.75 51.97
CA ASP G 486 0.05 9.73 51.72
C ASP G 486 -0.32 10.73 50.63
N CYS G 487 0.32 11.89 50.62
CA CYS G 487 0.19 12.85 49.52
C CYS G 487 0.69 12.30 48.19
N MET G 488 1.81 11.57 48.20
CA MET G 488 2.34 11.02 46.96
C MET G 488 1.42 9.93 46.42
N ALA G 489 0.86 9.10 47.29
CA ALA G 489 -0.10 8.11 46.85
C ALA G 489 -1.43 8.74 46.46
N SER G 490 -1.75 9.92 47.02
CA SER G 490 -2.96 10.64 46.62
C SER G 490 -2.78 11.33 45.28
N ILE G 491 -1.54 11.66 44.92
CA ILE G 491 -1.29 12.23 43.60
C ILE G 491 -1.07 11.13 42.58
N ARG G 492 -0.81 9.91 43.04
CA ARG G 492 -0.73 8.77 42.13
C ARG G 492 -2.09 8.44 41.53
N ASN G 493 -3.13 8.37 42.35
CA ASN G 493 -4.47 8.26 41.82
C ASN G 493 -5.06 9.67 41.64
N ASN G 494 -6.28 9.74 41.13
CA ASN G 494 -6.91 11.03 40.84
C ASN G 494 -7.81 11.47 42.01
N THR G 495 -7.21 11.55 43.21
CA THR G 495 -7.92 11.97 44.41
C THR G 495 -7.27 13.15 45.11
N TYR G 496 -6.29 13.80 44.48
CA TYR G 496 -5.58 14.89 45.13
C TYR G 496 -6.45 16.13 45.22
N ASP G 497 -6.52 16.72 46.41
CA ASP G 497 -7.34 17.91 46.66
C ASP G 497 -6.40 19.10 46.70
N HIS G 498 -6.70 20.10 45.88
CA HIS G 498 -5.85 21.29 45.80
C HIS G 498 -6.17 22.29 46.90
N SER G 499 -7.40 22.29 47.43
CA SER G 499 -7.82 23.36 48.33
C SER G 499 -7.25 23.18 49.73
N LYS G 500 -6.84 21.95 50.08
CA LYS G 500 -6.33 21.68 51.41
C LYS G 500 -4.93 22.26 51.63
N TYR G 501 -4.15 22.43 50.56
CA TYR G 501 -2.78 22.90 50.68
C TYR G 501 -2.55 24.20 49.92
N ARG G 502 -3.61 24.82 49.41
CA ARG G 502 -3.47 25.93 48.47
C ARG G 502 -2.88 27.17 49.12
N GLU G 503 -3.28 27.47 50.37
CA GLU G 503 -2.84 28.69 51.03
C GLU G 503 -1.34 28.67 51.32
N GLU G 504 -0.85 27.57 51.88
CA GLU G 504 0.55 27.50 52.28
C GLU G 504 1.44 27.34 51.04
N ALA G 505 0.97 26.61 50.03
CA ALA G 505 1.75 26.47 48.80
C ALA G 505 1.81 27.78 48.02
N MET G 506 0.71 28.54 48.00
CA MET G 506 0.72 29.83 47.31
C MET G 506 1.58 30.85 48.07
N GLN G 507 1.57 30.77 49.40
CA GLN G 507 2.45 31.61 50.21
C GLN G 507 3.91 31.24 49.98
N ASN G 508 4.18 29.96 49.71
CA ASN G 508 5.54 29.55 49.37
C ASN G 508 5.96 30.03 47.99
N ARG G 509 5.01 30.07 47.04
CA ARG G 509 5.36 30.53 45.68
C ARG G 509 5.59 32.04 45.64
N ILE G 510 4.75 32.82 46.33
CA ILE G 510 4.87 34.27 46.25
C ILE G 510 6.13 34.76 46.96
N GLN G 511 6.43 34.18 48.13
CA GLN G 511 7.65 34.51 48.85
C GLN G 511 8.91 34.05 48.12
N GLN H 1 4.93 -23.22 31.97
CA GLN H 1 4.40 -24.24 32.86
C GLN H 1 4.73 -23.93 34.31
N VAL H 2 4.35 -22.73 34.75
CA VAL H 2 4.62 -22.31 36.12
C VAL H 2 3.59 -22.93 37.05
N GLN H 3 4.05 -23.63 38.08
CA GLN H 3 3.18 -24.28 39.05
C GLN H 3 3.47 -23.71 40.43
N LEU H 4 2.43 -23.24 41.11
CA LEU H 4 2.57 -22.61 42.42
C LEU H 4 2.25 -23.61 43.52
N LEU H 5 3.13 -24.60 43.66
CA LEU H 5 2.94 -25.65 44.65
C LEU H 5 3.16 -25.11 46.06
N GLU H 6 2.40 -25.64 47.01
CA GLU H 6 2.39 -25.14 48.38
C GLU H 6 2.90 -26.21 49.35
N SER H 7 3.56 -25.75 50.40
CA SER H 7 4.10 -26.63 51.43
C SER H 7 3.74 -26.08 52.80
N GLY H 8 3.43 -26.98 53.73
CA GLY H 8 3.08 -26.60 55.07
C GLY H 8 3.01 -27.79 56.01
N PRO H 9 2.95 -27.52 57.32
CA PRO H 9 2.86 -28.63 58.29
C PRO H 9 1.53 -29.36 58.27
N GLY H 10 0.43 -28.62 58.25
CA GLY H 10 -0.89 -29.22 58.26
C GLY H 10 -1.49 -29.43 59.63
N LEU H 11 -0.69 -29.38 60.69
CA LEU H 11 -1.17 -29.52 62.06
C LEU H 11 -0.59 -28.40 62.89
N VAL H 12 -1.45 -27.51 63.40
CA VAL H 12 -1.03 -26.31 64.10
C VAL H 12 -1.52 -26.39 65.54
N LYS H 13 -0.59 -26.22 66.48
CA LYS H 13 -0.97 -26.08 67.88
C LYS H 13 -1.63 -24.72 68.09
N PRO H 14 -2.60 -24.63 69.00
CA PRO H 14 -3.25 -23.33 69.25
C PRO H 14 -2.31 -22.33 69.91
N SER H 15 -2.54 -21.05 69.60
CA SER H 15 -1.75 -19.91 70.09
C SER H 15 -0.26 -20.05 69.77
N GLN H 16 0.03 -20.52 68.55
CA GLN H 16 1.39 -20.68 68.07
C GLN H 16 1.50 -20.12 66.67
N THR H 17 2.73 -20.07 66.16
CA THR H 17 2.98 -19.56 64.82
C THR H 17 2.79 -20.67 63.78
N LEU H 18 2.43 -20.25 62.57
CA LEU H 18 2.24 -21.16 61.44
C LEU H 18 2.99 -20.60 60.23
N SER H 19 3.77 -21.45 59.58
CA SER H 19 4.54 -21.08 58.41
C SER H 19 3.93 -21.74 57.18
N LEU H 20 3.51 -20.93 56.22
CA LEU H 20 2.95 -21.41 54.97
C LEU H 20 3.78 -20.87 53.82
N THR H 21 4.46 -21.76 53.11
CA THR H 21 5.34 -21.40 52.01
C THR H 21 4.76 -21.90 50.70
N CYS H 22 4.62 -21.01 49.73
CA CYS H 22 4.17 -21.37 48.38
C CYS H 22 5.39 -21.29 47.46
N THR H 23 5.91 -22.45 47.07
CA THR H 23 7.10 -22.52 46.23
C THR H 23 6.70 -22.32 44.78
N VAL H 24 7.49 -21.51 44.06
CA VAL H 24 7.24 -21.20 42.66
C VAL H 24 8.10 -22.11 41.81
N SER H 25 7.47 -23.00 41.05
CA SER H 25 8.16 -23.91 40.15
C SER H 25 7.93 -23.43 38.72
N GLY H 26 8.85 -22.62 38.21
CA GLY H 26 8.70 -22.07 36.87
C GLY H 26 9.93 -21.27 36.49
N GLY H 27 9.67 -20.13 35.85
CA GLY H 27 10.76 -19.27 35.43
C GLY H 27 11.45 -18.58 36.59
N SER H 28 10.74 -17.66 37.24
CA SER H 28 11.31 -16.90 38.36
C SER H 28 10.17 -16.32 39.19
N VAL H 29 10.51 -15.96 40.43
CA VAL H 29 9.63 -15.17 41.27
C VAL H 29 10.02 -13.70 41.25
N SER H 30 11.25 -13.40 40.83
CA SER H 30 11.77 -12.04 40.75
C SER H 30 11.50 -11.37 39.42
N ARG H 31 10.45 -11.77 38.71
CA ARG H 31 10.16 -11.18 37.41
C ARG H 31 9.63 -9.76 37.54
N GLY H 32 8.78 -9.52 38.52
CA GLY H 32 8.16 -8.22 38.68
C GLY H 32 6.88 -8.08 37.88
N GLY H 33 6.08 -7.09 38.25
CA GLY H 33 4.80 -6.91 37.60
C GLY H 33 3.74 -7.91 38.00
N TYR H 34 3.86 -8.51 39.18
CA TYR H 34 2.88 -9.47 39.68
C TYR H 34 2.56 -9.18 41.13
N TYR H 35 1.30 -9.42 41.51
CA TYR H 35 0.93 -9.49 42.92
C TYR H 35 1.05 -10.93 43.38
N TRP H 36 1.92 -11.17 44.36
CA TRP H 36 2.05 -12.50 44.97
C TRP H 36 1.14 -12.53 46.19
N THR H 37 0.00 -13.21 46.06
CA THR H 37 -1.08 -13.09 47.01
C THR H 37 -1.33 -14.40 47.73
N TRP H 38 -1.84 -14.28 48.96
CA TRP H 38 -2.31 -15.42 49.74
C TRP H 38 -3.82 -15.27 49.94
N ILE H 39 -4.57 -16.31 49.59
CA ILE H 39 -6.02 -16.31 49.67
C ILE H 39 -6.45 -17.54 50.46
N ARG H 40 -7.36 -17.36 51.41
CA ARG H 40 -7.84 -18.47 52.21
C ARG H 40 -9.35 -18.52 52.23
N GLN H 41 -9.88 -19.71 52.49
CA GLN H 41 -11.33 -19.92 52.59
C GLN H 41 -11.60 -21.02 53.62
N HIS H 42 -12.43 -20.73 54.60
CA HIS H 42 -13.03 -21.78 55.40
C HIS H 42 -14.18 -22.42 54.61
N PRO H 43 -14.34 -23.75 54.68
CA PRO H 43 -15.46 -24.39 53.99
C PRO H 43 -16.81 -23.95 54.54
N GLY H 44 -17.77 -23.74 53.63
CA GLY H 44 -19.03 -23.13 53.98
C GLY H 44 -19.00 -21.62 54.06
N LYS H 45 -17.86 -20.99 53.84
CA LYS H 45 -17.75 -19.51 53.95
C LYS H 45 -17.31 -18.99 52.58
N GLY H 46 -16.84 -17.75 52.50
CA GLY H 46 -16.23 -17.17 51.33
C GLY H 46 -14.73 -17.04 51.45
N LEU H 47 -14.09 -16.81 50.29
CA LEU H 47 -12.69 -16.46 50.24
C LEU H 47 -12.42 -15.12 50.95
N GLU H 48 -11.26 -15.06 51.60
CA GLU H 48 -10.82 -13.87 52.34
C GLU H 48 -9.38 -13.56 51.93
N TRP H 49 -9.17 -12.36 51.41
CA TRP H 49 -7.84 -11.95 50.99
C TRP H 49 -6.97 -11.68 52.22
N ILE H 50 -5.73 -12.12 52.18
CA ILE H 50 -4.82 -12.01 53.31
C ILE H 50 -3.80 -10.89 53.10
N ALA H 51 -2.93 -11.05 52.11
CA ALA H 51 -1.86 -10.08 51.87
C ALA H 51 -1.38 -10.23 50.43
N TYR H 52 -0.73 -9.18 49.95
CA TYR H 52 -0.07 -9.21 48.64
C TYR H 52 1.30 -8.57 48.79
N VAL H 53 2.29 -9.13 48.09
CA VAL H 53 3.65 -8.60 48.08
C VAL H 53 4.14 -8.60 46.63
N THR H 54 5.04 -7.68 46.33
CA THR H 54 5.66 -7.58 45.02
C THR H 54 7.17 -7.68 45.19
N TYR H 55 7.87 -7.81 44.06
CA TYR H 55 9.33 -7.83 44.11
C TYR H 55 9.89 -6.46 44.43
N SER H 56 9.17 -5.40 44.04
CA SER H 56 9.61 -4.04 44.33
C SER H 56 9.51 -3.70 45.81
N GLY H 57 8.66 -4.40 46.56
CA GLY H 57 8.58 -4.22 48.00
C GLY H 57 7.26 -3.68 48.53
N ASP H 58 6.27 -3.46 47.67
CA ASP H 58 4.99 -2.97 48.13
C ASP H 58 4.21 -4.08 48.82
N THR H 59 3.67 -3.81 50.01
CA THR H 59 3.00 -4.91 50.74
C THR H 59 1.81 -4.39 51.50
N SER H 60 0.59 -4.67 51.04
CA SER H 60 -0.56 -4.25 51.88
C SER H 60 -1.20 -5.51 52.44
N TYR H 61 -1.11 -5.69 53.76
CA TYR H 61 -1.67 -6.89 54.42
C TYR H 61 -3.17 -6.64 54.60
N ASN H 62 -3.94 -7.68 54.86
CA ASN H 62 -5.41 -7.48 54.93
C ASN H 62 -5.68 -6.51 56.04
N PRO H 63 -6.61 -5.57 55.87
CA PRO H 63 -6.98 -4.72 57.00
C PRO H 63 -7.57 -5.62 58.07
N SER H 64 -7.98 -6.84 57.72
CA SER H 64 -8.64 -7.71 58.73
C SER H 64 -7.71 -8.00 59.90
N LEU H 65 -6.42 -8.24 59.65
CA LEU H 65 -5.50 -8.63 60.77
C LEU H 65 -4.04 -8.36 60.39
N ARG H 66 -3.65 -7.10 60.30
CA ARG H 66 -2.27 -6.74 59.84
C ARG H 66 -1.22 -7.32 60.78
N GLY H 67 -1.43 -7.22 62.10
CA GLY H 67 -0.40 -7.68 63.04
C GLY H 67 -0.14 -9.16 62.93
N ARG H 68 -1.20 -9.98 62.81
CA ARG H 68 -1.01 -11.46 62.83
C ARG H 68 -0.25 -12.00 61.61
N VAL H 69 -0.46 -11.45 60.41
CA VAL H 69 0.14 -12.06 59.21
C VAL H 69 1.31 -11.27 58.67
N THR H 70 2.41 -11.95 58.34
CA THR H 70 3.57 -11.27 57.73
C THR H 70 3.95 -12.01 56.44
N ILE H 71 4.04 -11.29 55.31
CA ILE H 71 4.40 -11.89 54.03
C ILE H 71 5.78 -11.38 53.64
N SER H 72 6.62 -12.28 53.13
CA SER H 72 7.98 -11.96 52.72
C SER H 72 8.30 -12.67 51.42
N LEU H 73 9.08 -12.01 50.58
CA LEU H 73 9.47 -12.55 49.28
C LEU H 73 10.92 -13.02 49.38
N GLU H 74 11.15 -14.28 49.03
CA GLU H 74 12.46 -14.92 49.20
C GLU H 74 12.94 -15.40 47.82
N THR H 75 13.89 -14.67 47.25
CA THR H 75 14.31 -14.90 45.88
C THR H 75 15.18 -16.14 45.76
N SER H 76 15.99 -16.42 46.79
CA SER H 76 17.04 -17.44 46.69
C SER H 76 16.47 -18.84 46.55
N MET H 77 15.42 -19.17 47.30
CA MET H 77 14.74 -20.45 47.17
C MET H 77 13.43 -20.36 46.41
N ASN H 78 13.19 -19.24 45.72
CA ASN H 78 12.11 -19.10 44.72
C ASN H 78 10.72 -19.28 45.32
N GLN H 79 10.48 -18.66 46.47
CA GLN H 79 9.23 -18.84 47.18
C GLN H 79 8.87 -17.57 47.94
N PHE H 80 7.59 -17.44 48.27
CA PHE H 80 7.09 -16.38 49.14
C PHE H 80 6.26 -17.03 50.24
N SER H 81 6.50 -16.62 51.48
CA SER H 81 5.95 -17.28 52.64
C SER H 81 5.00 -16.36 53.39
N LEU H 82 3.96 -16.95 53.98
CA LEU H 82 3.02 -16.25 54.84
C LEU H 82 3.09 -16.84 56.23
N LYS H 83 3.32 -16.00 57.23
CA LYS H 83 3.46 -16.43 58.61
C LYS H 83 2.33 -15.83 59.44
N VAL H 84 1.50 -16.69 60.05
CA VAL H 84 0.47 -16.11 60.94
C VAL H 84 0.71 -16.60 62.36
N THR H 85 0.85 -15.67 63.30
CA THR H 85 1.09 -15.93 64.72
C THR H 85 -0.22 -15.94 65.49
N SER H 86 -0.20 -16.64 66.64
CA SER H 86 -1.35 -16.85 67.52
C SER H 86 -2.53 -17.47 66.77
N VAL H 87 -2.32 -18.68 66.25
CA VAL H 87 -3.32 -19.32 65.42
C VAL H 87 -4.43 -19.90 66.28
N THR H 88 -5.67 -19.52 65.96
CA THR H 88 -6.86 -19.96 66.71
C THR H 88 -7.61 -20.92 65.80
N VAL H 89 -8.79 -21.39 66.20
CA VAL H 89 -9.63 -22.31 65.44
C VAL H 89 -10.16 -21.63 64.18
N ALA H 90 -10.50 -20.34 64.29
CA ALA H 90 -11.02 -19.60 63.14
C ALA H 90 -9.95 -19.33 62.09
N ASP H 91 -8.67 -19.41 62.49
CA ASP H 91 -7.58 -19.23 61.54
C ASP H 91 -7.40 -20.46 60.66
N THR H 92 -7.96 -21.60 61.09
CA THR H 92 -7.80 -22.83 60.33
C THR H 92 -8.72 -22.82 59.10
N ALA H 93 -8.11 -22.89 57.92
CA ALA H 93 -8.85 -22.84 56.66
C ALA H 93 -7.97 -23.45 55.57
N LEU H 94 -8.57 -23.59 54.39
CA LEU H 94 -7.81 -24.02 53.22
C LEU H 94 -7.15 -22.81 52.58
N TYR H 95 -5.85 -22.91 52.31
CA TYR H 95 -5.04 -21.77 51.88
C TYR H 95 -4.67 -21.91 50.41
N PHE H 96 -4.62 -20.78 49.71
CA PHE H 96 -4.23 -20.72 48.31
C PHE H 96 -3.18 -19.63 48.12
N CYS H 97 -2.30 -19.84 47.14
CA CYS H 97 -1.38 -18.82 46.69
C CYS H 97 -1.61 -18.57 45.21
N ALA H 98 -1.49 -17.31 44.80
CA ALA H 98 -1.79 -16.94 43.43
C ALA H 98 -0.79 -15.92 42.92
N ARG H 99 -0.56 -15.94 41.61
CA ARG H 99 0.24 -14.95 40.92
C ARG H 99 -0.71 -14.10 40.10
N VAL H 100 -1.11 -12.96 40.66
CA VAL H 100 -2.05 -12.05 40.01
C VAL H 100 -1.24 -11.04 39.20
N PRO H 101 -1.40 -10.99 37.89
CA PRO H 101 -0.62 -10.05 37.08
C PRO H 101 -1.07 -8.62 37.29
N PHE H 102 -0.12 -7.69 37.13
CA PHE H 102 -0.44 -6.27 37.17
C PHE H 102 -1.31 -5.88 35.97
N TYR H 103 -0.94 -6.33 34.82
CA TYR H 103 -1.66 -5.84 33.64
C TYR H 103 -2.32 -7.02 32.92
N TYR H 104 -3.04 -6.77 31.83
CA TYR H 104 -3.61 -7.85 31.01
C TYR H 104 -2.92 -7.86 29.66
N ASP H 105 -2.05 -8.83 29.44
CA ASP H 105 -1.31 -8.99 28.17
C ASP H 105 -1.74 -10.33 27.64
N THR H 106 -2.36 -10.40 26.45
CA THR H 106 -2.74 -11.69 25.85
C THR H 106 -1.56 -12.18 25.05
N ARG H 107 -0.74 -11.28 24.53
CA ARG H 107 0.38 -11.67 23.64
C ARG H 107 1.77 -11.39 24.22
N GLY H 108 1.92 -11.03 25.48
CA GLY H 108 3.29 -10.93 26.01
C GLY H 108 4.03 -9.66 25.67
N VAL H 109 3.35 -8.55 25.41
CA VAL H 109 4.05 -7.25 25.18
C VAL H 109 4.74 -6.77 26.46
N PHE H 110 4.15 -6.97 27.66
CA PHE H 110 4.89 -6.54 28.88
C PHE H 110 5.62 -7.68 29.58
N TYR H 111 5.01 -8.86 29.72
CA TYR H 111 5.65 -9.94 30.50
C TYR H 111 6.70 -10.60 29.64
N GLY H 112 6.42 -10.82 28.37
CA GLY H 112 7.40 -11.27 27.39
C GLY H 112 7.22 -12.69 26.87
N ASN H 113 6.58 -13.57 27.63
CA ASN H 113 6.54 -14.98 27.27
C ASN H 113 5.16 -15.50 26.90
N ALA H 114 4.11 -14.67 27.01
CA ALA H 114 2.71 -14.95 26.66
C ALA H 114 2.06 -16.02 27.54
N GLU H 115 2.80 -16.57 28.50
CA GLU H 115 2.19 -17.43 29.51
C GLU H 115 2.29 -16.79 30.89
N GLY H 116 3.12 -15.75 31.02
CA GLY H 116 3.20 -15.04 32.28
C GLY H 116 2.01 -14.13 32.53
N GLY H 117 1.28 -13.78 31.46
CA GLY H 117 0.11 -12.94 31.61
C GLY H 117 -1.09 -13.66 32.22
N PHE H 118 -1.01 -14.98 32.35
CA PHE H 118 -2.09 -15.76 32.94
C PHE H 118 -2.06 -15.61 34.46
N GLU H 119 -3.17 -16.01 35.08
CA GLU H 119 -3.32 -16.01 36.54
C GLU H 119 -3.26 -17.46 37.00
N ILE H 120 -2.19 -17.82 37.70
CA ILE H 120 -1.96 -19.19 38.11
C ILE H 120 -2.16 -19.32 39.61
N TRP H 121 -3.00 -20.28 40.00
CA TRP H 121 -3.35 -20.50 41.39
C TRP H 121 -2.76 -21.81 41.88
N GLY H 122 -2.48 -21.89 43.19
CA GLY H 122 -1.96 -23.11 43.76
C GLY H 122 -3.03 -24.15 43.95
N GLN H 123 -2.58 -25.39 44.18
CA GLN H 123 -3.50 -26.50 44.38
C GLN H 123 -4.25 -26.38 45.71
N GLY H 124 -3.56 -25.92 46.75
CA GLY H 124 -4.19 -25.74 48.05
C GLY H 124 -3.62 -26.63 49.13
N THR H 125 -3.45 -26.08 50.33
CA THR H 125 -2.93 -26.84 51.47
C THR H 125 -3.76 -26.48 52.69
N MET H 126 -4.55 -27.42 53.18
CA MET H 126 -5.38 -27.21 54.35
C MET H 126 -4.53 -27.23 55.61
N ALA H 127 -4.79 -26.27 56.50
CA ALA H 127 -4.05 -26.16 57.76
C ALA H 127 -5.02 -26.17 58.92
N THR H 128 -4.65 -26.91 59.97
CA THR H 128 -5.46 -26.99 61.18
C THR H 128 -4.76 -26.32 62.35
N ASP I 1 -12.16 -0.56 52.59
CA ASP I 1 -13.08 -1.66 52.94
C ASP I 1 -14.30 -1.54 52.03
N ILE I 2 -14.07 -1.23 50.76
CA ILE I 2 -15.24 -1.00 49.87
C ILE I 2 -16.11 -2.23 50.09
N GLN I 3 -17.38 -2.04 50.41
CA GLN I 3 -18.17 -3.25 50.75
C GLN I 3 -18.63 -3.92 49.47
N MET I 4 -18.18 -5.16 49.26
CA MET I 4 -18.62 -5.93 48.08
C MET I 4 -19.80 -6.77 48.52
N THR I 5 -21.00 -6.42 48.05
CA THR I 5 -22.22 -7.15 48.47
C THR I 5 -22.83 -7.83 47.24
N GLN I 6 -22.97 -9.16 47.28
CA GLN I 6 -23.51 -9.84 46.13
C GLN I 6 -24.93 -10.29 46.44
N SER I 7 -25.78 -10.32 45.41
CA SER I 7 -27.18 -10.67 45.59
C SER I 7 -27.77 -11.21 44.30
N PRO I 8 -28.61 -12.27 44.36
CA PRO I 8 -28.92 -13.08 45.54
C PRO I 8 -27.89 -14.19 45.77
N SER I 9 -27.92 -14.80 46.96
CA SER I 9 -26.87 -15.74 47.33
C SER I 9 -27.02 -17.08 46.59
N SER I 10 -28.25 -17.57 46.47
CA SER I 10 -28.49 -18.89 45.89
C SER I 10 -29.32 -18.74 44.61
N LEU I 11 -28.86 -19.38 43.54
CA LEU I 11 -29.55 -19.38 42.26
C LEU I 11 -29.78 -20.80 41.80
N SER I 12 -30.94 -21.05 41.21
CA SER I 12 -31.26 -22.33 40.58
C SER I 12 -31.83 -22.05 39.20
N ALA I 13 -31.28 -22.70 38.18
CA ALA I 13 -31.72 -22.48 36.81
C ALA I 13 -31.49 -23.75 36.00
N SER I 14 -32.22 -23.85 34.89
CA SER I 14 -32.13 -25.00 34.01
C SER I 14 -30.97 -24.82 33.03
N VAL I 15 -30.68 -25.89 32.29
CA VAL I 15 -29.60 -25.87 31.32
C VAL I 15 -30.01 -25.08 30.10
N GLY I 16 -29.17 -24.10 29.71
CA GLY I 16 -29.47 -23.27 28.57
C GLY I 16 -30.15 -21.96 28.89
N ASP I 17 -30.35 -21.65 30.17
CA ASP I 17 -30.98 -20.40 30.57
C ASP I 17 -29.90 -19.37 30.92
N ARG I 18 -30.15 -18.12 30.52
CA ARG I 18 -29.21 -17.05 30.81
C ARG I 18 -29.23 -16.71 32.29
N VAL I 19 -28.04 -16.60 32.88
CA VAL I 19 -27.87 -16.28 34.29
C VAL I 19 -27.36 -14.85 34.37
N THR I 20 -28.19 -13.94 34.89
CA THR I 20 -27.81 -12.57 35.12
C THR I 20 -27.45 -12.43 36.60
N ILE I 21 -26.21 -12.04 36.86
CA ILE I 21 -25.66 -12.02 38.22
C ILE I 21 -25.06 -10.64 38.47
N THR I 22 -25.20 -10.16 39.72
CA THR I 22 -24.88 -8.79 40.08
C THR I 22 -23.83 -8.77 41.17
N CYS I 23 -22.83 -7.91 41.01
CA CYS I 23 -21.84 -7.63 42.04
C CYS I 23 -21.91 -6.14 42.36
N ARG I 24 -22.08 -5.81 43.64
CA ARG I 24 -22.33 -4.45 44.09
C ARG I 24 -21.16 -3.94 44.92
N ALA I 25 -20.67 -2.76 44.57
CA ALA I 25 -19.59 -2.10 45.30
C ALA I 25 -20.10 -0.77 45.87
N SER I 26 -19.61 -0.43 47.07
CA SER I 26 -20.06 0.81 47.71
C SER I 26 -19.42 2.05 47.08
N GLN I 27 -18.11 2.03 46.92
CA GLN I 27 -17.43 3.27 46.49
C GLN I 27 -17.56 3.44 44.98
N GLY I 28 -17.11 4.58 44.47
CA GLY I 28 -17.13 4.77 43.01
C GLY I 28 -15.92 4.10 42.39
N ILE I 29 -15.84 2.77 42.51
CA ILE I 29 -14.64 2.04 42.01
C ILE I 29 -14.60 2.22 40.49
N THR I 30 -13.40 2.40 39.93
CA THR I 30 -13.33 2.71 38.49
C THR I 30 -12.65 1.58 37.72
N ASN I 31 -13.41 0.85 36.91
CA ASN I 31 -12.80 -0.12 35.98
C ASN I 31 -11.89 -1.15 36.66
N ASP I 32 -12.24 -1.68 37.83
CA ASP I 32 -11.31 -2.64 38.45
C ASP I 32 -12.06 -3.83 39.04
N LEU I 33 -12.42 -4.83 38.21
CA LEU I 33 -13.11 -6.01 38.82
C LEU I 33 -12.68 -7.32 38.20
N ARG I 34 -12.20 -8.24 39.01
CA ARG I 34 -11.87 -9.58 38.55
C ARG I 34 -12.97 -10.54 38.98
N TRP I 35 -13.41 -11.42 38.08
CA TRP I 35 -14.43 -12.41 38.40
C TRP I 35 -13.76 -13.76 38.57
N TYR I 36 -14.06 -14.45 39.68
CA TYR I 36 -13.45 -15.73 39.99
C TYR I 36 -14.53 -16.80 40.06
N GLN I 37 -14.26 -17.93 39.40
CA GLN I 37 -15.10 -19.12 39.47
C GLN I 37 -14.28 -20.25 40.10
N GLN I 38 -14.82 -20.87 41.15
CA GLN I 38 -14.21 -22.07 41.72
C GLN I 38 -15.20 -23.20 41.68
N LYS I 39 -14.73 -24.39 41.33
CA LYS I 39 -15.50 -25.59 41.58
C LYS I 39 -15.37 -25.96 43.06
N PRO I 40 -16.35 -26.66 43.63
CA PRO I 40 -16.22 -27.09 45.04
C PRO I 40 -15.08 -28.09 45.22
N GLY I 41 -14.23 -27.79 46.19
CA GLY I 41 -13.01 -28.56 46.39
C GLY I 41 -12.00 -28.40 45.26
N LYS I 42 -11.84 -27.18 44.77
CA LYS I 42 -10.95 -26.98 43.61
C LYS I 42 -10.47 -25.53 43.58
N ALA I 43 -9.26 -25.30 43.09
CA ALA I 43 -8.63 -23.99 43.05
C ALA I 43 -9.43 -23.05 42.16
N PRO I 44 -9.63 -21.79 42.56
CA PRO I 44 -10.35 -20.85 41.70
C PRO I 44 -9.53 -20.45 40.49
N GLN I 45 -10.27 -20.00 39.48
CA GLN I 45 -9.68 -19.59 38.19
C GLN I 45 -10.43 -18.32 37.76
N CYS I 46 -9.78 -17.37 37.12
CA CYS I 46 -10.38 -16.10 36.76
C CYS I 46 -11.10 -16.23 35.42
N LEU I 47 -12.22 -15.50 35.29
CA LEU I 47 -12.98 -15.47 34.05
C LEU I 47 -12.91 -14.11 33.37
N ILE I 48 -13.51 -13.16 34.07
CA ILE I 48 -13.55 -11.80 33.52
C ILE I 48 -12.56 -10.97 34.33
N SER I 49 -11.54 -10.43 33.68
CA SER I 49 -10.63 -9.49 34.36
C SER I 49 -10.83 -8.13 33.70
N SER I 50 -10.88 -7.06 34.48
CA SER I 50 -11.07 -5.68 33.98
C SER I 50 -12.56 -5.44 33.76
N ALA I 51 -13.39 -6.48 33.95
CA ALA I 51 -14.86 -6.38 33.86
C ALA I 51 -15.34 -6.40 32.41
N SER I 52 -14.43 -6.44 31.45
CA SER I 52 -14.86 -6.57 30.04
C SER I 52 -13.93 -7.49 29.27
N ARG I 53 -13.19 -8.38 29.95
CA ARG I 53 -12.17 -9.20 29.27
C ARG I 53 -12.23 -10.66 29.69
N LEU I 54 -11.48 -11.53 29.01
CA LEU I 54 -11.59 -12.98 29.25
C LEU I 54 -10.21 -13.63 29.23
N GLN I 55 -9.82 -14.33 30.29
CA GLN I 55 -8.45 -14.88 30.24
C GLN I 55 -8.39 -15.70 28.97
N SER I 56 -7.32 -15.56 28.20
CA SER I 56 -7.17 -16.39 26.98
C SER I 56 -7.35 -17.85 27.39
N GLY I 57 -8.27 -18.56 26.75
CA GLY I 57 -8.56 -19.96 27.14
C GLY I 57 -9.91 -20.07 27.81
N VAL I 58 -10.37 -18.99 28.44
CA VAL I 58 -11.71 -19.05 29.01
C VAL I 58 -12.70 -18.99 27.85
N SER I 59 -13.76 -19.81 27.91
CA SER I 59 -14.75 -19.88 26.84
C SER I 59 -15.48 -18.55 26.69
N SER I 60 -15.87 -18.24 25.45
CA SER I 60 -16.44 -16.94 25.12
C SER I 60 -17.88 -16.77 25.60
N ARG I 61 -18.49 -17.83 26.13
CA ARG I 61 -19.85 -17.71 26.65
C ARG I 61 -19.91 -16.88 27.91
N PHE I 62 -18.81 -16.81 28.67
CA PHE I 62 -18.73 -15.89 29.80
C PHE I 62 -18.54 -14.46 29.30
N SER I 63 -19.38 -13.55 29.79
CA SER I 63 -19.32 -12.16 29.37
C SER I 63 -19.68 -11.26 30.55
N GLY I 64 -18.81 -10.30 30.82
CA GLY I 64 -19.02 -9.38 31.93
C GLY I 64 -19.17 -7.96 31.45
N SER I 65 -19.88 -7.16 32.22
CA SER I 65 -20.11 -5.75 31.88
C SER I 65 -20.26 -4.97 33.18
N GLY I 66 -20.78 -3.75 33.06
CA GLY I 66 -21.01 -2.91 34.22
C GLY I 66 -19.86 -1.96 34.48
N SER I 67 -20.18 -0.81 35.07
CA SER I 67 -19.20 0.19 35.42
C SER I 67 -19.70 0.97 36.63
N GLY I 68 -18.77 1.61 37.33
CA GLY I 68 -19.16 2.36 38.51
C GLY I 68 -19.43 1.43 39.69
N THR I 69 -20.52 1.71 40.40
CA THR I 69 -20.92 0.87 41.52
C THR I 69 -21.70 -0.37 41.09
N GLU I 70 -22.15 -0.44 39.83
CA GLU I 70 -22.94 -1.55 39.33
C GLU I 70 -22.10 -2.41 38.40
N PHE I 71 -22.11 -3.71 38.64
CA PHE I 71 -21.30 -4.67 37.90
C PHE I 71 -22.10 -5.93 37.61
N THR I 72 -22.10 -6.36 36.35
CA THR I 72 -22.88 -7.51 35.92
C THR I 72 -22.00 -8.50 35.14
N LEU I 73 -22.23 -9.78 35.36
CA LEU I 73 -21.68 -10.85 34.53
C LEU I 73 -22.83 -11.63 33.92
N THR I 74 -22.74 -11.92 32.62
CA THR I 74 -23.77 -12.67 31.91
C THR I 74 -23.22 -14.00 31.43
N ILE I 75 -24.02 -15.05 31.58
CA ILE I 75 -23.69 -16.37 31.04
C ILE I 75 -24.73 -16.68 29.96
N SER I 76 -24.25 -16.93 28.74
CA SER I 76 -25.16 -17.12 27.62
C SER I 76 -25.86 -18.48 27.68
N SER I 77 -25.12 -19.52 28.03
CA SER I 77 -25.67 -20.87 28.06
C SER I 77 -25.04 -21.64 29.20
N LEU I 78 -25.88 -22.22 30.05
CA LEU I 78 -25.39 -23.02 31.17
C LEU I 78 -24.91 -24.38 30.70
N GLN I 79 -23.98 -24.96 31.46
CA GLN I 79 -23.37 -26.23 31.16
C GLN I 79 -23.44 -27.15 32.37
N PRO I 80 -23.40 -28.46 32.18
CA PRO I 80 -23.26 -29.37 33.32
C PRO I 80 -21.95 -29.22 34.08
N GLU I 81 -20.89 -28.72 33.43
CA GLU I 81 -19.62 -28.46 34.08
C GLU I 81 -19.55 -27.07 34.69
N ASP I 82 -20.64 -26.29 34.62
CA ASP I 82 -20.68 -24.94 35.16
C ASP I 82 -21.21 -24.88 36.58
N PHE I 83 -21.43 -26.02 37.22
CA PHE I 83 -21.89 -26.07 38.61
C PHE I 83 -20.74 -25.61 39.50
N ALA I 84 -20.78 -24.35 39.91
CA ALA I 84 -19.64 -23.72 40.55
C ALA I 84 -20.13 -22.53 41.37
N THR I 85 -19.18 -21.72 41.85
CA THR I 85 -19.46 -20.56 42.66
C THR I 85 -18.71 -19.35 42.11
N TYR I 86 -19.41 -18.24 41.94
CA TYR I 86 -18.87 -17.07 41.25
C TYR I 86 -18.65 -15.91 42.22
N TYR I 87 -17.44 -15.35 42.15
CA TYR I 87 -16.96 -14.32 43.07
C TYR I 87 -16.47 -13.11 42.28
N CYS I 88 -16.46 -11.95 42.93
CA CYS I 88 -15.93 -10.73 42.34
C CYS I 88 -14.93 -10.08 43.27
N LEU I 89 -13.76 -9.72 42.74
CA LEU I 89 -12.68 -9.09 43.48
C LEU I 89 -12.45 -7.67 42.99
N GLN I 90 -12.18 -6.77 43.93
CA GLN I 90 -11.82 -5.39 43.63
C GLN I 90 -10.35 -5.17 43.92
N HIS I 91 -9.71 -4.41 43.02
CA HIS I 91 -8.26 -4.15 43.16
C HIS I 91 -7.90 -2.66 42.96
N ASN I 92 -8.88 -1.75 43.10
CA ASN I 92 -8.64 -0.32 42.79
C ASN I 92 -7.75 0.29 43.87
N SER I 93 -8.10 0.06 45.11
CA SER I 93 -7.37 0.63 46.23
C SER I 93 -6.21 -0.28 46.61
N TYR I 94 -5.61 0.00 47.79
CA TYR I 94 -4.57 -0.88 48.31
C TYR I 94 -5.17 -2.12 48.97
N GLN I 95 -6.49 -2.10 49.13
CA GLN I 95 -7.18 -3.21 49.83
C GLN I 95 -7.96 -4.07 48.83
N TRP I 96 -8.00 -5.38 49.04
CA TRP I 96 -8.75 -6.32 48.22
C TRP I 96 -9.81 -7.00 49.08
N THR I 97 -11.06 -6.97 48.61
CA THR I 97 -12.17 -7.58 49.34
C THR I 97 -12.99 -8.46 48.40
N PHE I 98 -13.43 -9.60 48.90
CA PHE I 98 -14.30 -10.50 48.17
C PHE I 98 -15.77 -10.20 48.49
N GLY I 99 -16.66 -10.90 47.78
CA GLY I 99 -18.08 -10.87 48.08
C GLY I 99 -18.49 -12.01 49.00
N GLN I 100 -19.77 -11.99 49.38
CA GLN I 100 -20.29 -13.04 50.27
C GLN I 100 -20.41 -14.39 49.57
N GLY I 101 -20.92 -14.41 48.35
CA GLY I 101 -21.01 -15.68 47.67
C GLY I 101 -22.28 -15.81 46.83
N THR I 102 -22.10 -16.29 45.60
CA THR I 102 -23.20 -16.54 44.68
C THR I 102 -23.02 -17.91 44.03
N LYS I 103 -24.01 -18.77 44.22
CA LYS I 103 -23.94 -20.15 43.76
C LYS I 103 -25.02 -20.42 42.72
N VAL I 104 -24.63 -21.07 41.62
CA VAL I 104 -25.56 -21.53 40.60
C VAL I 104 -25.79 -23.01 40.81
N GLU I 105 -26.97 -23.49 40.42
CA GLU I 105 -27.32 -24.90 40.56
C GLU I 105 -27.94 -25.43 39.28
C1 NAG J . -24.71 10.58 9.04
C2 NAG J . -24.39 10.16 7.62
C3 NAG J . -25.64 10.27 6.77
C4 NAG J . -26.73 9.45 7.41
C5 NAG J . -26.98 9.99 8.82
C6 NAG J . -28.08 9.23 9.54
C7 NAG J . -22.17 10.60 6.72
C8 NAG J . -21.81 10.82 5.28
N2 NAG J . -23.36 11.04 7.08
O3 NAG J . -25.34 9.78 5.47
O4 NAG J . -27.95 9.56 6.67
O5 NAG J . -25.79 9.82 9.56
O6 NAG J . -28.25 9.79 10.85
O7 NAG J . -21.42 10.04 7.50
C1 NAG J . -28.22 8.32 6.02
C2 NAG J . -28.79 8.62 4.63
C3 NAG J . -29.05 7.33 3.90
C4 NAG J . -27.76 6.51 3.84
C5 NAG J . -27.23 6.27 5.24
C6 NAG J . -25.89 5.57 5.19
C7 NAG J . -29.98 10.73 4.61
C8 NAG J . -30.75 11.50 5.63
N2 NAG J . -29.99 9.40 4.75
O3 NAG J . -29.49 7.62 2.57
O4 NAG J . -28.03 5.25 3.21
O5 NAG J . -27.06 7.51 5.92
O6 NAG J . -24.89 6.48 4.71
O7 NAG J . -29.37 11.27 3.71
C1 NAG K . -11.22 -19.86 -12.26
C2 NAG K . -11.63 -21.28 -12.62
C3 NAG K . -13.10 -21.31 -13.06
C4 NAG K . -14.00 -20.65 -12.03
C5 NAG K . -13.48 -19.26 -11.68
C6 NAG K . -14.24 -18.61 -10.54
C7 NAG K . -10.01 -22.91 -13.47
C8 NAG K . -9.19 -23.35 -14.65
N2 NAG K . -10.77 -21.83 -13.66
O3 NAG K . -13.48 -22.67 -13.27
O4 NAG K . -15.31 -20.52 -12.56
O5 NAG K . -12.11 -19.34 -11.26
O6 NAG K . -13.74 -17.31 -10.27
O7 NAG K . -9.99 -23.52 -12.41
C1 NAG K . -16.24 -21.41 -11.91
C2 NAG K . -17.66 -20.90 -12.15
C3 NAG K . -18.69 -21.86 -11.54
C4 NAG K . -18.47 -23.28 -12.04
C5 NAG K . -17.02 -23.70 -11.80
C6 NAG K . -16.70 -25.06 -12.38
C7 NAG K . -17.86 -18.47 -12.39
C8 NAG K . -18.04 -17.16 -11.66
N2 NAG K . -17.83 -19.56 -11.63
O3 NAG K . -20.00 -21.42 -11.86
O4 NAG K . -19.34 -24.18 -11.37
O5 NAG K . -16.12 -22.76 -12.42
O6 NAG K . -15.38 -25.47 -12.04
O7 NAG K . -17.75 -18.52 -13.61
C1 NAG L . -16.87 39.82 19.47
C2 NAG L . -17.44 40.93 18.58
C3 NAG L . -17.17 42.23 19.33
C4 NAG L . -17.89 42.13 20.67
C5 NAG L . -17.47 40.91 21.49
C6 NAG L . -18.42 40.72 22.66
C7 NAG L . -15.76 40.84 16.71
C8 NAG L . -15.07 42.12 16.32
N2 NAG L . -16.99 40.96 17.19
O3 NAG L . -17.70 43.34 18.59
O4 NAG L . -17.89 43.39 21.43
O5 NAG L . -17.59 39.73 20.69
O6 NAG L . -19.73 40.43 22.16
O7 NAG L . -15.21 39.75 16.55
C1 NAG L . -19.20 43.93 21.83
C2 NAG L . -19.21 45.47 21.96
C3 NAG L . -20.61 45.97 22.32
C4 NAG L . -21.68 45.33 21.45
C5 NAG L . -21.55 43.82 21.52
C6 NAG L . -22.63 43.13 20.68
C7 NAG L . -17.87 45.44 24.05
C8 NAG L . -18.57 45.84 25.32
N2 NAG L . -18.28 46.05 22.93
O3 NAG L . -20.65 47.40 22.17
O4 NAG L . -22.97 45.73 21.93
O5 NAG L . -20.27 43.47 21.00
O6 NAG L . -22.37 43.40 19.29
O7 NAG L . -16.96 44.62 24.06
C1 NAG M . 14.70 24.05 -3.02
C2 NAG M . 15.06 22.74 -3.73
C3 NAG M . 16.20 22.98 -4.68
C4 NAG M . 15.87 24.12 -5.62
C5 NAG M . 15.51 25.35 -4.80
C6 NAG M . 15.14 26.54 -5.68
C7 NAG M . 14.77 20.67 -2.50
C8 NAG M . 15.56 19.38 -2.53
N2 NAG M . 15.47 21.77 -2.74
O3 NAG M . 16.42 21.77 -5.42
O4 NAG M . 17.03 24.47 -6.40
O5 NAG M . 14.39 25.04 -4.00
O6 NAG M . 14.88 27.68 -4.85
O7 NAG M . 13.58 20.69 -2.26
C1 NAG M . 16.85 24.09 -7.77
C2 NAG M . 18.21 23.66 -8.31
C3 NAG M . 18.10 23.09 -9.70
C4 NAG M . 17.06 21.97 -9.71
C5 NAG M . 15.74 22.51 -9.21
C6 NAG M . 14.70 21.41 -9.16
C7 NAG M . 19.98 25.07 -7.35
C8 NAG M . 21.09 26.01 -7.70
N2 NAG M . 19.11 24.79 -8.33
O3 NAG M . 19.37 22.57 -10.11
O4 NAG M . 16.92 21.46 -11.04
O5 NAG M . 15.88 23.04 -7.90
O6 NAG M . 15.03 20.51 -8.10
O7 NAG M . 19.88 24.58 -6.23
C1 NAG N . -1.35 -4.23 -25.50
C2 NAG N . -1.93 -4.39 -26.90
C3 NAG N . -0.98 -3.78 -27.94
C4 NAG N . -0.63 -2.33 -27.58
C5 NAG N . -0.13 -2.25 -26.13
C6 NAG N . 0.08 -0.82 -25.66
C7 NAG N . -3.39 -6.27 -27.49
C8 NAG N . -3.46 -7.74 -27.78
N2 NAG N . -2.17 -5.79 -27.20
O3 NAG N . -1.60 -3.83 -29.22
O4 NAG N . 0.40 -1.86 -28.44
O5 NAG N . -1.09 -2.84 -25.24
O6 NAG N . 0.58 -0.79 -24.34
O7 NAG N . -4.38 -5.56 -27.50
C1 NAG N . -0.09 -0.88 -29.37
C2 NAG N . 1.10 -0.07 -29.91
C3 NAG N . 0.63 0.94 -30.94
C4 NAG N . -0.19 0.26 -32.04
C5 NAG N . -1.33 -0.54 -31.43
C6 NAG N . -2.10 -1.36 -32.44
C7 NAG N . 2.98 0.16 -28.34
C8 NAG N . 3.57 0.97 -27.24
N2 NAG N . 1.80 0.59 -28.82
O3 NAG N . 1.75 1.60 -31.51
O4 NAG N . -0.72 1.23 -32.93
O5 NAG N . -0.81 -1.48 -30.47
O6 NAG N . -3.23 -2.00 -31.86
O7 NAG N . 3.53 -0.84 -28.80
C1 NAG O . 25.06 30.16 26.66
C2 NAG O . 26.57 29.92 26.59
C3 NAG O . 27.29 30.88 27.55
C4 NAG O . 26.87 32.32 27.31
C5 NAG O . 25.35 32.45 27.33
C6 NAG O . 24.86 33.82 26.93
C7 NAG O . 27.18 27.63 25.98
C8 NAG O . 27.50 26.25 26.47
N2 NAG O . 26.89 28.54 26.90
O3 NAG O . 28.70 30.74 27.39
O4 NAG O . 27.42 33.14 28.35
O5 NAG O . 24.77 31.52 26.38
O6 NAG O . 25.66 34.39 25.91
O7 NAG O . 27.18 27.90 24.77
C1 NAG O . 28.37 34.12 27.83
C2 NAG O . 29.17 34.69 29.00
C3 NAG O . 30.18 35.73 28.48
C4 NAG O . 31.04 35.13 27.37
C5 NAG O . 30.17 34.53 26.27
C6 NAG O . 30.97 33.81 25.21
C7 NAG O . 28.12 34.75 31.21
C8 NAG O . 27.17 35.49 32.12
N2 NAG O . 28.30 35.29 30.00
O3 NAG O . 30.99 36.17 29.56
O4 NAG O . 31.87 36.15 26.81
O5 NAG O . 29.27 33.56 26.84
O6 NAG O . 31.54 32.61 25.71
O7 NAG O . 28.67 33.72 31.56
C1 NAG P . 10.66 -9.07 24.62
C2 NAG P . 9.95 -9.99 23.63
C3 NAG P . 10.12 -11.43 24.04
C4 NAG P . 11.60 -11.73 24.26
C5 NAG P . 12.10 -10.79 25.33
C6 NAG P . 13.56 -11.06 25.69
C7 NAG P . 8.00 -8.94 22.66
C8 NAG P . 7.44 -9.63 21.46
N2 NAG P . 8.54 -9.72 23.58
O3 NAG P . 9.59 -12.25 23.00
O4 NAG P . 11.77 -13.06 24.72
O5 NAG P . 12.00 -9.47 24.84
O6 NAG P . 13.95 -10.17 26.74
O7 NAG P . 7.96 -7.74 22.80
C1 NAG P . 12.35 -13.87 23.67
C2 NAG P . 11.70 -15.24 23.76
C3 NAG P . 12.23 -16.13 22.64
C4 NAG P . 11.97 -15.44 21.30
C5 NAG P . 12.62 -14.07 21.30
C6 NAG P . 12.30 -13.32 20.01
C7 NAG P . 11.05 -15.77 26.03
C8 NAG P . 10.08 -16.92 26.06
N2 NAG P . 11.96 -15.83 25.05
O3 NAG P . 11.56 -17.39 22.67
O4 NAG P . 12.51 -16.23 20.25
O5 NAG P . 12.14 -13.28 22.39
O6 NAG P . 10.94 -12.89 20.04
O7 NAG P . 11.00 -14.86 26.83
C1 NAG Q . 11.40 -18.77 -13.71
C2 NAG Q . 12.33 -19.47 -14.70
C3 NAG Q . 12.83 -20.79 -14.11
C4 NAG Q . 13.45 -20.58 -12.73
C5 NAG Q . 12.49 -19.81 -11.83
C6 NAG Q . 13.10 -19.42 -10.49
C7 NAG Q . 12.09 -19.17 -17.12
C8 NAG Q . 11.27 -19.51 -18.33
N2 NAG Q . 11.67 -19.69 -15.97
O3 NAG Q . 13.79 -21.36 -15.00
O4 NAG Q . 13.72 -21.85 -12.13
O5 NAG Q . 12.09 -18.58 -12.46
O6 NAG Q . 12.17 -18.75 -9.67
O7 NAG Q . 13.08 -18.45 -17.19
C1 NAG Q . 15.14 -22.11 -12.07
C2 NAG Q . 15.37 -23.20 -11.01
C3 NAG Q . 16.86 -23.55 -10.94
C4 NAG Q . 17.38 -23.93 -12.33
C5 NAG Q . 17.08 -22.81 -13.33
C6 NAG Q . 17.46 -23.17 -14.75
C7 NAG Q . 13.77 -23.22 -9.16
C8 NAG Q . 13.43 -22.67 -7.80
N2 NAG Q . 14.90 -22.76 -9.71
O3 NAG Q . 17.05 -24.63 -10.05
O4 NAG Q . 18.80 -24.13 -12.28
O5 NAG Q . 15.66 -22.53 -13.33
O6 NAG Q . 17.25 -22.07 -15.63
O7 NAG Q . 13.04 -24.03 -9.73
C1 NAG R . -6.20 7.21 46.42
C2 NAG R . -7.07 6.15 47.09
C3 NAG R . -7.29 6.50 48.56
C4 NAG R . -5.97 6.77 49.28
C5 NAG R . -5.13 7.78 48.50
C6 NAG R . -3.74 7.96 49.06
C7 NAG R . -8.60 5.02 45.54
C8 NAG R . -9.98 5.03 44.93
N2 NAG R . -8.35 6.02 46.40
O3 NAG R . -8.00 5.45 49.21
O4 NAG R . -6.24 7.28 50.58
O5 NAG R . -4.96 7.34 47.14
O6 NAG R . -3.21 6.73 49.54
O7 NAG R . -7.79 4.16 45.28
C1 NAG R . -5.76 6.39 51.63
C2 NAG R . -6.40 6.81 52.96
C3 NAG R . -5.92 5.89 54.08
C4 NAG R . -6.16 4.43 53.73
C5 NAG R . -5.55 4.10 52.37
C6 NAG R . -5.87 2.69 51.90
C7 NAG R . -7.01 9.17 53.25
C8 NAG R . -6.53 10.54 53.59
N2 NAG R . -6.09 8.19 53.27
O3 NAG R . -6.60 6.22 55.29
O4 NAG R . -5.58 3.58 54.72
O5 NAG R . -6.07 5.00 51.36
O6 NAG R . -7.24 2.56 51.54
O7 NAG R . -8.18 8.95 52.96
C1 NAG S . -1.59 -4.33 -51.48
C2 NAG S . -0.81 -5.62 -51.76
C3 NAG S . -0.62 -5.81 -53.25
C4 NAG S . -1.97 -5.85 -53.92
C5 NAG S . -2.71 -4.56 -53.58
C6 NAG S . -4.07 -4.50 -54.27
C7 NAG S . 1.05 -6.39 -50.31
C8 NAG S . 2.40 -6.02 -49.78
N2 NAG S . 0.52 -5.54 -51.19
O3 NAG S . 0.07 -7.04 -53.49
O4 NAG S . -1.79 -6.00 -55.34
O5 NAG S . -2.85 -4.40 -52.16
O6 NAG S . -5.09 -4.23 -53.31
O7 NAG S . 0.48 -7.39 -49.93
C1 NAG T . 25.54 -39.01 -23.53
C2 NAG T . 24.37 -39.44 -24.42
C3 NAG T . 24.75 -40.70 -25.20
C4 NAG T . 26.02 -40.47 -25.99
C5 NAG T . 27.13 -40.02 -25.05
C6 NAG T . 28.44 -39.64 -25.74
C7 NAG T . 21.94 -39.63 -23.96
C8 NAG T . 20.93 -39.93 -22.90
N2 NAG T . 23.22 -39.74 -23.58
O3 NAG T . 23.71 -41.10 -26.10
O4 NAG T . 26.39 -41.70 -26.66
O5 NAG T . 26.70 -38.87 -24.34
O6 NAG T . 28.43 -38.24 -26.00
O7 NAG T . 21.59 -39.30 -25.07
C1 NAG U . -26.19 -39.12 -21.11
C2 NAG U . -25.58 -40.06 -22.15
C3 NAG U . -26.69 -41.03 -22.57
C4 NAG U . -27.21 -41.77 -21.34
C5 NAG U . -27.75 -40.76 -20.34
C6 NAG U . -28.25 -41.41 -19.07
C7 NAG U . -25.35 -38.39 -24.02
C8 NAG U . -26.56 -38.50 -24.90
N2 NAG U . -24.96 -39.48 -23.33
O3 NAG U . -26.23 -41.95 -23.56
O4 NAG U . -28.25 -42.68 -21.77
O5 NAG U . -26.69 -39.87 -20.00
O6 NAG U . -29.40 -42.24 -19.33
O7 NAG U . -24.71 -37.36 -23.97
#